data_8ARD
# 
_entry.id   8ARD 
# 
_audit_conform.dict_name       mmcif_pdbx.dic 
_audit_conform.dict_version    5.388 
_audit_conform.dict_location   http://mmcif.pdb.org/dictionaries/ascii/mmcif_pdbx.dic 
# 
loop_
_database_2.database_id 
_database_2.database_code 
_database_2.pdbx_database_accession 
_database_2.pdbx_DOI 
PDB   8ARD         pdb_00008ard 10.2210/pdb8ard/pdb 
WWPDB D_1292124885 ?            ?                   
# 
loop_
_pdbx_audit_revision_history.ordinal 
_pdbx_audit_revision_history.data_content_type 
_pdbx_audit_revision_history.major_revision 
_pdbx_audit_revision_history.minor_revision 
_pdbx_audit_revision_history.revision_date 
1 'Structure model' 1 0 2023-08-30 
2 'Structure model' 1 1 2024-03-13 
# 
_pdbx_audit_revision_details.ordinal             1 
_pdbx_audit_revision_details.revision_ordinal    1 
_pdbx_audit_revision_details.data_content_type   'Structure model' 
_pdbx_audit_revision_details.provider            repository 
_pdbx_audit_revision_details.type                'Initial release' 
_pdbx_audit_revision_details.description         ? 
_pdbx_audit_revision_details.details             ? 
# 
_pdbx_audit_revision_group.ordinal             1 
_pdbx_audit_revision_group.revision_ordinal    2 
_pdbx_audit_revision_group.data_content_type   'Structure model' 
_pdbx_audit_revision_group.group               'Database references' 
# 
loop_
_pdbx_audit_revision_category.ordinal 
_pdbx_audit_revision_category.revision_ordinal 
_pdbx_audit_revision_category.data_content_type 
_pdbx_audit_revision_category.category 
1 2 'Structure model' citation        
2 2 'Structure model' citation_author 
# 
loop_
_pdbx_audit_revision_item.ordinal 
_pdbx_audit_revision_item.revision_ordinal 
_pdbx_audit_revision_item.data_content_type 
_pdbx_audit_revision_item.item 
1  2 'Structure model' '_citation.country'                 
2  2 'Structure model' '_citation.journal_abbrev'          
3  2 'Structure model' '_citation.journal_id_CSD'          
4  2 'Structure model' '_citation.journal_id_ISSN'         
5  2 'Structure model' '_citation.journal_volume'          
6  2 'Structure model' '_citation.page_first'              
7  2 'Structure model' '_citation.page_last'               
8  2 'Structure model' '_citation.pdbx_database_id_DOI'    
9  2 'Structure model' '_citation.pdbx_database_id_PubMed' 
10 2 'Structure model' '_citation.title'                   
11 2 'Structure model' '_citation.year'                    
# 
_pdbx_database_status.status_code                     REL 
_pdbx_database_status.status_code_sf                  REL 
_pdbx_database_status.status_code_mr                  ? 
_pdbx_database_status.entry_id                        8ARD 
_pdbx_database_status.recvd_initial_deposition_date   2022-08-16 
_pdbx_database_status.SG_entry                        N 
_pdbx_database_status.deposit_site                    PDBE 
_pdbx_database_status.process_site                    PDBE 
_pdbx_database_status.status_code_cs                  ? 
_pdbx_database_status.status_code_nmr_data            ? 
_pdbx_database_status.methods_development_category    ? 
_pdbx_database_status.pdb_format_compatible           Y 
# 
_pdbx_contact_author.id                 2 
_pdbx_contact_author.email              anne.houdusse@curie.fr 
_pdbx_contact_author.name_first         Anne 
_pdbx_contact_author.name_last          Houdusse 
_pdbx_contact_author.name_mi            ? 
_pdbx_contact_author.role               'principal investigator/group leader' 
_pdbx_contact_author.identifier_ORCID   0000-0002-8566-0336 
# 
loop_
_audit_author.name 
_audit_author.pdbx_ordinal 
_audit_author.identifier_ORCID 
'Kikuti, C.M.' 1 0000-0001-5928-2776 
'Sirkia, H.'   2 0000-0001-6849-886X 
'Houdusse, A.' 3 0000-0002-8566-0336 
# 
_citation.abstract                  ? 
_citation.abstract_id_CAS           ? 
_citation.book_id_ISBN              ? 
_citation.book_publisher            ? 
_citation.book_publisher_city       ? 
_citation.book_title                ? 
_citation.coordinate_linkage        ? 
_citation.country                   UK 
_citation.database_id_Medline       ? 
_citation.details                   ? 
_citation.id                        primary 
_citation.journal_abbrev            'Nat Commun' 
_citation.journal_id_ASTM           ? 
_citation.journal_id_CSD            ? 
_citation.journal_id_ISSN           2041-1723 
_citation.journal_full              ? 
_citation.journal_issue             ? 
_citation.journal_volume            14 
_citation.language                  ? 
_citation.page_first                6732 
_citation.page_last                 6732 
_citation.title                     'How myosin VI traps its off-state, is activated and dimerizes.' 
_citation.year                      2023 
_citation.database_id_CSD           ? 
_citation.pdbx_database_id_DOI      10.1038/s41467-023-42376-2 
_citation.pdbx_database_id_PubMed   37872146 
_citation.pdbx_database_id_patent   ? 
_citation.unpublished_flag          ? 
# 
loop_
_citation_author.citation_id 
_citation_author.name 
_citation_author.ordinal 
_citation_author.identifier_ORCID 
primary 'Canon, L.'               1  ?                   
primary 'Kikuti, C.'              2  0000-0001-5928-2776 
primary 'Planelles-Herrero, V.J.' 3  0000-0002-1665-184X 
primary 'Lin, T.'                 4  ?                   
primary 'Mayeux, F.'              5  ?                   
primary 'Sirkia, H.'              6  ?                   
primary 'Lee, Y.I.'               7  ?                   
primary 'Heidsieck, L.'           8  ?                   
primary 'Velikovsky, L.'          9  ?                   
primary 'David, A.'               10 ?                   
primary 'Liu, X.'                 11 ?                   
primary 'Moussaoui, D.'           12 ?                   
primary 'Forest, E.'              13 ?                   
primary 'Hook, P.'                14 ?                   
primary 'Petersen, K.J.'          15 ?                   
primary 'Morgan, T.E.'            16 ?                   
primary 'Di Cicco, A.'            17 ?                   
primary 'Sires-Campos, J.'        18 0000-0001-7635-6028 
primary 'Derivery, E.'            19 0000-0003-3927-5944 
primary 'Levy, D.'                20 0000-0002-8949-4072 
primary 'Delevoye, C.'            21 0000-0002-3835-6649 
primary 'Sweeney, H.L.'           22 ?                   
primary 'Houdusse, A.'            23 0000-0002-8566-0336 
# 
loop_
_entity.id 
_entity.type 
_entity.src_method 
_entity.pdbx_description 
_entity.formula_weight 
_entity.pdbx_number_of_molecules 
_entity.pdbx_ec 
_entity.pdbx_mutation 
_entity.pdbx_fragment 
_entity.details 
1 polymer man 'Unconventional myosin-VI' 8244.524 1 ? ? ? ? 
2 water   nat water                      18.015   5 ? ? ? ? 
# 
_entity_name_com.entity_id   1 
_entity_name_com.name        'Unconventional myosin-6' 
# 
_entity_poly.entity_id                      1 
_entity_poly.type                           'polypeptide(L)' 
_entity_poly.nstd_linkage                   no 
_entity_poly.nstd_monomer                   no 
_entity_poly.pdbx_seq_one_letter_code       GSMEISIDALMAKIKSTMMTREQIQKEYDALVKSSEDLLSALQKKKQQEEEAERLRRIQEEMEKERKRR 
_entity_poly.pdbx_seq_one_letter_code_can   GSMEISIDALMAKIKSTMMTREQIQKEYDALVKSSEDLLSALQKKKQQEEEAERLRRIQEEMEKERKRR 
_entity_poly.pdbx_strand_id                 A 
_entity_poly.pdbx_target_identifier         ? 
# 
_pdbx_entity_nonpoly.entity_id   2 
_pdbx_entity_nonpoly.name        water 
_pdbx_entity_nonpoly.comp_id     HOH 
# 
loop_
_entity_poly_seq.entity_id 
_entity_poly_seq.num 
_entity_poly_seq.mon_id 
_entity_poly_seq.hetero 
1 1  GLY n 
1 2  SER n 
1 3  MET n 
1 4  GLU n 
1 5  ILE n 
1 6  SER n 
1 7  ILE n 
1 8  ASP n 
1 9  ALA n 
1 10 LEU n 
1 11 MET n 
1 12 ALA n 
1 13 LYS n 
1 14 ILE n 
1 15 LYS n 
1 16 SER n 
1 17 THR n 
1 18 MET n 
1 19 MET n 
1 20 THR n 
1 21 ARG n 
1 22 GLU n 
1 23 GLN n 
1 24 ILE n 
1 25 GLN n 
1 26 LYS n 
1 27 GLU n 
1 28 TYR n 
1 29 ASP n 
1 30 ALA n 
1 31 LEU n 
1 32 VAL n 
1 33 LYS n 
1 34 SER n 
1 35 SER n 
1 36 GLU n 
1 37 ASP n 
1 38 LEU n 
1 39 LEU n 
1 40 SER n 
1 41 ALA n 
1 42 LEU n 
1 43 GLN n 
1 44 LYS n 
1 45 LYS n 
1 46 LYS n 
1 47 GLN n 
1 48 GLN n 
1 49 GLU n 
1 50 GLU n 
1 51 GLU n 
1 52 ALA n 
1 53 GLU n 
1 54 ARG n 
1 55 LEU n 
1 56 ARG n 
1 57 ARG n 
1 58 ILE n 
1 59 GLN n 
1 60 GLU n 
1 61 GLU n 
1 62 MET n 
1 63 GLU n 
1 64 LYS n 
1 65 GLU n 
1 66 ARG n 
1 67 LYS n 
1 68 ARG n 
1 69 ARG n 
# 
_entity_src_gen.entity_id                          1 
_entity_src_gen.pdbx_src_id                        1 
_entity_src_gen.pdbx_alt_source_flag               sample 
_entity_src_gen.pdbx_seq_type                      'Biological sequence' 
_entity_src_gen.pdbx_beg_seq_num                   1 
_entity_src_gen.pdbx_end_seq_num                   69 
_entity_src_gen.gene_src_common_name               'house mouse' 
_entity_src_gen.gene_src_genus                     ? 
_entity_src_gen.pdbx_gene_src_gene                 Myo6 
_entity_src_gen.gene_src_species                   ? 
_entity_src_gen.gene_src_strain                    ? 
_entity_src_gen.gene_src_tissue                    ? 
_entity_src_gen.gene_src_tissue_fraction           ? 
_entity_src_gen.gene_src_details                   ? 
_entity_src_gen.pdbx_gene_src_fragment             ? 
_entity_src_gen.pdbx_gene_src_scientific_name      'Mus musculus' 
_entity_src_gen.pdbx_gene_src_ncbi_taxonomy_id     10090 
_entity_src_gen.pdbx_gene_src_variant              ? 
_entity_src_gen.pdbx_gene_src_cell_line            ? 
_entity_src_gen.pdbx_gene_src_atcc                 ? 
_entity_src_gen.pdbx_gene_src_organ                ? 
_entity_src_gen.pdbx_gene_src_organelle            ? 
_entity_src_gen.pdbx_gene_src_cell                 ? 
_entity_src_gen.pdbx_gene_src_cellular_location    ? 
_entity_src_gen.host_org_common_name               ? 
_entity_src_gen.pdbx_host_org_scientific_name      'Escherichia coli BL21(DE3)' 
_entity_src_gen.pdbx_host_org_ncbi_taxonomy_id     469008 
_entity_src_gen.host_org_genus                     ? 
_entity_src_gen.pdbx_host_org_gene                 ? 
_entity_src_gen.pdbx_host_org_organ                ? 
_entity_src_gen.host_org_species                   ? 
_entity_src_gen.pdbx_host_org_tissue               ? 
_entity_src_gen.pdbx_host_org_tissue_fraction      ? 
_entity_src_gen.pdbx_host_org_strain               ? 
_entity_src_gen.pdbx_host_org_variant              ? 
_entity_src_gen.pdbx_host_org_cell_line            ? 
_entity_src_gen.pdbx_host_org_atcc                 ? 
_entity_src_gen.pdbx_host_org_culture_collection   ? 
_entity_src_gen.pdbx_host_org_cell                 ? 
_entity_src_gen.pdbx_host_org_organelle            ? 
_entity_src_gen.pdbx_host_org_cellular_location    ? 
_entity_src_gen.pdbx_host_org_vector_type          ? 
_entity_src_gen.pdbx_host_org_vector               ? 
_entity_src_gen.host_org_details                   ? 
_entity_src_gen.expression_system_id               ? 
_entity_src_gen.plasmid_name                       ? 
_entity_src_gen.plasmid_details                    ? 
_entity_src_gen.pdbx_description                   ? 
# 
loop_
_chem_comp.id 
_chem_comp.type 
_chem_comp.mon_nstd_flag 
_chem_comp.name 
_chem_comp.pdbx_synonyms 
_chem_comp.formula 
_chem_comp.formula_weight 
ALA 'L-peptide linking' y ALANINE         ? 'C3 H7 N O2'     89.093  
ARG 'L-peptide linking' y ARGININE        ? 'C6 H15 N4 O2 1' 175.209 
ASP 'L-peptide linking' y 'ASPARTIC ACID' ? 'C4 H7 N O4'     133.103 
GLN 'L-peptide linking' y GLUTAMINE       ? 'C5 H10 N2 O3'   146.144 
GLU 'L-peptide linking' y 'GLUTAMIC ACID' ? 'C5 H9 N O4'     147.129 
GLY 'peptide linking'   y GLYCINE         ? 'C2 H5 N O2'     75.067  
HOH non-polymer         . WATER           ? 'H2 O'           18.015  
ILE 'L-peptide linking' y ISOLEUCINE      ? 'C6 H13 N O2'    131.173 
LEU 'L-peptide linking' y LEUCINE         ? 'C6 H13 N O2'    131.173 
LYS 'L-peptide linking' y LYSINE          ? 'C6 H15 N2 O2 1' 147.195 
MET 'L-peptide linking' y METHIONINE      ? 'C5 H11 N O2 S'  149.211 
SER 'L-peptide linking' y SERINE          ? 'C3 H7 N O3'     105.093 
THR 'L-peptide linking' y THREONINE       ? 'C4 H9 N O3'     119.119 
TYR 'L-peptide linking' y TYROSINE        ? 'C9 H11 N O3'    181.189 
VAL 'L-peptide linking' y VALINE          ? 'C5 H11 N O2'    117.146 
# 
loop_
_pdbx_poly_seq_scheme.asym_id 
_pdbx_poly_seq_scheme.entity_id 
_pdbx_poly_seq_scheme.seq_id 
_pdbx_poly_seq_scheme.mon_id 
_pdbx_poly_seq_scheme.ndb_seq_num 
_pdbx_poly_seq_scheme.pdb_seq_num 
_pdbx_poly_seq_scheme.auth_seq_num 
_pdbx_poly_seq_scheme.pdb_mon_id 
_pdbx_poly_seq_scheme.auth_mon_id 
_pdbx_poly_seq_scheme.pdb_strand_id 
_pdbx_poly_seq_scheme.pdb_ins_code 
_pdbx_poly_seq_scheme.hetero 
A 1 1  GLY 1  872 ?   ?   ?   A . n 
A 1 2  SER 2  873 ?   ?   ?   A . n 
A 1 3  MET 3  874 ?   ?   ?   A . n 
A 1 4  GLU 4  875 ?   ?   ?   A . n 
A 1 5  ILE 5  876 876 ILE ILE A . n 
A 1 6  SER 6  877 877 SER SER A . n 
A 1 7  ILE 7  878 878 ILE ILE A . n 
A 1 8  ASP 8  879 879 ASP ASP A . n 
A 1 9  ALA 9  880 880 ALA ALA A . n 
A 1 10 LEU 10 881 881 LEU LEU A . n 
A 1 11 MET 11 882 882 MET MET A . n 
A 1 12 ALA 12 883 883 ALA ALA A . n 
A 1 13 LYS 13 884 884 LYS LYS A . n 
A 1 14 ILE 14 885 885 ILE ILE A . n 
A 1 15 LYS 15 886 886 LYS LYS A . n 
A 1 16 SER 16 887 887 SER SER A . n 
A 1 17 THR 17 888 888 THR THR A . n 
A 1 18 MET 18 889 889 MET MET A . n 
A 1 19 MET 19 890 890 MET MET A . n 
A 1 20 THR 20 891 891 THR THR A . n 
A 1 21 ARG 21 892 892 ARG ARG A . n 
A 1 22 GLU 22 893 893 GLU GLU A . n 
A 1 23 GLN 23 894 894 GLN GLN A . n 
A 1 24 ILE 24 895 895 ILE ILE A . n 
A 1 25 GLN 25 896 896 GLN GLN A . n 
A 1 26 LYS 26 897 897 LYS LYS A . n 
A 1 27 GLU 27 898 898 GLU GLU A . n 
A 1 28 TYR 28 899 899 TYR TYR A . n 
A 1 29 ASP 29 900 900 ASP ASP A . n 
A 1 30 ALA 30 901 901 ALA ALA A . n 
A 1 31 LEU 31 902 902 LEU LEU A . n 
A 1 32 VAL 32 903 903 VAL VAL A . n 
A 1 33 LYS 33 904 904 LYS LYS A . n 
A 1 34 SER 34 905 905 SER SER A . n 
A 1 35 SER 35 906 906 SER SER A . n 
A 1 36 GLU 36 907 907 GLU GLU A . n 
A 1 37 ASP 37 908 908 ASP ASP A . n 
A 1 38 LEU 38 909 909 LEU LEU A . n 
A 1 39 LEU 39 910 910 LEU LEU A . n 
A 1 40 SER 40 911 911 SER SER A . n 
A 1 41 ALA 41 912 912 ALA ALA A . n 
A 1 42 LEU 42 913 913 LEU LEU A . n 
A 1 43 GLN 43 914 914 GLN GLN A . n 
A 1 44 LYS 44 915 915 LYS LYS A . n 
A 1 45 LYS 45 916 916 LYS LYS A . n 
A 1 46 LYS 46 917 917 LYS LYS A . n 
A 1 47 GLN 47 918 918 GLN GLN A . n 
A 1 48 GLN 48 919 919 GLN GLN A . n 
A 1 49 GLU 49 920 920 GLU GLU A . n 
A 1 50 GLU 50 921 921 GLU GLU A . n 
A 1 51 GLU 51 922 922 GLU GLU A . n 
A 1 52 ALA 52 923 923 ALA ALA A . n 
A 1 53 GLU 53 924 924 GLU GLU A . n 
A 1 54 ARG 54 925 925 ARG ARG A . n 
A 1 55 LEU 55 926 926 LEU LEU A . n 
A 1 56 ARG 56 927 927 ARG ARG A . n 
A 1 57 ARG 57 928 928 ARG ARG A . n 
A 1 58 ILE 58 929 929 ILE ILE A . n 
A 1 59 GLN 59 930 930 GLN GLN A . n 
A 1 60 GLU 60 931 931 GLU GLU A . n 
A 1 61 GLU 61 932 932 GLU GLU A . n 
A 1 62 MET 62 933 933 MET MET A . n 
A 1 63 GLU 63 934 934 GLU GLU A . n 
A 1 64 LYS 64 935 935 LYS LYS A . n 
A 1 65 GLU 65 936 936 GLU GLU A . n 
A 1 66 ARG 66 937 937 ARG ARG A . n 
A 1 67 LYS 67 938 ?   ?   ?   A . n 
A 1 68 ARG 68 939 ?   ?   ?   A . n 
A 1 69 ARG 69 940 ?   ?   ?   A . n 
# 
loop_
_pdbx_nonpoly_scheme.asym_id 
_pdbx_nonpoly_scheme.entity_id 
_pdbx_nonpoly_scheme.mon_id 
_pdbx_nonpoly_scheme.ndb_seq_num 
_pdbx_nonpoly_scheme.pdb_seq_num 
_pdbx_nonpoly_scheme.auth_seq_num 
_pdbx_nonpoly_scheme.pdb_mon_id 
_pdbx_nonpoly_scheme.auth_mon_id 
_pdbx_nonpoly_scheme.pdb_strand_id 
_pdbx_nonpoly_scheme.pdb_ins_code 
B 2 HOH 1 1001 1002 HOH HOH A . 
B 2 HOH 2 1002 1003 HOH HOH A . 
B 2 HOH 3 1003 1005 HOH HOH A . 
B 2 HOH 4 1004 1004 HOH HOH A . 
B 2 HOH 5 1005 1001 HOH HOH A . 
# 
loop_
_software.citation_id 
_software.classification 
_software.compiler_name 
_software.compiler_version 
_software.contact_author 
_software.contact_author_email 
_software.date 
_software.description 
_software.dependencies 
_software.hardware 
_software.language 
_software.location 
_software.mods 
_software.name 
_software.os 
_software.os_version 
_software.type 
_software.version 
_software.pdbx_ordinal 
? refinement       ? ? ? ? ? ? ? ? ? ? ? BUSTER    ? ? ? '2.10.4 (8-JUN-2022)' 1 
? 'data reduction' ? ? ? ? ? ? ? ? ? ? ? XDS       ? ? ? 20180409              2 
? 'data scaling'   ? ? ? ? ? ? ? ? ? ? ? STARANISO ? ? ? 1.10.15               3 
? phasing          ? ? ? ? ? ? ? ? ? ? ? PHASER    ? ? ? .                     4 
# 
_cell.angle_alpha                  90 
_cell.angle_alpha_esd              ? 
_cell.angle_beta                   90 
_cell.angle_beta_esd               ? 
_cell.angle_gamma                  120 
_cell.angle_gamma_esd              ? 
_cell.entry_id                     8ARD 
_cell.details                      ? 
_cell.formula_units_Z              ? 
_cell.length_a                     29.387 
_cell.length_a_esd                 ? 
_cell.length_b                     29.387 
_cell.length_b_esd                 ? 
_cell.length_c                     295.649 
_cell.length_c_esd                 ? 
_cell.volume                       ? 
_cell.volume_esd                   ? 
_cell.Z_PDB                        12 
_cell.reciprocal_angle_alpha       ? 
_cell.reciprocal_angle_beta        ? 
_cell.reciprocal_angle_gamma       ? 
_cell.reciprocal_angle_alpha_esd   ? 
_cell.reciprocal_angle_beta_esd    ? 
_cell.reciprocal_angle_gamma_esd   ? 
_cell.reciprocal_length_a          ? 
_cell.reciprocal_length_b          ? 
_cell.reciprocal_length_c          ? 
_cell.reciprocal_length_a_esd      ? 
_cell.reciprocal_length_b_esd      ? 
_cell.reciprocal_length_c_esd      ? 
_cell.pdbx_unique_axis             ? 
_cell.pdbx_esd_method              ? 
# 
_symmetry.entry_id                         8ARD 
_symmetry.cell_setting                     ? 
_symmetry.Int_Tables_number                179 
_symmetry.space_group_name_Hall            ? 
_symmetry.space_group_name_H-M             'P 65 2 2' 
_symmetry.pdbx_full_space_group_name_H-M   ? 
# 
_exptl.absorpt_coefficient_mu     ? 
_exptl.absorpt_correction_T_max   ? 
_exptl.absorpt_correction_T_min   ? 
_exptl.absorpt_correction_type    ? 
_exptl.absorpt_process_details    ? 
_exptl.entry_id                   8ARD 
_exptl.crystals_number            1 
_exptl.details                    ? 
_exptl.method                     'X-RAY DIFFRACTION' 
_exptl.method_details             ? 
# 
_exptl_crystal.colour                       ? 
_exptl_crystal.density_diffrn               ? 
_exptl_crystal.density_Matthews             2.23 
_exptl_crystal.density_method               ? 
_exptl_crystal.density_percent_sol          45.1 
_exptl_crystal.description                  'thin rods' 
_exptl_crystal.F_000                        ? 
_exptl_crystal.id                           1 
_exptl_crystal.preparation                  ? 
_exptl_crystal.size_max                     ? 
_exptl_crystal.size_mid                     ? 
_exptl_crystal.size_min                     ? 
_exptl_crystal.size_rad                     ? 
_exptl_crystal.colour_lustre                ? 
_exptl_crystal.colour_modifier              ? 
_exptl_crystal.colour_primary               ? 
_exptl_crystal.density_meas                 ? 
_exptl_crystal.density_meas_esd             ? 
_exptl_crystal.density_meas_gt              ? 
_exptl_crystal.density_meas_lt              ? 
_exptl_crystal.density_meas_temp            ? 
_exptl_crystal.density_meas_temp_esd        ? 
_exptl_crystal.density_meas_temp_gt         ? 
_exptl_crystal.density_meas_temp_lt         ? 
_exptl_crystal.pdbx_crystal_image_url       ? 
_exptl_crystal.pdbx_crystal_image_format    ? 
_exptl_crystal.pdbx_mosaicity               ? 
_exptl_crystal.pdbx_mosaicity_esd           ? 
_exptl_crystal.pdbx_mosaic_method           ? 
_exptl_crystal.pdbx_mosaic_block_size       ? 
_exptl_crystal.pdbx_mosaic_block_size_esd   ? 
# 
_exptl_crystal_grow.apparatus       ? 
_exptl_crystal_grow.atmosphere      ? 
_exptl_crystal_grow.crystal_id      1 
_exptl_crystal_grow.details         ? 
_exptl_crystal_grow.method          'VAPOR DIFFUSION, HANGING DROP' 
_exptl_crystal_grow.method_ref      ? 
_exptl_crystal_grow.pH              6.0 
_exptl_crystal_grow.pressure        ? 
_exptl_crystal_grow.pressure_esd    ? 
_exptl_crystal_grow.seeding         ? 
_exptl_crystal_grow.seeding_ref     ? 
_exptl_crystal_grow.temp            290 
_exptl_crystal_grow.temp_details    ? 
_exptl_crystal_grow.temp_esd        ? 
_exptl_crystal_grow.time            ? 
_exptl_crystal_grow.pdbx_details    '27% PEG 4000, 10 mM MgCl2, 0.2 M imidazole-malate, pH 6.0' 
_exptl_crystal_grow.pdbx_pH_range   ? 
# 
_diffrn.ambient_environment              ? 
_diffrn.ambient_temp                     100 
_diffrn.ambient_temp_details             ? 
_diffrn.ambient_temp_esd                 ? 
_diffrn.crystal_id                       1 
_diffrn.crystal_support                  ? 
_diffrn.crystal_treatment                ? 
_diffrn.details                          ? 
_diffrn.id                               1 
_diffrn.ambient_pressure                 ? 
_diffrn.ambient_pressure_esd             ? 
_diffrn.ambient_pressure_gt              ? 
_diffrn.ambient_pressure_lt              ? 
_diffrn.ambient_temp_gt                  ? 
_diffrn.ambient_temp_lt                  ? 
_diffrn.pdbx_serial_crystal_experiment   N 
# 
_diffrn_detector.details                      ? 
_diffrn_detector.detector                     PIXEL 
_diffrn_detector.diffrn_id                    1 
_diffrn_detector.type                         'DECTRIS EIGER2 XE 16M' 
_diffrn_detector.area_resol_mean              ? 
_diffrn_detector.dtime                        ? 
_diffrn_detector.pdbx_frames_total            ? 
_diffrn_detector.pdbx_collection_time_total   ? 
_diffrn_detector.pdbx_collection_date         2018-05-27 
_diffrn_detector.pdbx_frequency               ? 
# 
_diffrn_radiation.collimation                      ? 
_diffrn_radiation.diffrn_id                        1 
_diffrn_radiation.filter_edge                      ? 
_diffrn_radiation.inhomogeneity                    ? 
_diffrn_radiation.monochromator                    ? 
_diffrn_radiation.polarisn_norm                    ? 
_diffrn_radiation.polarisn_ratio                   ? 
_diffrn_radiation.probe                            ? 
_diffrn_radiation.type                             ? 
_diffrn_radiation.xray_symbol                      ? 
_diffrn_radiation.wavelength_id                    1 
_diffrn_radiation.pdbx_monochromatic_or_laue_m_l   M 
_diffrn_radiation.pdbx_wavelength_list             ? 
_diffrn_radiation.pdbx_wavelength                  ? 
_diffrn_radiation.pdbx_diffrn_protocol             'SINGLE WAVELENGTH' 
_diffrn_radiation.pdbx_analyzer                    ? 
_diffrn_radiation.pdbx_scattering_type             x-ray 
# 
_diffrn_radiation_wavelength.id           1 
_diffrn_radiation_wavelength.wavelength   0.978570 
_diffrn_radiation_wavelength.wt           1.0 
# 
_diffrn_source.current                     ? 
_diffrn_source.details                     ? 
_diffrn_source.diffrn_id                   1 
_diffrn_source.power                       ? 
_diffrn_source.size                        ? 
_diffrn_source.source                      SYNCHROTRON 
_diffrn_source.target                      ? 
_diffrn_source.type                        'SOLEIL BEAMLINE PROXIMA 1' 
_diffrn_source.voltage                     ? 
_diffrn_source.take-off_angle              ? 
_diffrn_source.pdbx_wavelength_list        0.978570 
_diffrn_source.pdbx_wavelength             ? 
_diffrn_source.pdbx_synchrotron_beamline   'PROXIMA 1' 
_diffrn_source.pdbx_synchrotron_site       SOLEIL 
# 
_reflns.B_iso_Wilson_estimate                          39.2 
_reflns.entry_id                                       8ARD 
_reflns.data_reduction_details                         ? 
_reflns.data_reduction_method                          ? 
_reflns.d_resolution_high                              2.219 
_reflns.d_resolution_low                               49.27 
_reflns.details                                        ? 
_reflns.limit_h_max                                    ? 
_reflns.limit_h_min                                    ? 
_reflns.limit_k_max                                    ? 
_reflns.limit_k_min                                    ? 
_reflns.limit_l_max                                    ? 
_reflns.limit_l_min                                    ? 
_reflns.number_all                                     ? 
_reflns.number_obs                                     2977 
_reflns.observed_criterion                             ? 
_reflns.observed_criterion_F_max                       ? 
_reflns.observed_criterion_F_min                       ? 
_reflns.observed_criterion_I_max                       ? 
_reflns.observed_criterion_I_min                       ? 
_reflns.observed_criterion_sigma_F                     ? 
_reflns.observed_criterion_sigma_I                     1.2 
_reflns.percent_possible_obs                           66.9 
_reflns.R_free_details                                 ? 
_reflns.Rmerge_F_all                                   ? 
_reflns.Rmerge_F_obs                                   ? 
_reflns.Friedel_coverage                               ? 
_reflns.number_gt                                      ? 
_reflns.threshold_expression                           ? 
_reflns.pdbx_redundancy                                18.2 
_reflns.pdbx_Rmerge_I_obs                              0.168 
_reflns.pdbx_Rmerge_I_all                              ? 
_reflns.pdbx_Rsym_value                                ? 
_reflns.pdbx_netI_over_av_sigmaI                       ? 
_reflns.pdbx_netI_over_sigmaI                          11.7 
_reflns.pdbx_res_netI_over_av_sigmaI_2                 ? 
_reflns.pdbx_res_netI_over_sigmaI_2                    ? 
_reflns.pdbx_chi_squared                               ? 
_reflns.pdbx_scaling_rejects                           ? 
_reflns.pdbx_d_res_high_opt                            ? 
_reflns.pdbx_d_res_low_opt                             ? 
_reflns.pdbx_d_res_opt_method                          ? 
_reflns.phase_calculation_details                      ? 
_reflns.pdbx_Rrim_I_all                                0.174 
_reflns.pdbx_Rpim_I_all                                ? 
_reflns.pdbx_d_opt                                     ? 
_reflns.pdbx_number_measured_all                       ? 
_reflns.pdbx_diffrn_id                                 1 
_reflns.pdbx_ordinal                                   1 
_reflns.pdbx_CC_half                                   0.997 
_reflns.pdbx_CC_star                                   ? 
_reflns.pdbx_R_split                                   ? 
_reflns.pdbx_aniso_diffraction_limit_axis_1_ortho[1]   ? 
_reflns.pdbx_aniso_diffraction_limit_axis_1_ortho[2]   ? 
_reflns.pdbx_aniso_diffraction_limit_axis_1_ortho[3]   ? 
_reflns.pdbx_aniso_diffraction_limit_axis_2_ortho[1]   ? 
_reflns.pdbx_aniso_diffraction_limit_axis_2_ortho[2]   ? 
_reflns.pdbx_aniso_diffraction_limit_axis_2_ortho[3]   ? 
_reflns.pdbx_aniso_diffraction_limit_axis_3_ortho[1]   ? 
_reflns.pdbx_aniso_diffraction_limit_axis_3_ortho[2]   ? 
_reflns.pdbx_aniso_diffraction_limit_axis_3_ortho[3]   ? 
_reflns.pdbx_aniso_diffraction_limit_1                 ? 
_reflns.pdbx_aniso_diffraction_limit_2                 ? 
_reflns.pdbx_aniso_diffraction_limit_3                 ? 
_reflns.pdbx_aniso_B_tensor_eigenvector_1_ortho[1]     ? 
_reflns.pdbx_aniso_B_tensor_eigenvector_1_ortho[2]     ? 
_reflns.pdbx_aniso_B_tensor_eigenvector_1_ortho[3]     ? 
_reflns.pdbx_aniso_B_tensor_eigenvector_2_ortho[1]     ? 
_reflns.pdbx_aniso_B_tensor_eigenvector_2_ortho[2]     ? 
_reflns.pdbx_aniso_B_tensor_eigenvector_2_ortho[3]     ? 
_reflns.pdbx_aniso_B_tensor_eigenvector_3_ortho[1]     ? 
_reflns.pdbx_aniso_B_tensor_eigenvector_3_ortho[2]     ? 
_reflns.pdbx_aniso_B_tensor_eigenvector_3_ortho[3]     ? 
_reflns.pdbx_aniso_B_tensor_eigenvalue_1               ? 
_reflns.pdbx_aniso_B_tensor_eigenvalue_2               ? 
_reflns.pdbx_aniso_B_tensor_eigenvalue_3               ? 
_reflns.pdbx_orthogonalization_convention              ? 
_reflns.pdbx_percent_possible_ellipsoidal              ? 
_reflns.pdbx_percent_possible_spherical                ? 
_reflns.pdbx_percent_possible_ellipsoidal_anomalous    ? 
_reflns.pdbx_percent_possible_spherical_anomalous      ? 
_reflns.pdbx_redundancy_anomalous                      ? 
_reflns.pdbx_CC_half_anomalous                         ? 
_reflns.pdbx_absDiff_over_sigma_anomalous              ? 
_reflns.pdbx_percent_possible_anomalous                ? 
_reflns.pdbx_observed_signal_threshold                 ? 
_reflns.pdbx_signal_type                               ? 
_reflns.pdbx_signal_details                            ? 
_reflns.pdbx_signal_software_id                        ? 
_reflns.pdbx_CC_split_method                           ? 
# 
_reflns_shell.d_res_high                                    2.219 
_reflns_shell.d_res_low                                     2.458 
_reflns_shell.meanI_over_sigI_all                           ? 
_reflns_shell.meanI_over_sigI_obs                           1.3 
_reflns_shell.number_measured_all                           ? 
_reflns_shell.number_measured_obs                           ? 
_reflns_shell.number_possible                               ? 
_reflns_shell.number_unique_all                             ? 
_reflns_shell.number_unique_obs                             199 
_reflns_shell.percent_possible_all                          55.9 
_reflns_shell.percent_possible_obs                          ? 
_reflns_shell.Rmerge_F_all                                  ? 
_reflns_shell.Rmerge_F_obs                                  ? 
_reflns_shell.Rmerge_I_all                                  ? 
_reflns_shell.Rmerge_I_obs                                  2.414 
_reflns_shell.meanI_over_sigI_gt                            ? 
_reflns_shell.meanI_over_uI_all                             ? 
_reflns_shell.meanI_over_uI_gt                              ? 
_reflns_shell.number_measured_gt                            ? 
_reflns_shell.number_unique_gt                              ? 
_reflns_shell.percent_possible_gt                           ? 
_reflns_shell.Rmerge_F_gt                                   ? 
_reflns_shell.Rmerge_I_gt                                   ? 
_reflns_shell.pdbx_redundancy                               14.0 
_reflns_shell.pdbx_Rsym_value                               ? 
_reflns_shell.pdbx_chi_squared                              ? 
_reflns_shell.pdbx_netI_over_sigmaI_all                     ? 
_reflns_shell.pdbx_netI_over_sigmaI_obs                     ? 
_reflns_shell.pdbx_Rrim_I_all                               2.506 
_reflns_shell.pdbx_Rpim_I_all                               ? 
_reflns_shell.pdbx_rejects                                  ? 
_reflns_shell.pdbx_ordinal                                  1 
_reflns_shell.pdbx_diffrn_id                                1 
_reflns_shell.pdbx_CC_half                                  0.598 
_reflns_shell.pdbx_CC_star                                  ? 
_reflns_shell.pdbx_R_split                                  ? 
_reflns_shell.pdbx_percent_possible_ellipsoidal             ? 
_reflns_shell.pdbx_percent_possible_spherical               ? 
_reflns_shell.pdbx_percent_possible_ellipsoidal_anomalous   ? 
_reflns_shell.pdbx_percent_possible_spherical_anomalous     ? 
_reflns_shell.pdbx_redundancy_anomalous                     ? 
_reflns_shell.pdbx_CC_half_anomalous                        ? 
_reflns_shell.pdbx_absDiff_over_sigma_anomalous             ? 
_reflns_shell.pdbx_percent_possible_anomalous               ? 
# 
_refine.aniso_B[1][1]                            3.6589 
_refine.aniso_B[1][2]                            0 
_refine.aniso_B[1][3]                            0 
_refine.aniso_B[2][2]                            3.6589 
_refine.aniso_B[2][3]                            0 
_refine.aniso_B[3][3]                            -7.3178 
_refine.B_iso_max                                ? 
_refine.B_iso_mean                               55.93 
_refine.B_iso_min                                ? 
_refine.correlation_coeff_Fo_to_Fc               0.895 
_refine.correlation_coeff_Fo_to_Fc_free          0.912 
_refine.details                                  ? 
_refine.diff_density_max                         ? 
_refine.diff_density_max_esd                     ? 
_refine.diff_density_min                         ? 
_refine.diff_density_min_esd                     ? 
_refine.diff_density_rms                         ? 
_refine.diff_density_rms_esd                     ? 
_refine.entry_id                                 8ARD 
_refine.pdbx_refine_id                           'X-RAY DIFFRACTION' 
_refine.ls_abs_structure_details                 ? 
_refine.ls_abs_structure_Flack                   ? 
_refine.ls_abs_structure_Flack_esd               ? 
_refine.ls_abs_structure_Rogers                  ? 
_refine.ls_abs_structure_Rogers_esd              ? 
_refine.ls_d_res_high                            2.219 
_refine.ls_d_res_low                             49.27 
_refine.ls_extinction_coef                       ? 
_refine.ls_extinction_coef_esd                   ? 
_refine.ls_extinction_expression                 ? 
_refine.ls_extinction_method                     ? 
_refine.ls_goodness_of_fit_all                   ? 
_refine.ls_goodness_of_fit_all_esd               ? 
_refine.ls_goodness_of_fit_obs                   ? 
_refine.ls_goodness_of_fit_obs_esd               ? 
_refine.ls_hydrogen_treatment                    ? 
_refine.ls_matrix_type                           ? 
_refine.ls_number_constraints                    ? 
_refine.ls_number_parameters                     ? 
_refine.ls_number_reflns_all                     ? 
_refine.ls_number_reflns_obs                     2977 
_refine.ls_number_reflns_R_free                  301 
_refine.ls_number_reflns_R_work                  ? 
_refine.ls_number_restraints                     ? 
_refine.ls_percent_reflns_obs                    66.9 
_refine.ls_percent_reflns_R_free                 ? 
_refine.ls_R_factor_all                          ? 
_refine.ls_R_factor_obs                          0.3243 
_refine.ls_R_factor_R_free                       0.3381 
_refine.ls_R_factor_R_free_error                 ? 
_refine.ls_R_factor_R_free_error_details         ? 
_refine.ls_R_factor_R_work                       0.3227 
_refine.ls_R_Fsqd_factor_obs                     ? 
_refine.ls_R_I_factor_obs                        ? 
_refine.ls_redundancy_reflns_all                 ? 
_refine.ls_redundancy_reflns_obs                 ? 
_refine.ls_restrained_S_all                      ? 
_refine.ls_restrained_S_obs                      ? 
_refine.ls_shift_over_esd_max                    ? 
_refine.ls_shift_over_esd_mean                   ? 
_refine.ls_structure_factor_coef                 ? 
_refine.ls_weighting_details                     ? 
_refine.ls_weighting_scheme                      ? 
_refine.ls_wR_factor_all                         ? 
_refine.ls_wR_factor_obs                         ? 
_refine.ls_wR_factor_R_free                      ? 
_refine.ls_wR_factor_R_work                      ? 
_refine.occupancy_max                            ? 
_refine.occupancy_min                            ? 
_refine.solvent_model_details                    ? 
_refine.solvent_model_param_bsol                 ? 
_refine.solvent_model_param_ksol                 ? 
_refine.pdbx_R_complete                          ? 
_refine.ls_R_factor_gt                           ? 
_refine.ls_goodness_of_fit_gt                    ? 
_refine.ls_goodness_of_fit_ref                   ? 
_refine.ls_shift_over_su_max                     ? 
_refine.ls_shift_over_su_max_lt                  ? 
_refine.ls_shift_over_su_mean                    ? 
_refine.ls_shift_over_su_mean_lt                 ? 
_refine.pdbx_ls_sigma_I                          ? 
_refine.pdbx_ls_sigma_F                          ? 
_refine.pdbx_ls_sigma_Fsqd                       ? 
_refine.pdbx_data_cutoff_high_absF               ? 
_refine.pdbx_data_cutoff_high_rms_absF           ? 
_refine.pdbx_data_cutoff_low_absF                ? 
_refine.pdbx_isotropic_thermal_model             ? 
_refine.pdbx_ls_cross_valid_method               THROUGHOUT 
_refine.pdbx_method_to_determine_struct          'MOLECULAR REPLACEMENT' 
_refine.pdbx_starting_model                      '30x Ser helix' 
_refine.pdbx_stereochemistry_target_values       ? 
_refine.pdbx_R_Free_selection_details            RANDOM 
_refine.pdbx_stereochem_target_val_spec_case     ? 
_refine.pdbx_overall_ESU_R                       ? 
_refine.pdbx_overall_ESU_R_Free                  ? 
_refine.pdbx_solvent_vdw_probe_radii             ? 
_refine.pdbx_solvent_ion_probe_radii             ? 
_refine.pdbx_solvent_shrinkage_radii             ? 
_refine.pdbx_real_space_R                        ? 
_refine.pdbx_density_correlation                 ? 
_refine.pdbx_pd_number_of_powder_patterns        ? 
_refine.pdbx_pd_number_of_points                 ? 
_refine.pdbx_pd_meas_number_of_points            ? 
_refine.pdbx_pd_proc_ls_prof_R_factor            ? 
_refine.pdbx_pd_proc_ls_prof_wR_factor           ? 
_refine.pdbx_pd_Marquardt_correlation_coeff      ? 
_refine.pdbx_pd_Fsqrd_R_factor                   ? 
_refine.pdbx_pd_ls_matrix_band_width             ? 
_refine.pdbx_overall_phase_error                 ? 
_refine.pdbx_overall_SU_R_free_Cruickshank_DPI   ? 
_refine.pdbx_overall_SU_R_free_Blow_DPI          0.384 
_refine.pdbx_overall_SU_R_Blow_DPI               0.899 
_refine.pdbx_TLS_residual_ADP_flag               ? 
_refine.pdbx_diffrn_id                           1 
_refine.overall_SU_B                             ? 
_refine.overall_SU_ML                            ? 
_refine.overall_SU_R_Cruickshank_DPI             ? 
_refine.overall_SU_R_free                        ? 
_refine.overall_FOM_free_R_set                   ? 
_refine.overall_FOM_work_R_set                   ? 
_refine.pdbx_average_fsc_overall                 ? 
_refine.pdbx_average_fsc_work                    ? 
_refine.pdbx_average_fsc_free                    ? 
# 
_refine_analyze.entry_id                        8ARD 
_refine_analyze.pdbx_refine_id                  'X-RAY DIFFRACTION' 
_refine_analyze.Luzzati_coordinate_error_free   ? 
_refine_analyze.Luzzati_coordinate_error_obs    0.63 
_refine_analyze.Luzzati_d_res_low_free          ? 
_refine_analyze.Luzzati_d_res_low_obs           ? 
_refine_analyze.Luzzati_sigma_a_free            ? 
_refine_analyze.Luzzati_sigma_a_free_details    ? 
_refine_analyze.Luzzati_sigma_a_obs             ? 
_refine_analyze.Luzzati_sigma_a_obs_details     ? 
_refine_analyze.number_disordered_residues      ? 
_refine_analyze.occupancy_sum_hydrogen          ? 
_refine_analyze.occupancy_sum_non_hydrogen      ? 
_refine_analyze.RG_d_res_high                   ? 
_refine_analyze.RG_d_res_low                    ? 
_refine_analyze.RG_free                         ? 
_refine_analyze.RG_work                         ? 
_refine_analyze.RG_free_work_ratio              ? 
_refine_analyze.pdbx_Luzzati_d_res_high_obs     ? 
# 
_refine_hist.pdbx_refine_id                   'X-RAY DIFFRACTION' 
_refine_hist.cycle_id                         LAST 
_refine_hist.details                          ? 
_refine_hist.d_res_high                       2.219 
_refine_hist.d_res_low                        49.27 
_refine_hist.number_atoms_solvent             5 
_refine_hist.number_atoms_total               517 
_refine_hist.number_reflns_all                ? 
_refine_hist.number_reflns_obs                ? 
_refine_hist.number_reflns_R_free             ? 
_refine_hist.number_reflns_R_work             ? 
_refine_hist.R_factor_all                     ? 
_refine_hist.R_factor_obs                     ? 
_refine_hist.R_factor_R_free                  ? 
_refine_hist.R_factor_R_work                  ? 
_refine_hist.pdbx_number_residues_total       ? 
_refine_hist.pdbx_B_iso_mean_ligand           ? 
_refine_hist.pdbx_B_iso_mean_solvent          ? 
_refine_hist.pdbx_number_atoms_protein        512 
_refine_hist.pdbx_number_atoms_nucleic_acid   0 
_refine_hist.pdbx_number_atoms_ligand         0 
_refine_hist.pdbx_number_atoms_lipid          ? 
_refine_hist.pdbx_number_atoms_carb           ? 
_refine_hist.pdbx_pseudo_atom_details         ? 
# 
loop_
_refine_ls_restr.pdbx_refine_id 
_refine_ls_restr.criterion 
_refine_ls_restr.dev_ideal 
_refine_ls_restr.dev_ideal_target 
_refine_ls_restr.number 
_refine_ls_restr.rejects 
_refine_ls_restr.type 
_refine_ls_restr.weight 
_refine_ls_restr.pdbx_restraint_function 
'X-RAY DIFFRACTION' ? 0.008 ? 1046 ? t_bond_d                  2  HARMONIC     
'X-RAY DIFFRACTION' ? 0.97  ? 1904 ? t_angle_deg               2  HARMONIC     
'X-RAY DIFFRACTION' ? ?     ? 348  ? t_dihedral_angle_d        2  SINUSOIDAL   
'X-RAY DIFFRACTION' ? ?     ? 159  ? t_gen_planes              5  HARMONIC     
'X-RAY DIFFRACTION' ? ?     ? 512  ? t_it                      10 HARMONIC     
'X-RAY DIFFRACTION' ? ?     ? 69   ? t_chiral_improper_torsion 5  SEMIHARMONIC 
'X-RAY DIFFRACTION' ? ?     ? 891  ? t_ideal_dist_contact      4  SEMIHARMONIC 
'X-RAY DIFFRACTION' ? 2.6   ? ?    ? t_omega_torsion           ?  ?            
'X-RAY DIFFRACTION' ? 20.58 ? ?    ? t_other_torsion           ?  ?            
# 
_refine_ls_shell.pdbx_refine_id                   'X-RAY DIFFRACTION' 
_refine_ls_shell.d_res_high                       2.22 
_refine_ls_shell.d_res_low                        2.46 
_refine_ls_shell.number_reflns_all                ? 
_refine_ls_shell.number_reflns_obs                199 
_refine_ls_shell.number_reflns_R_free             23 
_refine_ls_shell.number_reflns_R_work             ? 
_refine_ls_shell.percent_reflns_obs               17.57 
_refine_ls_shell.percent_reflns_R_free            ? 
_refine_ls_shell.R_factor_all                     ? 
_refine_ls_shell.R_factor_obs                     0.3649 
_refine_ls_shell.R_factor_R_free                  0.3562 
_refine_ls_shell.R_factor_R_free_error            ? 
_refine_ls_shell.R_factor_R_work                  0.3662 
_refine_ls_shell.redundancy_reflns_all            ? 
_refine_ls_shell.redundancy_reflns_obs            ? 
_refine_ls_shell.wR_factor_all                    ? 
_refine_ls_shell.wR_factor_obs                    ? 
_refine_ls_shell.wR_factor_R_free                 ? 
_refine_ls_shell.wR_factor_R_work                 ? 
_refine_ls_shell.pdbx_R_complete                  ? 
_refine_ls_shell.pdbx_total_number_of_bins_used   ? 
_refine_ls_shell.pdbx_phase_error                 ? 
_refine_ls_shell.pdbx_fsc_work                    ? 
_refine_ls_shell.pdbx_fsc_free                    ? 
# 
_struct.entry_id                     8ARD 
_struct.title                        'Myosin VI proximal tail domain, dimeric' 
_struct.pdbx_model_details           ? 
_struct.pdbx_formula_weight          ? 
_struct.pdbx_formula_weight_method   ? 
_struct.pdbx_model_type_details      ? 
_struct.pdbx_CASP_flag               N 
# 
_struct_keywords.entry_id        8ARD 
_struct_keywords.text            'dimer, myosin VI, myo6, MOTOR PROTEIN' 
_struct_keywords.pdbx_keywords   'MOTOR PROTEIN' 
# 
loop_
_struct_asym.id 
_struct_asym.pdbx_blank_PDB_chainid_flag 
_struct_asym.pdbx_modified 
_struct_asym.entity_id 
_struct_asym.details 
A N N 1 ? 
B N N 2 ? 
# 
_struct_ref.id                         1 
_struct_ref.db_name                    UNP 
_struct_ref.db_code                    E9Q3L1_MOUSE 
_struct_ref.pdbx_db_accession          E9Q3L1 
_struct_ref.pdbx_db_isoform            ? 
_struct_ref.entity_id                  1 
_struct_ref.pdbx_seq_one_letter_code   ISIDALMAKIKSTMMTREQIQKEYDALVKSSEDLLSALQKKKQQEEEAERLRRIQEEMEKERKRR 
_struct_ref.pdbx_align_begin           876 
# 
_struct_ref_seq.align_id                      1 
_struct_ref_seq.ref_id                        1 
_struct_ref_seq.pdbx_PDB_id_code              8ARD 
_struct_ref_seq.pdbx_strand_id                A 
_struct_ref_seq.seq_align_beg                 5 
_struct_ref_seq.pdbx_seq_align_beg_ins_code   ? 
_struct_ref_seq.seq_align_end                 69 
_struct_ref_seq.pdbx_seq_align_end_ins_code   ? 
_struct_ref_seq.pdbx_db_accession             E9Q3L1 
_struct_ref_seq.db_align_beg                  876 
_struct_ref_seq.pdbx_db_align_beg_ins_code    ? 
_struct_ref_seq.db_align_end                  940 
_struct_ref_seq.pdbx_db_align_end_ins_code    ? 
_struct_ref_seq.pdbx_auth_seq_align_beg       876 
_struct_ref_seq.pdbx_auth_seq_align_end       940 
# 
loop_
_struct_ref_seq_dif.align_id 
_struct_ref_seq_dif.pdbx_pdb_id_code 
_struct_ref_seq_dif.mon_id 
_struct_ref_seq_dif.pdbx_pdb_strand_id 
_struct_ref_seq_dif.seq_num 
_struct_ref_seq_dif.pdbx_pdb_ins_code 
_struct_ref_seq_dif.pdbx_seq_db_name 
_struct_ref_seq_dif.pdbx_seq_db_accession_code 
_struct_ref_seq_dif.db_mon_id 
_struct_ref_seq_dif.pdbx_seq_db_seq_num 
_struct_ref_seq_dif.details 
_struct_ref_seq_dif.pdbx_auth_seq_num 
_struct_ref_seq_dif.pdbx_ordinal 
1 8ARD GLY A 1 ? UNP E9Q3L1 ? ? 'expression tag' 872 1 
1 8ARD SER A 2 ? UNP E9Q3L1 ? ? 'expression tag' 873 2 
1 8ARD MET A 3 ? UNP E9Q3L1 ? ? 'expression tag' 874 3 
1 8ARD GLU A 4 ? UNP E9Q3L1 ? ? 'expression tag' 875 4 
# 
_pdbx_struct_assembly.id                   1 
_pdbx_struct_assembly.details              author_and_software_defined_assembly 
_pdbx_struct_assembly.method_details       PISA 
_pdbx_struct_assembly.oligomeric_details   dimeric 
_pdbx_struct_assembly.oligomeric_count     2 
# 
loop_
_pdbx_struct_assembly_prop.biol_id 
_pdbx_struct_assembly_prop.type 
_pdbx_struct_assembly_prop.value 
_pdbx_struct_assembly_prop.details 
1 'ABSA (A^2)' 2150  ? 
1 MORE         -23   ? 
1 'SSA (A^2)'  10530 ? 
# 
_pdbx_struct_assembly_gen.assembly_id       1 
_pdbx_struct_assembly_gen.oper_expression   1,2 
_pdbx_struct_assembly_gen.asym_id_list      A,B 
# 
_pdbx_struct_assembly_auth_evidence.id                     1 
_pdbx_struct_assembly_auth_evidence.assembly_id            1 
_pdbx_struct_assembly_auth_evidence.experimental_support   'gel filtration' 
_pdbx_struct_assembly_auth_evidence.details                'Appears as dimers in SEC-MALS, KD approx 15 uM' 
# 
loop_
_pdbx_struct_oper_list.id 
_pdbx_struct_oper_list.type 
_pdbx_struct_oper_list.name 
_pdbx_struct_oper_list.symmetry_operation 
_pdbx_struct_oper_list.matrix[1][1] 
_pdbx_struct_oper_list.matrix[1][2] 
_pdbx_struct_oper_list.matrix[1][3] 
_pdbx_struct_oper_list.vector[1] 
_pdbx_struct_oper_list.matrix[2][1] 
_pdbx_struct_oper_list.matrix[2][2] 
_pdbx_struct_oper_list.matrix[2][3] 
_pdbx_struct_oper_list.vector[2] 
_pdbx_struct_oper_list.matrix[3][1] 
_pdbx_struct_oper_list.matrix[3][2] 
_pdbx_struct_oper_list.matrix[3][3] 
_pdbx_struct_oper_list.vector[3] 
1 'identity operation'         1_555  x,y,z        1.0000000000  0.0000000000 0.0000000000 0.0000000000   0.0000000000 1.0000000000 0.0000000000 0.0000000000  0.0000000000 0.0000000000 1.0000000000  0.0000000000  
2 'crystal symmetry operation' 10_555 -y,-x,-z+1/6 -0.4442055023 0.8492912484 0.2852820484 -28.1706259338 0.8492912484 0.2977739570 0.4359300930 20.1138980732 0.2852820484 0.4359300930 -0.8535684547 -4.9967347100 
# 
_struct_conf.conf_type_id            HELX_P 
_struct_conf.id                      HELX_P1 
_struct_conf.pdbx_PDB_helix_id       AA1 
_struct_conf.beg_label_comp_id       ILE 
_struct_conf.beg_label_asym_id       A 
_struct_conf.beg_label_seq_id        5 
_struct_conf.pdbx_beg_PDB_ins_code   ? 
_struct_conf.end_label_comp_id       ARG 
_struct_conf.end_label_asym_id       A 
_struct_conf.end_label_seq_id        66 
_struct_conf.pdbx_end_PDB_ins_code   ? 
_struct_conf.beg_auth_comp_id        ILE 
_struct_conf.beg_auth_asym_id        A 
_struct_conf.beg_auth_seq_id         876 
_struct_conf.end_auth_comp_id        ARG 
_struct_conf.end_auth_asym_id        A 
_struct_conf.end_auth_seq_id         937 
_struct_conf.pdbx_PDB_helix_class    1 
_struct_conf.details                 ? 
_struct_conf.pdbx_PDB_helix_length   62 
# 
_struct_conf_type.id          HELX_P 
_struct_conf_type.criteria    ? 
_struct_conf_type.reference   ? 
# 
_pdbx_refine_tls.id               1 
_pdbx_refine_tls.pdbx_refine_id   'X-RAY DIFFRACTION' 
_pdbx_refine_tls.details          ? 
_pdbx_refine_tls.method           ? 
_pdbx_refine_tls.origin_x         0.5384 
_pdbx_refine_tls.origin_y         0.0525 
_pdbx_refine_tls.origin_z         -0.2467 
_pdbx_refine_tls.T[1][1]          -0.1877 
_pdbx_refine_tls.T[1][1]_esd      ? 
_pdbx_refine_tls.T[1][2]          0.1213 
_pdbx_refine_tls.T[1][2]_esd      ? 
_pdbx_refine_tls.T[1][3]          -0.0346 
_pdbx_refine_tls.T[1][3]_esd      ? 
_pdbx_refine_tls.T[2][2]          0.2843 
_pdbx_refine_tls.T[2][2]_esd      ? 
_pdbx_refine_tls.T[2][3]          -0.1399 
_pdbx_refine_tls.T[2][3]_esd      ? 
_pdbx_refine_tls.T[3][3]          -0.1125 
_pdbx_refine_tls.T[3][3]_esd      ? 
_pdbx_refine_tls.L[1][1]          15.7474 
_pdbx_refine_tls.L[1][1]_esd      ? 
_pdbx_refine_tls.L[1][2]          -6.0377 
_pdbx_refine_tls.L[1][2]_esd      ? 
_pdbx_refine_tls.L[1][3]          -0.0614 
_pdbx_refine_tls.L[1][3]_esd      ? 
_pdbx_refine_tls.L[2][2]          3.4542 
_pdbx_refine_tls.L[2][2]_esd      ? 
_pdbx_refine_tls.L[2][3]          -1.0878 
_pdbx_refine_tls.L[2][3]_esd      ? 
_pdbx_refine_tls.L[3][3]          -0.6993 
_pdbx_refine_tls.L[3][3]_esd      ? 
_pdbx_refine_tls.S[1][1]          -0.2772 
_pdbx_refine_tls.S[1][1]_esd      ? 
_pdbx_refine_tls.S[1][2]          -0.9298 
_pdbx_refine_tls.S[1][2]_esd      ? 
_pdbx_refine_tls.S[1][3]          0.2017 
_pdbx_refine_tls.S[1][3]_esd      ? 
_pdbx_refine_tls.S[2][1]          -0.9298 
_pdbx_refine_tls.S[2][1]_esd      ? 
_pdbx_refine_tls.S[2][2]          0.7106 
_pdbx_refine_tls.S[2][2]_esd      ? 
_pdbx_refine_tls.S[2][3]          -0.0799 
_pdbx_refine_tls.S[2][3]_esd      ? 
_pdbx_refine_tls.S[3][1]          0.2017 
_pdbx_refine_tls.S[3][1]_esd      ? 
_pdbx_refine_tls.S[3][2]          -0.0799 
_pdbx_refine_tls.S[3][2]_esd      ? 
_pdbx_refine_tls.S[3][3]          -0.4334 
_pdbx_refine_tls.S[3][3]_esd      ? 
# 
loop_
_pdbx_refine_tls_group.id 
_pdbx_refine_tls_group.pdbx_refine_id 
_pdbx_refine_tls_group.refine_tls_id 
_pdbx_refine_tls_group.beg_label_asym_id 
_pdbx_refine_tls_group.beg_label_seq_id 
_pdbx_refine_tls_group.beg_auth_asym_id 
_pdbx_refine_tls_group.beg_auth_seq_id 
_pdbx_refine_tls_group.beg_PDB_ins_code 
_pdbx_refine_tls_group.end_label_asym_id 
_pdbx_refine_tls_group.end_label_seq_id 
_pdbx_refine_tls_group.end_auth_asym_id 
_pdbx_refine_tls_group.end_auth_seq_id 
_pdbx_refine_tls_group.end_PDB_ins_code 
_pdbx_refine_tls_group.selection 
_pdbx_refine_tls_group.selection_details 
1 'X-RAY DIFFRACTION' 1 ? ? A 876  ? ? ? A 937  ? ? '{ A|* }' 
2 'X-RAY DIFFRACTION' 1 ? ? A 1001 ? ? ? A 1005 ? ? '{ A|* }' 
# 
loop_
_pdbx_unobs_or_zero_occ_residues.id 
_pdbx_unobs_or_zero_occ_residues.PDB_model_num 
_pdbx_unobs_or_zero_occ_residues.polymer_flag 
_pdbx_unobs_or_zero_occ_residues.occupancy_flag 
_pdbx_unobs_or_zero_occ_residues.auth_asym_id 
_pdbx_unobs_or_zero_occ_residues.auth_comp_id 
_pdbx_unobs_or_zero_occ_residues.auth_seq_id 
_pdbx_unobs_or_zero_occ_residues.PDB_ins_code 
_pdbx_unobs_or_zero_occ_residues.label_asym_id 
_pdbx_unobs_or_zero_occ_residues.label_comp_id 
_pdbx_unobs_or_zero_occ_residues.label_seq_id 
1 1 Y 1 A GLY 872 ? A GLY 1  
2 1 Y 1 A SER 873 ? A SER 2  
3 1 Y 1 A MET 874 ? A MET 3  
4 1 Y 1 A GLU 875 ? A GLU 4  
5 1 Y 1 A LYS 938 ? A LYS 67 
6 1 Y 1 A ARG 939 ? A ARG 68 
7 1 Y 1 A ARG 940 ? A ARG 69 
# 
loop_
_chem_comp_atom.comp_id 
_chem_comp_atom.atom_id 
_chem_comp_atom.type_symbol 
_chem_comp_atom.pdbx_aromatic_flag 
_chem_comp_atom.pdbx_stereo_config 
_chem_comp_atom.pdbx_ordinal 
ALA N    N N N 1   
ALA CA   C N S 2   
ALA C    C N N 3   
ALA O    O N N 4   
ALA CB   C N N 5   
ALA OXT  O N N 6   
ALA H    H N N 7   
ALA H2   H N N 8   
ALA HA   H N N 9   
ALA HB1  H N N 10  
ALA HB2  H N N 11  
ALA HB3  H N N 12  
ALA HXT  H N N 13  
ARG N    N N N 14  
ARG CA   C N S 15  
ARG C    C N N 16  
ARG O    O N N 17  
ARG CB   C N N 18  
ARG CG   C N N 19  
ARG CD   C N N 20  
ARG NE   N N N 21  
ARG CZ   C N N 22  
ARG NH1  N N N 23  
ARG NH2  N N N 24  
ARG OXT  O N N 25  
ARG H    H N N 26  
ARG H2   H N N 27  
ARG HA   H N N 28  
ARG HB2  H N N 29  
ARG HB3  H N N 30  
ARG HG2  H N N 31  
ARG HG3  H N N 32  
ARG HD2  H N N 33  
ARG HD3  H N N 34  
ARG HE   H N N 35  
ARG HH11 H N N 36  
ARG HH12 H N N 37  
ARG HH21 H N N 38  
ARG HH22 H N N 39  
ARG HXT  H N N 40  
ASP N    N N N 41  
ASP CA   C N S 42  
ASP C    C N N 43  
ASP O    O N N 44  
ASP CB   C N N 45  
ASP CG   C N N 46  
ASP OD1  O N N 47  
ASP OD2  O N N 48  
ASP OXT  O N N 49  
ASP H    H N N 50  
ASP H2   H N N 51  
ASP HA   H N N 52  
ASP HB2  H N N 53  
ASP HB3  H N N 54  
ASP HD2  H N N 55  
ASP HXT  H N N 56  
GLN N    N N N 57  
GLN CA   C N S 58  
GLN C    C N N 59  
GLN O    O N N 60  
GLN CB   C N N 61  
GLN CG   C N N 62  
GLN CD   C N N 63  
GLN OE1  O N N 64  
GLN NE2  N N N 65  
GLN OXT  O N N 66  
GLN H    H N N 67  
GLN H2   H N N 68  
GLN HA   H N N 69  
GLN HB2  H N N 70  
GLN HB3  H N N 71  
GLN HG2  H N N 72  
GLN HG3  H N N 73  
GLN HE21 H N N 74  
GLN HE22 H N N 75  
GLN HXT  H N N 76  
GLU N    N N N 77  
GLU CA   C N S 78  
GLU C    C N N 79  
GLU O    O N N 80  
GLU CB   C N N 81  
GLU CG   C N N 82  
GLU CD   C N N 83  
GLU OE1  O N N 84  
GLU OE2  O N N 85  
GLU OXT  O N N 86  
GLU H    H N N 87  
GLU H2   H N N 88  
GLU HA   H N N 89  
GLU HB2  H N N 90  
GLU HB3  H N N 91  
GLU HG2  H N N 92  
GLU HG3  H N N 93  
GLU HE2  H N N 94  
GLU HXT  H N N 95  
GLY N    N N N 96  
GLY CA   C N N 97  
GLY C    C N N 98  
GLY O    O N N 99  
GLY OXT  O N N 100 
GLY H    H N N 101 
GLY H2   H N N 102 
GLY HA2  H N N 103 
GLY HA3  H N N 104 
GLY HXT  H N N 105 
HOH O    O N N 106 
HOH H1   H N N 107 
HOH H2   H N N 108 
ILE N    N N N 109 
ILE CA   C N S 110 
ILE C    C N N 111 
ILE O    O N N 112 
ILE CB   C N S 113 
ILE CG1  C N N 114 
ILE CG2  C N N 115 
ILE CD1  C N N 116 
ILE OXT  O N N 117 
ILE H    H N N 118 
ILE H2   H N N 119 
ILE HA   H N N 120 
ILE HB   H N N 121 
ILE HG12 H N N 122 
ILE HG13 H N N 123 
ILE HG21 H N N 124 
ILE HG22 H N N 125 
ILE HG23 H N N 126 
ILE HD11 H N N 127 
ILE HD12 H N N 128 
ILE HD13 H N N 129 
ILE HXT  H N N 130 
LEU N    N N N 131 
LEU CA   C N S 132 
LEU C    C N N 133 
LEU O    O N N 134 
LEU CB   C N N 135 
LEU CG   C N N 136 
LEU CD1  C N N 137 
LEU CD2  C N N 138 
LEU OXT  O N N 139 
LEU H    H N N 140 
LEU H2   H N N 141 
LEU HA   H N N 142 
LEU HB2  H N N 143 
LEU HB3  H N N 144 
LEU HG   H N N 145 
LEU HD11 H N N 146 
LEU HD12 H N N 147 
LEU HD13 H N N 148 
LEU HD21 H N N 149 
LEU HD22 H N N 150 
LEU HD23 H N N 151 
LEU HXT  H N N 152 
LYS N    N N N 153 
LYS CA   C N S 154 
LYS C    C N N 155 
LYS O    O N N 156 
LYS CB   C N N 157 
LYS CG   C N N 158 
LYS CD   C N N 159 
LYS CE   C N N 160 
LYS NZ   N N N 161 
LYS OXT  O N N 162 
LYS H    H N N 163 
LYS H2   H N N 164 
LYS HA   H N N 165 
LYS HB2  H N N 166 
LYS HB3  H N N 167 
LYS HG2  H N N 168 
LYS HG3  H N N 169 
LYS HD2  H N N 170 
LYS HD3  H N N 171 
LYS HE2  H N N 172 
LYS HE3  H N N 173 
LYS HZ1  H N N 174 
LYS HZ2  H N N 175 
LYS HZ3  H N N 176 
LYS HXT  H N N 177 
MET N    N N N 178 
MET CA   C N S 179 
MET C    C N N 180 
MET O    O N N 181 
MET CB   C N N 182 
MET CG   C N N 183 
MET SD   S N N 184 
MET CE   C N N 185 
MET OXT  O N N 186 
MET H    H N N 187 
MET H2   H N N 188 
MET HA   H N N 189 
MET HB2  H N N 190 
MET HB3  H N N 191 
MET HG2  H N N 192 
MET HG3  H N N 193 
MET HE1  H N N 194 
MET HE2  H N N 195 
MET HE3  H N N 196 
MET HXT  H N N 197 
SER N    N N N 198 
SER CA   C N S 199 
SER C    C N N 200 
SER O    O N N 201 
SER CB   C N N 202 
SER OG   O N N 203 
SER OXT  O N N 204 
SER H    H N N 205 
SER H2   H N N 206 
SER HA   H N N 207 
SER HB2  H N N 208 
SER HB3  H N N 209 
SER HG   H N N 210 
SER HXT  H N N 211 
THR N    N N N 212 
THR CA   C N S 213 
THR C    C N N 214 
THR O    O N N 215 
THR CB   C N R 216 
THR OG1  O N N 217 
THR CG2  C N N 218 
THR OXT  O N N 219 
THR H    H N N 220 
THR H2   H N N 221 
THR HA   H N N 222 
THR HB   H N N 223 
THR HG1  H N N 224 
THR HG21 H N N 225 
THR HG22 H N N 226 
THR HG23 H N N 227 
THR HXT  H N N 228 
TYR N    N N N 229 
TYR CA   C N S 230 
TYR C    C N N 231 
TYR O    O N N 232 
TYR CB   C N N 233 
TYR CG   C Y N 234 
TYR CD1  C Y N 235 
TYR CD2  C Y N 236 
TYR CE1  C Y N 237 
TYR CE2  C Y N 238 
TYR CZ   C Y N 239 
TYR OH   O N N 240 
TYR OXT  O N N 241 
TYR H    H N N 242 
TYR H2   H N N 243 
TYR HA   H N N 244 
TYR HB2  H N N 245 
TYR HB3  H N N 246 
TYR HD1  H N N 247 
TYR HD2  H N N 248 
TYR HE1  H N N 249 
TYR HE2  H N N 250 
TYR HH   H N N 251 
TYR HXT  H N N 252 
VAL N    N N N 253 
VAL CA   C N S 254 
VAL C    C N N 255 
VAL O    O N N 256 
VAL CB   C N N 257 
VAL CG1  C N N 258 
VAL CG2  C N N 259 
VAL OXT  O N N 260 
VAL H    H N N 261 
VAL H2   H N N 262 
VAL HA   H N N 263 
VAL HB   H N N 264 
VAL HG11 H N N 265 
VAL HG12 H N N 266 
VAL HG13 H N N 267 
VAL HG21 H N N 268 
VAL HG22 H N N 269 
VAL HG23 H N N 270 
VAL HXT  H N N 271 
# 
loop_
_chem_comp_bond.comp_id 
_chem_comp_bond.atom_id_1 
_chem_comp_bond.atom_id_2 
_chem_comp_bond.value_order 
_chem_comp_bond.pdbx_aromatic_flag 
_chem_comp_bond.pdbx_stereo_config 
_chem_comp_bond.pdbx_ordinal 
ALA N   CA   sing N N 1   
ALA N   H    sing N N 2   
ALA N   H2   sing N N 3   
ALA CA  C    sing N N 4   
ALA CA  CB   sing N N 5   
ALA CA  HA   sing N N 6   
ALA C   O    doub N N 7   
ALA C   OXT  sing N N 8   
ALA CB  HB1  sing N N 9   
ALA CB  HB2  sing N N 10  
ALA CB  HB3  sing N N 11  
ALA OXT HXT  sing N N 12  
ARG N   CA   sing N N 13  
ARG N   H    sing N N 14  
ARG N   H2   sing N N 15  
ARG CA  C    sing N N 16  
ARG CA  CB   sing N N 17  
ARG CA  HA   sing N N 18  
ARG C   O    doub N N 19  
ARG C   OXT  sing N N 20  
ARG CB  CG   sing N N 21  
ARG CB  HB2  sing N N 22  
ARG CB  HB3  sing N N 23  
ARG CG  CD   sing N N 24  
ARG CG  HG2  sing N N 25  
ARG CG  HG3  sing N N 26  
ARG CD  NE   sing N N 27  
ARG CD  HD2  sing N N 28  
ARG CD  HD3  sing N N 29  
ARG NE  CZ   sing N N 30  
ARG NE  HE   sing N N 31  
ARG CZ  NH1  sing N N 32  
ARG CZ  NH2  doub N N 33  
ARG NH1 HH11 sing N N 34  
ARG NH1 HH12 sing N N 35  
ARG NH2 HH21 sing N N 36  
ARG NH2 HH22 sing N N 37  
ARG OXT HXT  sing N N 38  
ASP N   CA   sing N N 39  
ASP N   H    sing N N 40  
ASP N   H2   sing N N 41  
ASP CA  C    sing N N 42  
ASP CA  CB   sing N N 43  
ASP CA  HA   sing N N 44  
ASP C   O    doub N N 45  
ASP C   OXT  sing N N 46  
ASP CB  CG   sing N N 47  
ASP CB  HB2  sing N N 48  
ASP CB  HB3  sing N N 49  
ASP CG  OD1  doub N N 50  
ASP CG  OD2  sing N N 51  
ASP OD2 HD2  sing N N 52  
ASP OXT HXT  sing N N 53  
GLN N   CA   sing N N 54  
GLN N   H    sing N N 55  
GLN N   H2   sing N N 56  
GLN CA  C    sing N N 57  
GLN CA  CB   sing N N 58  
GLN CA  HA   sing N N 59  
GLN C   O    doub N N 60  
GLN C   OXT  sing N N 61  
GLN CB  CG   sing N N 62  
GLN CB  HB2  sing N N 63  
GLN CB  HB3  sing N N 64  
GLN CG  CD   sing N N 65  
GLN CG  HG2  sing N N 66  
GLN CG  HG3  sing N N 67  
GLN CD  OE1  doub N N 68  
GLN CD  NE2  sing N N 69  
GLN NE2 HE21 sing N N 70  
GLN NE2 HE22 sing N N 71  
GLN OXT HXT  sing N N 72  
GLU N   CA   sing N N 73  
GLU N   H    sing N N 74  
GLU N   H2   sing N N 75  
GLU CA  C    sing N N 76  
GLU CA  CB   sing N N 77  
GLU CA  HA   sing N N 78  
GLU C   O    doub N N 79  
GLU C   OXT  sing N N 80  
GLU CB  CG   sing N N 81  
GLU CB  HB2  sing N N 82  
GLU CB  HB3  sing N N 83  
GLU CG  CD   sing N N 84  
GLU CG  HG2  sing N N 85  
GLU CG  HG3  sing N N 86  
GLU CD  OE1  doub N N 87  
GLU CD  OE2  sing N N 88  
GLU OE2 HE2  sing N N 89  
GLU OXT HXT  sing N N 90  
GLY N   CA   sing N N 91  
GLY N   H    sing N N 92  
GLY N   H2   sing N N 93  
GLY CA  C    sing N N 94  
GLY CA  HA2  sing N N 95  
GLY CA  HA3  sing N N 96  
GLY C   O    doub N N 97  
GLY C   OXT  sing N N 98  
GLY OXT HXT  sing N N 99  
HOH O   H1   sing N N 100 
HOH O   H2   sing N N 101 
ILE N   CA   sing N N 102 
ILE N   H    sing N N 103 
ILE N   H2   sing N N 104 
ILE CA  C    sing N N 105 
ILE CA  CB   sing N N 106 
ILE CA  HA   sing N N 107 
ILE C   O    doub N N 108 
ILE C   OXT  sing N N 109 
ILE CB  CG1  sing N N 110 
ILE CB  CG2  sing N N 111 
ILE CB  HB   sing N N 112 
ILE CG1 CD1  sing N N 113 
ILE CG1 HG12 sing N N 114 
ILE CG1 HG13 sing N N 115 
ILE CG2 HG21 sing N N 116 
ILE CG2 HG22 sing N N 117 
ILE CG2 HG23 sing N N 118 
ILE CD1 HD11 sing N N 119 
ILE CD1 HD12 sing N N 120 
ILE CD1 HD13 sing N N 121 
ILE OXT HXT  sing N N 122 
LEU N   CA   sing N N 123 
LEU N   H    sing N N 124 
LEU N   H2   sing N N 125 
LEU CA  C    sing N N 126 
LEU CA  CB   sing N N 127 
LEU CA  HA   sing N N 128 
LEU C   O    doub N N 129 
LEU C   OXT  sing N N 130 
LEU CB  CG   sing N N 131 
LEU CB  HB2  sing N N 132 
LEU CB  HB3  sing N N 133 
LEU CG  CD1  sing N N 134 
LEU CG  CD2  sing N N 135 
LEU CG  HG   sing N N 136 
LEU CD1 HD11 sing N N 137 
LEU CD1 HD12 sing N N 138 
LEU CD1 HD13 sing N N 139 
LEU CD2 HD21 sing N N 140 
LEU CD2 HD22 sing N N 141 
LEU CD2 HD23 sing N N 142 
LEU OXT HXT  sing N N 143 
LYS N   CA   sing N N 144 
LYS N   H    sing N N 145 
LYS N   H2   sing N N 146 
LYS CA  C    sing N N 147 
LYS CA  CB   sing N N 148 
LYS CA  HA   sing N N 149 
LYS C   O    doub N N 150 
LYS C   OXT  sing N N 151 
LYS CB  CG   sing N N 152 
LYS CB  HB2  sing N N 153 
LYS CB  HB3  sing N N 154 
LYS CG  CD   sing N N 155 
LYS CG  HG2  sing N N 156 
LYS CG  HG3  sing N N 157 
LYS CD  CE   sing N N 158 
LYS CD  HD2  sing N N 159 
LYS CD  HD3  sing N N 160 
LYS CE  NZ   sing N N 161 
LYS CE  HE2  sing N N 162 
LYS CE  HE3  sing N N 163 
LYS NZ  HZ1  sing N N 164 
LYS NZ  HZ2  sing N N 165 
LYS NZ  HZ3  sing N N 166 
LYS OXT HXT  sing N N 167 
MET N   CA   sing N N 168 
MET N   H    sing N N 169 
MET N   H2   sing N N 170 
MET CA  C    sing N N 171 
MET CA  CB   sing N N 172 
MET CA  HA   sing N N 173 
MET C   O    doub N N 174 
MET C   OXT  sing N N 175 
MET CB  CG   sing N N 176 
MET CB  HB2  sing N N 177 
MET CB  HB3  sing N N 178 
MET CG  SD   sing N N 179 
MET CG  HG2  sing N N 180 
MET CG  HG3  sing N N 181 
MET SD  CE   sing N N 182 
MET CE  HE1  sing N N 183 
MET CE  HE2  sing N N 184 
MET CE  HE3  sing N N 185 
MET OXT HXT  sing N N 186 
SER N   CA   sing N N 187 
SER N   H    sing N N 188 
SER N   H2   sing N N 189 
SER CA  C    sing N N 190 
SER CA  CB   sing N N 191 
SER CA  HA   sing N N 192 
SER C   O    doub N N 193 
SER C   OXT  sing N N 194 
SER CB  OG   sing N N 195 
SER CB  HB2  sing N N 196 
SER CB  HB3  sing N N 197 
SER OG  HG   sing N N 198 
SER OXT HXT  sing N N 199 
THR N   CA   sing N N 200 
THR N   H    sing N N 201 
THR N   H2   sing N N 202 
THR CA  C    sing N N 203 
THR CA  CB   sing N N 204 
THR CA  HA   sing N N 205 
THR C   O    doub N N 206 
THR C   OXT  sing N N 207 
THR CB  OG1  sing N N 208 
THR CB  CG2  sing N N 209 
THR CB  HB   sing N N 210 
THR OG1 HG1  sing N N 211 
THR CG2 HG21 sing N N 212 
THR CG2 HG22 sing N N 213 
THR CG2 HG23 sing N N 214 
THR OXT HXT  sing N N 215 
TYR N   CA   sing N N 216 
TYR N   H    sing N N 217 
TYR N   H2   sing N N 218 
TYR CA  C    sing N N 219 
TYR CA  CB   sing N N 220 
TYR CA  HA   sing N N 221 
TYR C   O    doub N N 222 
TYR C   OXT  sing N N 223 
TYR CB  CG   sing N N 224 
TYR CB  HB2  sing N N 225 
TYR CB  HB3  sing N N 226 
TYR CG  CD1  doub Y N 227 
TYR CG  CD2  sing Y N 228 
TYR CD1 CE1  sing Y N 229 
TYR CD1 HD1  sing N N 230 
TYR CD2 CE2  doub Y N 231 
TYR CD2 HD2  sing N N 232 
TYR CE1 CZ   doub Y N 233 
TYR CE1 HE1  sing N N 234 
TYR CE2 CZ   sing Y N 235 
TYR CE2 HE2  sing N N 236 
TYR CZ  OH   sing N N 237 
TYR OH  HH   sing N N 238 
TYR OXT HXT  sing N N 239 
VAL N   CA   sing N N 240 
VAL N   H    sing N N 241 
VAL N   H2   sing N N 242 
VAL CA  C    sing N N 243 
VAL CA  CB   sing N N 244 
VAL CA  HA   sing N N 245 
VAL C   O    doub N N 246 
VAL C   OXT  sing N N 247 
VAL CB  CG1  sing N N 248 
VAL CB  CG2  sing N N 249 
VAL CB  HB   sing N N 250 
VAL CG1 HG11 sing N N 251 
VAL CG1 HG12 sing N N 252 
VAL CG1 HG13 sing N N 253 
VAL CG2 HG21 sing N N 254 
VAL CG2 HG22 sing N N 255 
VAL CG2 HG23 sing N N 256 
VAL OXT HXT  sing N N 257 
# 
_pdbx_audit_support.funding_organization   'Agence Nationale de la Recherche (ANR)' 
_pdbx_audit_support.country                France 
_pdbx_audit_support.grant_number           ANR-17-CE11-0029-01 
_pdbx_audit_support.ordinal                1 
# 
_atom_sites.entry_id                    8ARD 
_atom_sites.Cartn_transf_matrix[1][1]   ? 
_atom_sites.Cartn_transf_matrix[1][2]   ? 
_atom_sites.Cartn_transf_matrix[1][3]   ? 
_atom_sites.Cartn_transf_matrix[2][1]   ? 
_atom_sites.Cartn_transf_matrix[2][2]   ? 
_atom_sites.Cartn_transf_matrix[2][3]   ? 
_atom_sites.Cartn_transf_matrix[3][1]   ? 
_atom_sites.Cartn_transf_matrix[3][2]   ? 
_atom_sites.Cartn_transf_matrix[3][3]   ? 
_atom_sites.Cartn_transf_vector[1]      ? 
_atom_sites.Cartn_transf_vector[2]      ? 
_atom_sites.Cartn_transf_vector[3]      ? 
_atom_sites.fract_transf_matrix[1][1]   -0.00801689 
_atom_sites.fract_transf_matrix[1][2]   -0.02800239 
_atom_sites.fract_transf_matrix[1][3]   0.02637298 
_atom_sites.fract_transf_matrix[2][1]   0.01269707 
_atom_sites.fract_transf_matrix[2][2]   0.00364979 
_atom_sites.fract_transf_matrix[2][3]   0.03700545 
_atom_sites.fract_transf_matrix[3][1]   -0.00286448 
_atom_sites.fract_transf_matrix[3][2]   0.00159736 
_atom_sites.fract_transf_matrix[3][3]   0.00082530 
_atom_sites.fract_transf_vector[1]      -0.027121 
_atom_sites.fract_transf_vector[2]      0.496292 
_atom_sites.fract_transf_vector[3]      0.028974 
_atom_sites.solution_primary            ? 
_atom_sites.solution_secondary          ? 
_atom_sites.solution_hydrogens          ? 
_atom_sites.special_details             ? 
# 
loop_
_atom_type.symbol 
C 
H 
N 
O 
S 
# 
loop_
_atom_site.group_PDB 
_atom_site.id 
_atom_site.type_symbol 
_atom_site.label_atom_id 
_atom_site.label_alt_id 
_atom_site.label_comp_id 
_atom_site.label_asym_id 
_atom_site.label_entity_id 
_atom_site.label_seq_id 
_atom_site.pdbx_PDB_ins_code 
_atom_site.Cartn_x 
_atom_site.Cartn_y 
_atom_site.Cartn_z 
_atom_site.occupancy 
_atom_site.B_iso_or_equiv 
_atom_site.pdbx_formal_charge 
_atom_site.auth_seq_id 
_atom_site.auth_comp_id 
_atom_site.auth_asym_id 
_atom_site.auth_atom_id 
_atom_site.pdbx_PDB_model_num 
ATOM   1    N N    . ILE A 1 5  ? -41.102 19.705  4.280   1 60.29  ?  876  ILE A N    1 
ATOM   2    C CA   . ILE A 1 5  ? -42.043 18.958  3.444   1 60.59  ?  876  ILE A CA   1 
ATOM   3    C C    . ILE A 1 5  ? -41.176 18.051  2.499   1 60.09  ?  876  ILE A C    1 
ATOM   4    O O    . ILE A 1 5  ? -40.345 17.321  3.048   1 60.28  ?  876  ILE A O    1 
ATOM   5    C CB   . ILE A 1 5  ? -43.077 19.957  2.781   1 61.39  ?  876  ILE A CB   1 
ATOM   6    C CG1  . ILE A 1 5  ? -42.365 21.160  2.054   1 62.22  ?  876  ILE A CG1  1 
ATOM   7    C CG2  . ILE A 1 5  ? -44.137 20.421  3.806   1 62.21  ?  876  ILE A CG2  1 
ATOM   8    C CD1  . ILE A 1 5  ? -42.111 22.525  2.838   1 63.45  ?  876  ILE A CD1  1 
ATOM   9    H H    . ILE A 1 5  ? -40.202 19.895  3.850   0 70.28  ?  876  ILE A H    1 
ATOM   10   H HA   . ILE A 1 5  ? -42.593 18.272  4.087   0 69     ?  876  ILE A HA   1 
ATOM   11   H HB   . ILE A 1 5  ? -43.608 19.399  2.012   0 65.38  ?  876  ILE A HB   1 
ATOM   12   H HG12 . ILE A 1 5  ? -41.388 20.821  1.714   0 67.83  ?  876  ILE A HG12 1 
ATOM   13   H HG13 . ILE A 1 5  ? -42.964 21.417  1.181   0 66.89  ?  876  ILE A HG13 1 
ATOM   14   H HG21 . ILE A 1 5  ? -43.646 20.805  4.699   0 74.46  ?  876  ILE A HG21 1 
ATOM   15   H HG22 . ILE A 1 5  ? -44.760 21.192  3.355   0 70.8   ?  876  ILE A HG22 1 
ATOM   16   H HG23 . ILE A 1 5  ? -44.756 19.565  4.071   0 71.16  ?  876  ILE A HG23 1 
ATOM   17   H HD11 . ILE A 1 5  ? -41.656 22.304  3.803   0 76.22  ?  876  ILE A HD11 1 
ATOM   18   H HD12 . ILE A 1 5  ? -41.439 23.144  2.247   0 73.99  ?  876  ILE A HD12 1 
ATOM   19   H HD13 . ILE A 1 5  ? -43.054 23.053  2.975   0 74.55  ?  876  ILE A HD13 1 
ATOM   20   N N    . SER A 1 6  ? -41.320 18.066  1.141   1 59.04  ?  877  SER A N    1 
ATOM   21   C CA   . SER A 1 6  ? -40.390 17.336  0.275   1 58.13  ?  877  SER A CA   1 
ATOM   22   C C    . SER A 1 6  ? -38.967 17.975  0.352   1 56.46  ?  877  SER A C    1 
ATOM   23   O O    . SER A 1 6  ? -38.014 17.380  -0.132  1 56.36  ?  877  SER A O    1 
ATOM   24   C CB   . SER A 1 6  ? -40.892 17.321  -1.168  1 59.88  ?  877  SER A CB   1 
ATOM   25   O OG   . SER A 1 6  ? -41.385 18.579  -1.598  1 62.76  ?  877  SER A OG   1 
ATOM   26   H H    . SER A 1 6  ? -42.048 18.545  0.622   0 60.02  ?  877  SER A H    1 
ATOM   27   H HA   . SER A 1 6  ? -40.319 16.302  0.611   0 58.09  ?  877  SER A HA   1 
ATOM   28   H HB2  . SER A 1 6  ? -40.072 17.029  -1.821  0 57.05  ?  877  SER A HB2  1 
ATOM   29   H HB3  . SER A 1 6  ? -41.697 16.591  -1.245  0 57.35  ?  877  SER A HB3  1 
ATOM   30   H HG   . SER A 1 6  ? -40.715 19.295  -1.445  0 61.86  ?  877  SER A HG   1 
ATOM   31   N N    . ILE A 1 7  ? -38.835 19.172  0.963   1 54.96  ?  878  ILE A N    1 
ATOM   32   C CA   . ILE A 1 7  ? -37.577 19.854  1.201   1 54.2   ?  878  ILE A CA   1 
ATOM   33   C C    . ILE A 1 7  ? -36.819 19.053  2.265   1 53.33  ?  878  ILE A C    1 
ATOM   34   O O    . ILE A 1 7  ? -35.660 18.727  2.054   1 53.31  ?  878  ILE A O    1 
ATOM   35   C CB   . ILE A 1 7  ? -37.821 21.349  1.632   1 54.64  ?  878  ILE A CB   1 
ATOM   36   C CG1  . ILE A 1 7  ? -38.170 22.211  0.390   1 55.7   ?  878  ILE A CG1  1 
ATOM   37   C CG2  . ILE A 1 7  ? -36.623 21.939  2.397   1 55     ?  878  ILE A CG2  1 
ATOM   38   C CD1  . ILE A 1 7  ? -38.716 23.622  0.688   1 56.81  ?  878  ILE A CD1  1 
ATOM   39   H H    . ILE A 1 7  ? -39.625 19.703  1.313   0 59.05  ?  878  ILE A H    1 
ATOM   40   H HA   . ILE A 1 7  ? -36.990 19.845  0.283   0 57.91  ?  878  ILE A HA   1 
ATOM   41   H HB   . ILE A 1 7  ? -38.664 21.406  2.320   0 63.9   ?  878  ILE A HB   1 
ATOM   42   H HG12 . ILE A 1 7  ? -37.266 22.332  -0.207  0 62.94  ?  878  ILE A HG12 1 
ATOM   43   H HG13 . ILE A 1 7  ? -38.924 21.689  -0.196  0 60.57  ?  878  ILE A HG13 1 
ATOM   44   H HG21 . ILE A 1 7  ? -36.783 22.996  2.598   0 69.56  ?  878  ILE A HG21 1 
ATOM   45   H HG22 . ILE A 1 7  ? -36.503 21.427  3.350   0 68.25  ?  878  ILE A HG22 1 
ATOM   46   H HG23 . ILE A 1 7  ? -35.732 21.817  1.785   0 65.95  ?  878  ILE A HG23 1 
ATOM   47   H HD11 . ILE A 1 7  ? -39.361 23.938  -0.129  0 66.01  ?  878  ILE A HD11 1 
ATOM   48   H HD12 . ILE A 1 7  ? -39.267 23.603  1.626   0 68.53  ?  878  ILE A HD12 1 
ATOM   49   H HD13 . ILE A 1 7  ? -37.873 24.307  0.777   0 69.74  ?  878  ILE A HD13 1 
ATOM   50   N N    . ASP A 1 8  ? -37.467 18.736  3.404   1 52.4   ?  879  ASP A N    1 
ATOM   51   C CA   . ASP A 1 8  ? -36.826 17.995  4.497   1 51.94  ?  879  ASP A CA   1 
ATOM   52   C C    . ASP A 1 8  ? -36.507 16.549  4.142   1 51.15  ?  879  ASP A C    1 
ATOM   53   O O    . ASP A 1 8  ? -35.548 15.999  4.686   1 51.4   ?  879  ASP A O    1 
ATOM   54   C CB   . ASP A 1 8  ? -37.666 18.068  5.781   1 53.66  ?  879  ASP A CB   1 
ATOM   55   C CG   . ASP A 1 8  ? -37.762 19.464  6.371   1 58.46  ?  879  ASP A CG   1 
ATOM   56   O OD1  . ASP A 1 8  ? -36.892 20.306  6.054   1 59.62  ?  879  ASP A OD1  1 
ATOM   57   O OD2  . ASP A 1 8  ? -38.698 19.714  7.152   1 60.25  -1 879  ASP A OD2  1 
ATOM   58   H H    . ASP A 1 8  ? -38.432 18.984  3.597   0 61.27  ?  879  ASP A H    1 
ATOM   59   H HA   . ASP A 1 8  ? -35.866 18.463  4.708   0 64.33  ?  879  ASP A HA   1 
ATOM   60   H HB2  . ASP A 1 8  ? -38.677 17.723  5.568   0 66.83  ?  879  ASP A HB2  1 
ATOM   61   H HB3  . ASP A 1 8  ? -37.210 17.424  6.532   0 70.18  ?  879  ASP A HB3  1 
ATOM   62   N N    . ALA A 1 9  ? -37.288 15.927  3.245   1 49.99  ?  880  ALA A N    1 
ATOM   63   C CA   . ALA A 1 9  ? -36.994 14.571  2.777   1 49.23  ?  880  ALA A CA   1 
ATOM   64   C C    . ALA A 1 9  ? -35.730 14.610  1.893   1 48.34  ?  880  ALA A C    1 
ATOM   65   O O    . ALA A 1 9  ? -34.866 13.741  2.000   1 48.37  ?  880  ALA A O    1 
ATOM   66   C CB   . ALA A 1 9  ? -38.169 14.032  1.975   1 49.25  ?  880  ALA A CB   1 
ATOM   67   H H    . ALA A 1 9  ? -38.132 16.319  2.838   0 54.62  ?  880  ALA A H    1 
ATOM   68   H HA   . ALA A 1 9  ? -36.815 13.910  3.624   0 54.94  ?  880  ALA A HA   1 
ATOM   69   H HB1  . ALA A 1 9  ? -38.020 12.967  1.799   0 50.99  ?  880  ALA A HB1  1 
ATOM   70   H HB2  . ALA A 1 9  ? -39.091 14.195  2.532   0 52.53  ?  880  ALA A HB2  1 
ATOM   71   H HB3  . ALA A 1 9  ? -38.217 14.559  1.024   0 49.51  ?  880  ALA A HB3  1 
ATOM   72   N N    . LEU A 1 10 ? -35.627 15.647  1.046   1 47.43  ?  881  LEU A N    1 
ATOM   73   C CA   . LEU A 1 10 ? -34.519 15.867  0.135   1 47.07  ?  881  LEU A CA   1 
ATOM   74   C C    . LEU A 1 10 ? -33.263 16.288  0.888   1 46.25  ?  881  LEU A C    1 
ATOM   75   O O    . LEU A 1 10 ? -32.182 15.885  0.483   1 46.18  ?  881  LEU A O    1 
ATOM   76   C CB   . LEU A 1 10 ? -34.921 16.928  -0.903  1 47.64  ?  881  LEU A CB   1 
ATOM   77   C CG   . LEU A 1 10 ? -34.079 17.097  -2.157  1 49.9   ?  881  LEU A CG   1 
ATOM   78   C CD1  . LEU A 1 10 ? -33.889 15.767  -2.911  1 50.59  ?  881  LEU A CD1  1 
ATOM   79   C CD2  . LEU A 1 10 ? -34.731 18.108  -3.071  1 50.73  ?  881  LEU A CD2  1 
ATOM   80   H H    . LEU A 1 10 ? -36.342 16.367  0.995   0 48.64  ?  881  LEU A H    1 
ATOM   81   H HA   . LEU A 1 10 ? -34.308 14.920  -0.357  0 45.62  ?  881  LEU A HA   1 
ATOM   82   H HB2  . LEU A 1 10 ? -35.927 16.690  -1.244  0 46     ?  881  LEU A HB2  1 
ATOM   83   H HB3  . LEU A 1 10 ? -34.937 17.892  -0.399  0 48.64  ?  881  LEU A HB3  1 
ATOM   84   H HG   . LEU A 1 10 ? -33.095 17.474  -1.879  0 49.52  ?  881  LEU A HG   1 
ATOM   85   H HD11 . LEU A 1 10 ? -33.554 15.970  -3.927  0 47.23  ?  881  LEU A HD11 1 
ATOM   86   H HD12 . LEU A 1 10 ? -33.134 15.167  -2.406  0 47.45  ?  881  LEU A HD12 1 
ATOM   87   H HD13 . LEU A 1 10 ? -34.838 15.232  -2.931  0 46.79  ?  881  LEU A HD13 1 
ATOM   88   H HD21 . LEU A 1 10 ? -34.029 18.372  -3.862  0 49.86  ?  881  LEU A HD21 1 
ATOM   89   H HD22 . LEU A 1 10 ? -35.627 17.666  -3.504  0 48.41  ?  881  LEU A HD22 1 
ATOM   90   H HD23 . LEU A 1 10 ? -34.996 18.992  -2.493  0 50.95  ?  881  LEU A HD23 1 
ATOM   91   N N    . MET A 1 11 ? -33.387 17.046  1.998   1 45.43  ?  882  MET A N    1 
ATOM   92   C CA   . MET A 1 11 ? -32.224 17.403  2.823   1 45.34  ?  882  MET A CA   1 
ATOM   93   C C    . MET A 1 11 ? -31.649 16.124  3.437   1 44.74  ?  882  MET A C    1 
ATOM   94   O O    . MET A 1 11 ? -30.436 15.931  3.424   1 44.53  ?  882  MET A O    1 
ATOM   95   C CB   . MET A 1 11 ? -32.599 18.378  3.963   1 46.25  ?  882  MET A CB   1 
ATOM   96   C CG   . MET A 1 11 ? -32.658 19.830  3.558   1 49.57  ?  882  MET A CG   1 
ATOM   97   S SD   . MET A 1 11 ? -32.853 20.901  5.004   1 59.29  ?  882  MET A SD   1 
ATOM   98   C CE   . MET A 1 11 ? -33.451 22.397  4.237   1 57.75  ?  882  MET A CE   1 
ATOM   99   H H    . MET A 1 11 ? -34.261 17.443  2.329   0 51.05  ?  882  MET A H    1 
ATOM   100  H HA   . MET A 1 11 ? -31.463 17.860  2.192   0 52.68  ?  882  MET A HA   1 
ATOM   101  H HB2  . MET A 1 11 ? -33.570 18.104  4.373   0 58.27  ?  882  MET A HB2  1 
ATOM   102  H HB3  . MET A 1 11 ? -31.844 18.293  4.744   0 60.64  ?  882  MET A HB3  1 
ATOM   103  H HG2  . MET A 1 11 ? -31.740 20.105  3.040   0 62.89  ?  882  MET A HG2  1 
ATOM   104  H HG3  . MET A 1 11 ? -33.524 19.974  2.914   0 60.98  ?  882  MET A HG3  1 
ATOM   105  H HE1  . MET A 1 11 ? -33.763 23.094  5.013   0 82.02  ?  882  MET A HE1  1 
ATOM   106  H HE2  . MET A 1 11 ? -32.651 22.836  3.642   0 78.44  ?  882  MET A HE2  1 
ATOM   107  H HE3  . MET A 1 11 ? -34.297 22.151  3.597   0 75     ?  882  MET A HE3  1 
ATOM   108  N N    . ALA A 1 12 ? -32.532 15.250  3.952   1 44.23  ?  883  ALA A N    1 
ATOM   109  C CA   . ALA A 1 12 ? -32.151 13.964  4.525   1 44.05  ?  883  ALA A CA   1 
ATOM   110  C C    . ALA A 1 12 ? -31.504 13.067  3.465   1 43.7   ?  883  ALA A C    1 
ATOM   111  O O    . ALA A 1 12 ? -30.537 12.378  3.773   1 44.11  ?  883  ALA A O    1 
ATOM   112  C CB   . ALA A 1 12 ? -33.371 13.273  5.115   1 44.09  ?  883  ALA A CB   1 
ATOM   113  H H    . ALA A 1 12 ? -33.531 15.429  3.999   0 52.08  ?  883  ALA A H    1 
ATOM   114  H HA   . ALA A 1 12 ? -31.427 14.125  5.324   0 55.18  ?  883  ALA A HA   1 
ATOM   115  H HB1  . ALA A 1 12 ? -33.066 12.319  5.541   0 54.87  ?  883  ALA A HB1  1 
ATOM   116  H HB2  . ALA A 1 12 ? -33.796 13.908  5.892   0 56.48  ?  883  ALA A HB2  1 
ATOM   117  H HB3  . ALA A 1 12 ? -34.104 13.112  4.326   0 51.47  ?  883  ALA A HB3  1 
ATOM   118  N N    . LYS A 1 13 ? -32.010 13.086  2.222   1 42.83  ?  884  LYS A N    1 
ATOM   119  C CA   . LYS A 1 13 ? -31.450 12.277  1.144   1 42.53  ?  884  LYS A CA   1 
ATOM   120  C C    . LYS A 1 13 ? -30.061 12.779  0.749   1 41.99  ?  884  LYS A C    1 
ATOM   121  O O    . LYS A 1 13 ? -29.191 11.971  0.455   1 41.85  ?  884  LYS A O    1 
ATOM   122  C CB   . LYS A 1 13 ? -32.391 12.277  -0.068  1 44.46  ?  884  LYS A CB   1 
ATOM   123  C CG   . LYS A 1 13 ? -32.174 11.124  -1.047  1 49.11  ?  884  LYS A CG   1 
ATOM   124  C CD   . LYS A 1 13 ? -31.328 11.502  -2.262  1 54.07  ?  884  LYS A CD   1 
ATOM   125  C CE   . LYS A 1 13 ? -31.736 10.790  -3.524  1 58.02  ?  884  LYS A CE   1 
ATOM   126  N NZ   . LYS A 1 13 ? -33.036 11.285  -4.070  1 59.74  ?  884  LYS A NZ   1 
ATOM   127  H H    . LYS A 1 13 ? -32.805 13.647  1.933   0 44.79  ?  884  LYS A H    1 
ATOM   128  H HA   . LYS A 1 13 ? -31.344 11.255  1.507   0 43.16  ?  884  LYS A HA   1 
ATOM   129  H HB2  . LYS A 1 13 ? -33.413 12.180  0.293   0 43.17  ?  884  LYS A HB2  1 
ATOM   130  H HB3  . LYS A 1 13 ? -32.287 13.228  -0.589  0 42.19  ?  884  LYS A HB3  1 
ATOM   131  H HG2  . LYS A 1 13 ? -31.668 10.302  -0.545  0 46.77  ?  884  LYS A HG2  1 
ATOM   132  H HG3  . LYS A 1 13 ? -33.151 10.788  -1.390  0 45.96  ?  884  LYS A HG3  1 
ATOM   133  H HD2  . LYS A 1 13 ? -31.398 12.573  -2.452  0 49.92  ?  884  LYS A HD2  1 
ATOM   134  H HD3  . LYS A 1 13 ? -30.292 11.237  -2.058  0 50.04  ?  884  LYS A HD3  1 
ATOM   135  H HE2  . LYS A 1 13 ? -30.970 10.949  -4.283  0 53.11  ?  884  LYS A HE2  1 
ATOM   136  H HE3  . LYS A 1 13 ? -31.839 9.727   -3.315  0 53.8   ?  884  LYS A HE3  1 
ATOM   137  H HZ1  . LYS A 1 13 ? -33.151 10.960  -5.025  0 55.11  ?  884  LYS A HZ1  1 
ATOM   138  H HZ2  . LYS A 1 13 ? -33.812 10.933  -3.519  0 55.33  ?  884  LYS A HZ2  1 
ATOM   139  H HZ3  . LYS A 1 13 ? -33.061 12.300  -4.064  0 54.87  ?  884  LYS A HZ3  1 
ATOM   140  N N    . ILE A 1 14 ? -29.848 14.101  0.758   1 41.53  ?  885  ILE A N    1 
ATOM   141  C CA   . ILE A 1 14 ? -28.541 14.686  0.451   1 41.48  ?  885  ILE A CA   1 
ATOM   142  C C    . ILE A 1 14 ? -27.545 14.298  1.557   1 41.55  ?  885  ILE A C    1 
ATOM   143  O O    . ILE A 1 14 ? -26.400 13.984  1.258   1 41.47  ?  885  ILE A O    1 
ATOM   144  C CB   . ILE A 1 14 ? -28.642 16.230  0.272   1 41.71  ?  885  ILE A CB   1 
ATOM   145  C CG1  . ILE A 1 14 ? -29.400 16.575  -1.027  1 42.58  ?  885  ILE A CG1  1 
ATOM   146  C CG2  . ILE A 1 14 ? -27.241 16.880  0.261   1 42.13  ?  885  ILE A CG2  1 
ATOM   147  C CD1  . ILE A 1 14 ? -30.007 17.973  -1.074  1 43.76  ?  885  ILE A CD1  1 
ATOM   148  H H    . ILE A 1 14 ? -30.562 14.788  0.977   0 42.99  ?  885  ILE A H    1 
ATOM   149  H HA   . ILE A 1 14 ? -28.177 14.268  -0.486  0 41.07  ?  885  ILE A HA   1 
ATOM   150  H HB   . ILE A 1 14 ? -29.196 16.645  1.114   0 46.31  ?  885  ILE A HB   1 
ATOM   151  H HG12 . ILE A 1 14 ? -28.707 16.494  -1.864  0 43.17  ?  885  ILE A HG12 1 
ATOM   152  H HG13 . ILE A 1 14 ? -30.218 15.872  -1.170  0 42.26  ?  885  ILE A HG13 1 
ATOM   153  H HG21 . ILE A 1 14 ? -27.286 17.885  -0.155  0 48.1   ?  885  ILE A HG21 1 
ATOM   154  H HG22 . ILE A 1 14 ? -26.867 16.947  1.282   0 49.02  ?  885  ILE A HG22 1 
ATOM   155  H HG23 . ILE A 1 14 ? -26.571 16.267  -0.339  0 45.4   ?  885  ILE A HG23 1 
ATOM   156  H HD11 . ILE A 1 14 ? -30.646 18.047  -1.953  0 45.53  ?  885  ILE A HD11 1 
ATOM   157  H HD12 . ILE A 1 14 ? -30.598 18.115  -0.171  0 47.77  ?  885  ILE A HD12 1 
ATOM   158  H HD13 . ILE A 1 14 ? -29.220 18.722  -1.131  0 48.61  ?  885  ILE A HD13 1 
ATOM   159  N N    . LYS A 1 15 ? -27.977 14.328  2.826   1 41.41  ?  886  LYS A N    1 
ATOM   160  C CA   . LYS A 1 15 ? -27.127 13.962  3.956   1 41.78  ?  886  LYS A CA   1 
ATOM   161  C C    . LYS A 1 15 ? -26.784 12.474  3.903   1 41.59  ?  886  LYS A C    1 
ATOM   162  O O    . LYS A 1 15 ? -25.648 12.098  4.194   1 41.83  ?  886  LYS A O    1 
ATOM   163  C CB   . LYS A 1 15 ? -27.835 14.294  5.278   1 44.3   ?  886  LYS A CB   1 
ATOM   164  C CG   . LYS A 1 15 ? -26.986 14.043  6.524   1 49.74  ?  886  LYS A CG   1 
ATOM   165  C CD   . LYS A 1 15 ? -27.827 14.072  7.794   1 55.57  ?  886  LYS A CD   1 
ATOM   166  C CE   . LYS A 1 15 ? -27.151 13.378  8.954   1 60.04  ?  886  LYS A CE   1 
ATOM   167  N NZ   . LYS A 1 15 ? -28.007 13.415  10.175  1 62.47  ?  886  LYS A NZ   1 
ATOM   168  H H    . LYS A 1 15 ? -28.908 14.623  3.106   0 47.73  ?  886  LYS A H    1 
ATOM   169  H HA   . LYS A 1 15 ? -26.199 14.529  3.911   0 51.22  ?  886  LYS A HA   1 
ATOM   170  H HB2  . LYS A 1 15 ? -28.110 15.347  5.272   0 57.81  ?  886  LYS A HB2  1 
ATOM   171  H HB3  . LYS A 1 15 ? -28.731 13.679  5.346   0 55.86  ?  886  LYS A HB3  1 
ATOM   172  H HG2  . LYS A 1 15 ? -26.503 13.069  6.471   0 65.11  ?  886  LYS A HG2  1 
ATOM   173  H HG3  . LYS A 1 15 ? -26.232 14.826  6.602   0 67.85  ?  886  LYS A HG3  1 
ATOM   174  H HD2  . LYS A 1 15 ? -28.001 15.109  8.079   0 78.66  ?  886  LYS A HD2  1 
ATOM   175  H HD3  . LYS A 1 15 ? -28.775 13.569  7.618   0 74.8   ?  886  LYS A HD3  1 
ATOM   176  H HE2  . LYS A 1 15 ? -26.971 12.335  8.697   0 82.94  ?  886  LYS A HE2  1 
ATOM   177  H HE3  . LYS A 1 15 ? -26.212 13.880  9.180   0 86.84  ?  886  LYS A HE3  1 
ATOM   178  H HZ1  . LYS A 1 15 ? -27.542 12.939  10.940  0 95.69  ?  886  LYS A HZ1  1 
ATOM   179  H HZ2  . LYS A 1 15 ? -28.184 14.378  10.445  0 94.7   ?  886  LYS A HZ2  1 
ATOM   180  H HZ3  . LYS A 1 15 ? -28.894 12.956  9.991   0 90.95  ?  886  LYS A HZ3  1 
ATOM   181  N N    . SER A 1 16 ? -27.765 11.632  3.552   1 40.97  ?  887  SER A N    1 
ATOM   182  C CA   . SER A 1 16 ? -27.571 10.184  3.440   1 40.7   ?  887  SER A CA   1 
ATOM   183  C C    . SER A 1 16 ? -26.590 9.850   2.289   1 39.89  ?  887  SER A C    1 
ATOM   184  O O    . SER A 1 16 ? -25.720 9.001   2.478   1 40.04  ?  887  SER A O    1 
ATOM   185  C CB   . SER A 1 16 ? -28.924 9.465   3.305   1 42.29  ?  887  SER A CB   1 
ATOM   186  O OG   . SER A 1 16 ? -28.973 8.435   2.332   1 45.09  ?  887  SER A OG   1 
ATOM   187  H H    . SER A 1 16 ? -28.714 11.934  3.357   0 45.85  ?  887  SER A H    1 
ATOM   188  H HA   . SER A 1 16 ? -27.114 9.830   4.363   0 47.66  ?  887  SER A HA   1 
ATOM   189  H HB2  . SER A 1 16 ? -29.158 9.020   4.271   0 49.22  ?  887  SER A HB2  1 
ATOM   190  H HB3  . SER A 1 16 ? -29.705 10.179  3.050   0 46.06  ?  887  SER A HB3  1 
ATOM   191  H HG   . SER A 1 16 ? -29.879 8.028   2.312   0 48     ?  887  SER A HG   1 
ATOM   192  N N    . THR A 1 17 ? -26.704 10.524  1.122   1 38.91  ?  888  THR A N    1 
ATOM   193  C CA   . THR A 1 17 ? -25.802 10.291  -0.017  1 38.53  ?  888  THR A CA   1 
ATOM   194  C C    . THR A 1 17 ? -24.376 10.741  0.277   1 38.35  ?  888  THR A C    1 
ATOM   195  O O    . THR A 1 17 ? -23.426 10.117  -0.202  1 38.31  ?  888  THR A O    1 
ATOM   196  C CB   . THR A 1 17 ? -26.338 10.967  -1.279  1 39.34  ?  888  THR A CB   1 
ATOM   197  O OG1  . THR A 1 17 ? -27.670 10.511  -1.496  1 40.19  ?  888  THR A OG1  1 
ATOM   198  C CG2  . THR A 1 17 ? -25.501 10.655  -2.520  1 39.62  ?  888  THR A CG2  1 
ATOM   199  H H    . THR A 1 17 ? -27.414 11.224  0.933   0 38.68  ?  888  THR A H    1 
ATOM   200  H HA   . THR A 1 17 ? -25.770 9.220   -0.214  0 36.29  ?  888  THR A HA   1 
ATOM   201  H HB   . THR A 1 17 ? -26.336 12.047  -1.135  0 36.91  ?  888  THR A HB   1 
ATOM   202  H HG1  . THR A 1 17 ? -28.323 11.078  -1.009  0 37.16  ?  888  THR A HG1  1 
ATOM   203  H HG21 . THR A 1 17 ? -26.064 10.908  -3.417  0 35.1   ?  888  THR A HG21 1 
ATOM   204  H HG22 . THR A 1 17 ? -24.581 11.239  -2.516  0 35.98  ?  888  THR A HG22 1 
ATOM   205  H HG23 . THR A 1 17 ? -25.250 9.595   -2.545  0 35.26  ?  888  THR A HG23 1 
ATOM   206  N N    . MET A 1 18 ? -24.221 11.815  1.057   1 37.96  ?  889  MET A N    1 
ATOM   207  C CA   . MET A 1 18 ? -22.891 12.297  1.422   1 38.19  ?  889  MET A CA   1 
ATOM   208  C C    . MET A 1 18 ? -22.194 11.295  2.330   1 38.41  ?  889  MET A C    1 
ATOM   209  O O    . MET A 1 18 ? -20.997 11.112  2.197   1 38.48  ?  889  MET A O    1 
ATOM   210  C CB   . MET A 1 18 ? -22.971 13.655  2.116   1 38.75  ?  889  MET A CB   1 
ATOM   211  C CG   . MET A 1 18 ? -23.348 14.781  1.191   1 40.98  ?  889  MET A CG   1 
ATOM   212  S SD   . MET A 1 18 ? -23.730 16.264  2.129   1 47.09  ?  889  MET A SD   1 
ATOM   213  C CE   . MET A 1 18 ? -22.098 16.953  2.280   1 45.43  ?  889  MET A CE   1 
ATOM   214  H H    . MET A 1 18 ? -24.983 12.362  1.444   0 39.93  ?  889  MET A H    1 
ATOM   215  H HA   . MET A 1 18 ? -22.295 12.408  0.517   0 39.7   ?  889  MET A HA   1 
ATOM   216  H HB2  . MET A 1 18 ? -23.710 13.607  2.915   0 45.74  ?  889  MET A HB2  1 
ATOM   217  H HB3  . MET A 1 18 ? -21.992 13.882  2.537   0 46.27  ?  889  MET A HB3  1 
ATOM   218  H HG2  . MET A 1 18 ? -22.513 14.999  0.527   0 46.15  ?  889  MET A HG2  1 
ATOM   219  H HG3  . MET A 1 18 ? -24.231 14.507  0.615   0 44.39  ?  889  MET A HG3  1 
ATOM   220  H HE1  . MET A 1 18 ? -22.164 17.904  2.806   0 61.68  ?  889  MET A HE1  1 
ATOM   221  H HE2  . MET A 1 18 ? -21.467 16.263  2.840   0 58.54  ?  889  MET A HE2  1 
ATOM   222  H HE3  . MET A 1 18 ? -21.685 17.109  1.284   0 56.96  ?  889  MET A HE3  1 
ATOM   223  N N    . MET A 1 19 ? -22.933 10.656  3.246   1 38.7   ?  890  MET A N    1 
ATOM   224  C CA   . MET A 1 19 ? -22.407 9.631   4.149   1 39.24  ?  890  MET A CA   1 
ATOM   225  C C    . MET A 1 19 ? -21.964 8.386   3.370   1 38.81  ?  890  MET A C    1 
ATOM   226  O O    . MET A 1 19 ? -20.947 7.794   3.716   1 39.1   ?  890  MET A O    1 
ATOM   227  C CB   . MET A 1 19 ? -23.488 9.205   5.166   1 40.87  ?  890  MET A CB   1 
ATOM   228  C CG   . MET A 1 19 ? -23.678 10.156  6.325   1 45.02  ?  890  MET A CG   1 
ATOM   229  S SD   . MET A 1 19 ? -25.144 9.693   7.276   1 55.8   ?  890  MET A SD   1 
ATOM   230  C CE   . MET A 1 19 ? -24.816 10.530  8.798   1 57.71  ?  890  MET A CE   1 
ATOM   231  H H    . MET A 1 19 ? -23.917 10.850  3.397   0 43.98  ?  890  MET A H    1 
ATOM   232  H HA   . MET A 1 19 ? -21.549 10.033  4.687   0 47.96  ?  890  MET A HA   1 
ATOM   233  H HB2  . MET A 1 19 ? -24.445 9.092   4.657   0 48.59  ?  890  MET A HB2  1 
ATOM   234  H HB3  . MET A 1 19 ? -23.194 8.244   5.587   0 51.21  ?  890  MET A HB3  1 
ATOM   235  H HG2  . MET A 1 19 ? -22.811 10.108  6.981   0 60.75  ?  890  MET A HG2  1 
ATOM   236  H HG3  . MET A 1 19 ? -23.816 11.168  5.946   0 57.78  ?  890  MET A HG3  1 
ATOM   237  H HE1  . MET A 1 19 ? -25.641 10.349  9.486   0 82.87  ?  890  MET A HE1  1 
ATOM   238  H HE2  . MET A 1 19 ? -23.888 10.146  9.221   0 81.91  ?  890  MET A HE2  1 
ATOM   239  H HE3  . MET A 1 19 ? -24.722 11.597  8.603   0 80.22  ?  890  MET A HE3  1 
ATOM   240  N N    . THR A 1 20 ? -22.742 7.974   2.352   1 38.18  ?  891  THR A N    1 
ATOM   241  C CA   . THR A 1 20 ? -22.461 6.794   1.517   1 38.34  ?  891  THR A CA   1 
ATOM   242  C C    . THR A 1 20 ? -21.189 7.002   0.700   1 38.59  ?  891  THR A C    1 
ATOM   243  O O    . THR A 1 20 ? -20.349 6.111   0.621   1 38.94  ?  891  THR A O    1 
ATOM   244  C CB   . THR A 1 20 ? -23.671 6.498   0.603   1 39.33  ?  891  THR A CB   1 
ATOM   245  O OG1  . THR A 1 20 ? -24.798 6.192   1.422   1 40.36  ?  891  THR A OG1  1 
ATOM   246  C CG2  . THR A 1 20 ? -23.417 5.356   -0.366  1 39.48  ?  891  THR A CG2  1 
ATOM   247  H H    . THR A 1 20 ? -23.600 8.449   2.096   0 39.71  ?  891  THR A H    1 
ATOM   248  H HA   . THR A 1 20 ? -22.308 5.931   2.162   0 40.28  ?  891  THR A HA   1 
ATOM   249  H HB   . THR A 1 20 ? -23.892 7.385   0.011   0 37.48  ?  891  THR A HB   1 
ATOM   250  H HG1  . THR A 1 20 ? -25.250 7.025   1.721   0 41.53  ?  891  THR A HG1  1 
ATOM   251  H HG21 . THR A 1 20 ? -24.365 4.972   -0.738  0 38.16  ?  891  THR A HG21 1 
ATOM   252  H HG22 . THR A 1 20 ? -22.831 5.703   -1.216  0 36.74  ?  891  THR A HG22 1 
ATOM   253  H HG23 . THR A 1 20 ? -22.878 4.553   0.135   0 39.05  ?  891  THR A HG23 1 
ATOM   254  N N    . ARG A 1 21 ? -21.063 8.181   0.097   1 38.2   ?  892  ARG A N    1 
ATOM   255  C CA   . ARG A 1 21 ? -19.897 8.572   -0.681  1 38.26  ?  892  ARG A CA   1 
ATOM   256  C C    . ARG A 1 21 ? -18.648 8.577   0.214   1 38.64  ?  892  ARG A C    1 
ATOM   257  O O    . ARG A 1 21 ? -17.604 8.081   -0.198  1 38.74  ?  892  ARG A O    1 
ATOM   258  C CB   . ARG A 1 21 ? -20.150 9.955   -1.305  1 39.06  ?  892  ARG A CB   1 
ATOM   259  C CG   . ARG A 1 21 ? -18.946 10.626  -1.965  1 41.74  ?  892  ARG A CG   1 
ATOM   260  C CD   . ARG A 1 21 ? -18.583 11.945  -1.308  1 44.92  ?  892  ARG A CD   1 
ATOM   261  N NE   . ARG A 1 21 ? -19.296 13.060  -1.941  1 47.87  ?  892  ARG A NE   1 
ATOM   262  C CZ   . ARG A 1 21 ? -19.718 14.180  -1.349  1 49.77  ?  892  ARG A CZ   1 
ATOM   263  N NH1  . ARG A 1 21 ? -19.527 14.372  -0.043  1 49.65  ?  892  ARG A NH1  1 
ATOM   264  N NH2  . ARG A 1 21 ? -20.347 15.112  -2.053  1 49.46  ?  892  ARG A NH2  1 
ATOM   265  H H    . ARG A 1 21 ? -21.801 8.879   0.127   0 36.65  ?  892  ARG A H    1 
ATOM   266  H HA   . ARG A 1 21 ? -19.741 7.854   -1.486  0 34.86  ?  892  ARG A HA   1 
ATOM   267  H HB2  . ARG A 1 21 ? -20.913 9.808   -2.066  0 35.81  ?  892  ARG A HB2  1 
ATOM   268  H HB3  . ARG A 1 21 ? -20.561 10.606  -0.534  0 38.01  ?  892  ARG A HB3  1 
ATOM   269  H HG2  . ARG A 1 21 ? -18.071 9.980   -1.928  0 39.7   ?  892  ARG A HG2  1 
ATOM   270  H HG3  . ARG A 1 21 ? -19.194 10.817  -3.008  0 39.36  ?  892  ARG A HG3  1 
ATOM   271  H HD2  . ARG A 1 21 ? -18.809 11.870  -0.247  0 46.45  ?  892  ARG A HD2  1 
ATOM   272  H HD3  . ARG A 1 21 ? -17.515 12.108  -1.439  0 46.2   ?  892  ARG A HD3  1 
ATOM   273  H HE   . ARG A 1 21 ? -19.472 12.985  -2.939  0 48.09  ?  892  ARG A HE   1 
ATOM   274  H HH11 . ARG A 1 21 ? -19.040 13.726  0.569   0 55.14  ?  892  ARG A HH11 1 
ATOM   275  H HH12 . ARG A 1 21 ? -19.860 15.237  0.369   0 57.08  ?  892  ARG A HH12 1 
ATOM   276  H HH21 . ARG A 1 21 ? -20.509 14.982  -3.046  0 52.27  ?  892  ARG A HH21 1 
ATOM   277  H HH22 . ARG A 1 21 ? -20.674 15.961  -1.604  0 55.18  ?  892  ARG A HH22 1 
ATOM   278  N N    . GLU A 1 22 ? -18.758 9.118   1.429   1 38.78  ?  893  GLU A N    1 
ATOM   279  C CA   . GLU A 1 22 ? -17.641 9.174   2.370   1 39.65  ?  893  GLU A CA   1 
ATOM   280  C C    . GLU A 1 22 ? -17.239 7.772   2.843   1 39.69  ?  893  GLU A C    1 
ATOM   281  O O    . GLU A 1 22 ? -16.048 7.472   2.938   1 39.7   ?  893  GLU A O    1 
ATOM   282  C CB   . GLU A 1 22 ? -18.021 10.060  3.574   1 42.83  ?  893  GLU A CB   1 
ATOM   283  C CG   . GLU A 1 22 ? -16.903 10.321  4.570   1 49.92  ?  893  GLU A CG   1 
ATOM   284  C CD   . GLU A 1 22 ? -17.238 9.866   5.977   1 59.48  ?  893  GLU A CD   1 
ATOM   285  O OE1  . GLU A 1 22 ? -18.165 10.449  6.587   1 61.53  ?  893  GLU A OE1  1 
ATOM   286  O OE2  . GLU A 1 22 ? -16.574 8.924   6.470   1 62.34  -1 893  GLU A OE2  1 
ATOM   287  H H    . GLU A 1 22 ? -19.608 9.540   1.789   0 40.84  ?  893  GLU A H    1 
ATOM   288  H HA   . GLU A 1 22 ? -16.781 9.624   1.875   0 43.02  ?  893  GLU A HA   1 
ATOM   289  H HB2  . GLU A 1 22 ? -18.356 11.026  3.199   0 49.91  ?  893  GLU A HB2  1 
ATOM   290  H HB3  . GLU A 1 22 ? -18.834 9.578   4.113   0 50.47  ?  893  GLU A HB3  1 
ATOM   291  H HG2  . GLU A 1 22 ? -15.986 9.818   4.265   0 59.41  ?  893  GLU A HG2  1 
ATOM   292  H HG3  . GLU A 1 22 ? -16.726 11.395  4.611   0 62.1   ?  893  GLU A HG3  1 
ATOM   293  N N    . GLN A 1 23 ? -18.226 6.917   3.138   1 39.43  ?  894  GLN A N    1 
ATOM   294  C CA   . GLN A 1 23 ? -17.946 5.565   3.608   1 39.28  ?  894  GLN A CA   1 
ATOM   295  C C    . GLN A 1 23 ? -17.315 4.701   2.503   1 38.26  ?  894  GLN A C    1 
ATOM   296  O O    . GLN A 1 23 ? -16.394 3.938   2.785   1 38.39  ?  894  GLN A O    1 
ATOM   297  C CB   . GLN A 1 23 ? -19.230 4.936   4.184   1 41.45  ?  894  GLN A CB   1 
ATOM   298  C CG   . GLN A 1 23 ? -19.036 3.591   4.883   1 45.91  ?  894  GLN A CG   1 
ATOM   299  C CD   . GLN A 1 23 ? -17.949 3.565   5.935   1 51.57  ?  894  GLN A CD   1 
ATOM   300  O OE1  . GLN A 1 23 ? -17.995 4.314   6.917   1 54.14  ?  894  GLN A OE1  1 
ATOM   301  N NE2  . GLN A 1 23 ? -16.952 2.699   5.770   1 51.8   ?  894  GLN A NE2  1 
ATOM   302  H H    . GLN A 1 23 ? -19.217 7.127   3.083   0 43.12  ?  894  GLN A H    1 
ATOM   303  H HA   . GLN A 1 23 ? -17.218 5.644   4.413   0 46.16  ?  894  GLN A HA   1 
ATOM   304  H HB2  . GLN A 1 23 ? -19.656 5.626   4.912   0 49.74  ?  894  GLN A HB2  1 
ATOM   305  H HB3  . GLN A 1 23 ? -19.938 4.785   3.370   0 46.05  ?  894  GLN A HB3  1 
ATOM   306  H HG2  . GLN A 1 23 ? -19.963 3.346   5.397   0 56.65  ?  894  GLN A HG2  1 
ATOM   307  H HG3  . GLN A 1 23 ? -18.827 2.831   4.132   0 53.24  ?  894  GLN A HG3  1 
ATOM   308  H HE21 . GLN A 1 23 ? -16.923 2.081   4.965   0 61.33  ?  894  GLN A HE21 1 
ATOM   309  H HE22 . GLN A 1 23 ? -16.207 2.657   6.458   0 65.28  ?  894  GLN A HE22 1 
ATOM   310  N N    . ILE A 1 24 ? -17.770 4.860   1.248   1 37.17  ?  895  ILE A N    1 
ATOM   311  C CA   . ILE A 1 24 ? -17.216 4.145   0.089   1 36.62  ?  895  ILE A CA   1 
ATOM   312  C C    . ILE A 1 24 ? -15.788 4.645   -0.173  1 36.53  ?  895  ILE A C    1 
ATOM   313  O O    . ILE A 1 24 ? -14.902 3.836   -0.432  1 36.54  ?  895  ILE A O    1 
ATOM   314  C CB   . ILE A 1 24 ? -18.153 4.270   -1.163  1 36.59  ?  895  ILE A CB   1 
ATOM   315  C CG1  . ILE A 1 24 ? -19.405 3.367   -0.983  1 37.15  ?  895  ILE A CG1  1 
ATOM   316  C CG2  . ILE A 1 24 ? -17.409 3.924   -2.470  1 36.87  ?  895  ILE A CG2  1 
ATOM   317  C CD1  . ILE A 1 24 ? -20.529 3.633   -1.903  1 38     ?  895  ILE A CD1  1 
ATOM   318  H H    . ILE A 1 24 ? -18.536 5.479   1.006   0 36.79  ?  895  ILE A H    1 
ATOM   319  H HA   . ILE A 1 24 ? -17.136 3.090   0.346   0 35.98  ?  895  ILE A HA   1 
ATOM   320  H HB   . ILE A 1 24 ? -18.485 5.303   -1.252  0 33.4   ?  895  ILE A HB   1 
ATOM   321  H HG12 . ILE A 1 24 ? -19.103 2.332   -1.134  0 36.01  ?  895  ILE A HG12 1 
ATOM   322  H HG13 . ILE A 1 24 ? -19.783 3.488   0.031   0 36.48  ?  895  ILE A HG13 1 
ATOM   323  H HG21 . ILE A 1 24 ? -18.111 3.797   -3.292  0 33.05  ?  895  ILE A HG21 1 
ATOM   324  H HG22 . ILE A 1 24 ? -16.730 4.737   -2.725  0 32.72  ?  895  ILE A HG22 1 
ATOM   325  H HG23 . ILE A 1 24 ? -16.847 3.003   -2.324  0 33.68  ?  895  ILE A HG23 1 
ATOM   326  H HD11 . ILE A 1 24 ? -21.450 3.287   -1.436  0 36.53  ?  895  ILE A HD11 1 
ATOM   327  H HD12 . ILE A 1 24 ? -20.590 4.703   -2.098  0 34.67  ?  895  ILE A HD12 1 
ATOM   328  H HD13 . ILE A 1 24 ? -20.365 3.093   -2.834  0 35.48  ?  895  ILE A HD13 1 
ATOM   329  N N    . GLN A 1 25 ? -15.552 5.964   -0.050  1 36.45  ?  896  GLN A N    1 
ATOM   330  C CA   . GLN A 1 25 ? -14.223 6.574   -0.184  1 36.85  ?  896  GLN A CA   1 
ATOM   331  C C    . GLN A 1 25 ? -13.272 5.941   0.836   1 36.98  ?  896  GLN A C    1 
ATOM   332  O O    . GLN A 1 25 ? -12.187 5.518   0.464   1 37.16  ?  896  GLN A O    1 
ATOM   333  C CB   . GLN A 1 25 ? -14.322 8.100   0.039   1 38.86  ?  896  GLN A CB   1 
ATOM   334  C CG   . GLN A 1 25 ? -13.001 8.868   0.120   1 42.98  ?  896  GLN A CG   1 
ATOM   335  C CD   . GLN A 1 25 ? -12.316 9.082   -1.205  1 48.62  ?  896  GLN A CD   1 
ATOM   336  O OE1  . GLN A 1 25 ? -12.883 8.858   -2.284  1 50.32  ?  896  GLN A OE1  1 
ATOM   337  N NE2  . GLN A 1 25 ? -11.063 9.535   -1.145  1 49.89  ?  896  GLN A NE2  1 
ATOM   338  H H    . GLN A 1 25 ? -16.286 6.647   0.114   0 35.01  ?  896  GLN A H    1 
ATOM   339  H HA   . GLN A 1 25 ? -13.833 6.394   -1.185  0 34.33  ?  896  GLN A HA   1 
ATOM   340  H HB2  . GLN A 1 25 ? -14.923 8.533   -0.759  0 37.92  ?  896  GLN A HB2  1 
ATOM   341  H HB3  . GLN A 1 25 ? -14.829 8.264   0.989   0 40.14  ?  896  GLN A HB3  1 
ATOM   342  H HG2  . GLN A 1 25 ? -13.218 9.857   0.523   0 46.16  ?  896  GLN A HG2  1 
ATOM   343  H HG3  . GLN A 1 25 ? -12.299 8.366   0.783   0 45.18  ?  896  GLN A HG3  1 
ATOM   344  H HE21 . GLN A 1 25 ? -10.622 9.721   -0.250  0 53.5   ?  896  GLN A HE21 1 
ATOM   345  H HE22 . GLN A 1 25 ? -10.546 9.717   -1.999  0 51.74  ?  896  GLN A HE22 1 
ATOM   346  N N    . LYS A 1 26 ? -13.713 5.807   2.093   1 36.84  ?  897  LYS A N    1 
ATOM   347  C CA   . LYS A 1 26 ? -12.918 5.187   3.147   1 37.34  ?  897  LYS A CA   1 
ATOM   348  C C    . LYS A 1 26 ? -12.562 3.720   2.878   1 37.32  ?  897  LYS A C    1 
ATOM   349  O O    . LYS A 1 26 ? -11.458 3.295   3.223   1 37.47  ?  897  LYS A O    1 
ATOM   350  C CB   . LYS A 1 26 ? -13.655 5.273   4.496   1 39.89  ?  897  LYS A CB   1 
ATOM   351  C CG   . LYS A 1 26 ? -13.348 6.523   5.316   1 45.66  ?  897  LYS A CG   1 
ATOM   352  C CD   . LYS A 1 26 ? -11.993 6.415   6.027   1 51.67  ?  897  LYS A CD   1 
ATOM   353  C CE   . LYS A 1 26 ? -11.845 7.383   7.178   1 56.42  ?  897  LYS A CE   1 
ATOM   354  N NZ   . LYS A 1 26 ? -10.518 7.240   7.842   1 58.83  ?  897  LYS A NZ   1 
ATOM   355  H H    . LYS A 1 26 ? -14.613 6.151   2.409   0 39.44  ?  897  LYS A H    1 
ATOM   356  H HA   . LYS A 1 26 ? -11.972 5.724   3.195   0 42.07  ?  897  LYS A HA   1 
ATOM   357  H HB2  . LYS A 1 26 ? -14.731 5.239   4.335   0 46.69  ?  897  LYS A HB2  1 
ATOM   358  H HB3  . LYS A 1 26 ? -13.367 4.406   5.089   0 48.73  ?  897  LYS A HB3  1 
ATOM   359  H HG2  . LYS A 1 26 ? -13.320 7.388   4.655   0 54.86  ?  897  LYS A HG2  1 
ATOM   360  H HG3  . LYS A 1 26 ? -14.121 6.653   6.073   0 58.26  ?  897  LYS A HG3  1 
ATOM   361  H HD2  . LYS A 1 26 ? -11.869 5.410   6.429   0 65.25  ?  897  LYS A HD2  1 
ATOM   362  H HD3  . LYS A 1 26 ? -11.201 6.628   5.310   0 62.89  ?  897  LYS A HD3  1 
ATOM   363  H HE2  . LYS A 1 26 ? -11.932 8.402   6.804   0 74.04  ?  897  LYS A HE2  1 
ATOM   364  H HE3  . LYS A 1 26 ? -12.620 7.185   7.916   0 76.36  ?  897  LYS A HE3  1 
ATOM   365  H HZ1  . LYS A 1 26 ? -10.446 7.894   8.615   0 83.35  ?  897  LYS A HZ1  1 
ATOM   366  H HZ2  . LYS A 1 26 ? -10.408 6.296   8.198   0 79.88  ?  897  LYS A HZ2  1 
ATOM   367  H HZ3  . LYS A 1 26 ? -9.775  7.431   7.179   0 77.69  ?  897  LYS A HZ3  1 
ATOM   368  N N    . GLU A 1 27 ? -13.476 2.945   2.289   1 37.03  ?  898  GLU A N    1 
ATOM   369  C CA   . GLU A 1 27 ? -13.220 1.530   2.005   1 37.36  ?  898  GLU A CA   1 
ATOM   370  C C    . GLU A 1 27 ? -12.209 1.409   0.883   1 37.17  ?  898  GLU A C    1 
ATOM   371  O O    . GLU A 1 27 ? -11.307 0.576   0.972   1 37.54  ?  898  GLU A O    1 
ATOM   372  C CB   . GLU A 1 27 ? -14.505 0.786   1.620   1 40.07  ?  898  GLU A CB   1 
ATOM   373  C CG   . GLU A 1 27 ? -15.598 0.763   2.680   1 45.53  ?  898  GLU A CG   1 
ATOM   374  C CD   . GLU A 1 27 ? -15.448 -0.236  3.809   1 52.17  ?  898  GLU A CD   1 
ATOM   375  O OE1  . GLU A 1 27 ? -14.521 -1.078  3.754   1 53.11  ?  898  GLU A OE1  1 
ATOM   376  O OE2  . GLU A 1 27 ? -16.277 -0.186  4.746   1 54.61  -1 898  GLU A OE2  1 
ATOM   377  H H    . GLU A 1 27 ? -14.385 3.272   1.977   0 38.57  ?  898  GLU A H    1 
ATOM   378  H HA   . GLU A 1 27 ? -12.809 1.049   2.891   0 41.49  ?  898  GLU A HA   1 
ATOM   379  H HB2  . GLU A 1 27 ? -14.925 1.280   0.745   0 40.73  ?  898  GLU A HB2  1 
ATOM   380  H HB3  . GLU A 1 27 ? -14.252 -0.240  1.357   0 42.9   ?  898  GLU A HB3  1 
ATOM   381  H HG2  . GLU A 1 27 ? -15.675 1.749   3.135   0 50.4   ?  898  GLU A HG2  1 
ATOM   382  H HG3  . GLU A 1 27 ? -16.538 0.531   2.180   0 49.89  ?  898  GLU A HG3  1 
ATOM   383  N N    . TYR A 1 28 ? -12.334 2.245   -0.159  1 36.62  ?  899  TYR A N    1 
ATOM   384  C CA   . TYR A 1 28 ? -11.361 2.241   -1.240  1 36.8   ?  899  TYR A CA   1 
ATOM   385  C C    . TYR A 1 28 ? -10.003 2.737   -0.743  1 37.58  ?  899  TYR A C    1 
ATOM   386  O O    . TYR A 1 28 ? -8.982  2.187   -1.148  1 37.61  ?  899  TYR A O    1 
ATOM   387  C CB   . TYR A 1 28 ? -11.823 3.095   -2.419  1 36.38  ?  899  TYR A CB   1 
ATOM   388  C CG   . TYR A 1 28 ? -12.693 2.347   -3.407  1 36.71  ?  899  TYR A CG   1 
ATOM   389  C CD1  . TYR A 1 28 ? -12.158 1.368   -4.232  1 37.34  ?  899  TYR A CD1  1 
ATOM   390  C CD2  . TYR A 1 28 ? -14.062 2.573   -3.468  1 37.43  ?  899  TYR A CD2  1 
ATOM   391  C CE1  . TYR A 1 28 ? -12.957 0.644   -5.106  1 38.19  ?  899  TYR A CE1  1 
ATOM   392  C CE2  . TYR A 1 28 ? -14.869 1.869   -4.351  1 38.19  ?  899  TYR A CE2  1 
ATOM   393  C CZ   . TYR A 1 28 ? -14.315 0.905   -5.171  1 39.05  ?  899  TYR A CZ   1 
ATOM   394  O OH   . TYR A 1 28 ? -15.126 0.203   -6.034  1 40.31  ?  899  TYR A OH   1 
ATOM   395  H H    . TYR A 1 28 ? -13.100 2.899   -0.286  0 34.74  ?  899  TYR A H    1 
ATOM   396  H HA   . TYR A 1 28 ? -11.224 1.206   -1.552  0 34.2   ?  899  TYR A HA   1 
ATOM   397  H HB2  . TYR A 1 28 ? -12.365 3.970   -2.067  0 32.78  ?  899  TYR A HB2  1 
ATOM   398  H HB3  . TYR A 1 28 ? -10.913 3.407   -2.929  0 32.46  ?  899  TYR A HB3  1 
ATOM   399  H HD1  . TYR A 1 28 ? -11.103 1.158   -4.186  0 33.84  ?  899  TYR A HD1  1 
ATOM   400  H HD2  . TYR A 1 28 ? -14.504 3.322   -2.834  0 33.52  ?  899  TYR A HD2  1 
ATOM   401  H HE1  . TYR A 1 28 ? -12.509 -0.098  -5.744  0 36.48  ?  899  TYR A HE1  1 
ATOM   402  H HE2  . TYR A 1 28 ? -15.926 2.070   -4.392  0 35.02  ?  899  TYR A HE2  1 
ATOM   403  H HH   . TYR A 1 28 ? -14.609 -0.488  -6.524  0 40.41  ?  899  TYR A HH   1 
ATOM   404  N N    . ASP A 1 29 ? -9.974  3.733   0.166   1 37.96  ?  900  ASP A N    1 
ATOM   405  C CA   . ASP A 1 29 ? -8.727  4.212   0.770   1 38.88  ?  900  ASP A CA   1 
ATOM   406  C C    . ASP A 1 29 ? -8.027  3.070   1.506   1 39.51  ?  900  ASP A C    1 
ATOM   407  O O    . ASP A 1 29 ? -6.807  2.951   1.423   1 39.9   ?  900  ASP A O    1 
ATOM   408  C CB   . ASP A 1 29 ? -8.990  5.336   1.785   1 40.66  ?  900  ASP A CB   1 
ATOM   409  C CG   . ASP A 1 29 ? -9.312  6.691   1.203   1 45.48  ?  900  ASP A CG   1 
ATOM   410  O OD1  . ASP A 1 29 ? -9.235  6.842   -0.034  1 45.68  ?  900  ASP A OD1  1 
ATOM   411  O OD2  . ASP A 1 29 ? -9.658  7.598   1.985   1 48.61  -1 900  ASP A OD2  1 
ATOM   412  H H    . ASP A 1 29 ? -10.792 4.244   0.481   0 37.25  ?  900  ASP A H    1 
ATOM   413  H HA   . ASP A 1 29 ? -8.053  4.574   -0.005  0 38.37  ?  900  ASP A HA   1 
ATOM   414  H HB2  . ASP A 1 29 ? -9.823  5.046   2.424   0 43.93  ?  900  ASP A HB2  1 
ATOM   415  H HB3  . ASP A 1 29 ? -8.097  5.453   2.396   0 44.81  ?  900  ASP A HB3  1 
ATOM   416  N N    . ALA A 1 30 ? -8.796  2.225   2.212   1 39.48  ?  901  ALA A N    1 
ATOM   417  C CA   . ALA A 1 30 ? -8.241  1.084   2.926   1 39.99  ?  901  ALA A CA   1 
ATOM   418  C C    . ALA A 1 30 ? -7.756  -0.019  1.975   1 40.35  ?  901  ALA A C    1 
ATOM   419  O O    . ALA A 1 30 ? -6.843  -0.742  2.345   1 40.51  ?  901  ALA A O    1 
ATOM   420  C CB   . ALA A 1 30 ? -9.254  0.534   3.912   1 40.12  ?  901  ALA A CB   1 
ATOM   421  H H    . ALA A 1 30 ? -9.801  2.315   2.326   0 41.78  ?  901  ALA A H    1 
ATOM   422  H HA   . ALA A 1 30 ? -7.381  1.417   3.504   0 44.96  ?  901  ALA A HA   1 
ATOM   423  H HB1  . ALA A 1 30 ? -8.807  -0.298  4.454   0 47.96  ?  901  ALA A HB1  1 
ATOM   424  H HB2  . ALA A 1 30 ? -9.535  1.324   4.608   0 47.82  ?  901  ALA A HB2  1 
ATOM   425  H HB3  . ALA A 1 30 ? -10.133 0.192   3.366   0 45.28  ?  901  ALA A HB3  1 
ATOM   426  N N    . LEU A 1 31 ? -8.352  -0.166  0.777   1 40.34  ?  902  LEU A N    1 
ATOM   427  C CA   . LEU A 1 31 ? -7.856  -1.124  -0.224  1 40.85  ?  902  LEU A CA   1 
ATOM   428  C C    . LEU A 1 31 ? -6.534  -0.603  -0.770  1 41.28  ?  902  LEU A C    1 
ATOM   429  O O    . LEU A 1 31 ? -5.603  -1.387  -0.945  1 41.8   ?  902  LEU A O    1 
ATOM   430  C CB   . LEU A 1 31 ? -8.825  -1.295  -1.416  1 41.2   ?  902  LEU A CB   1 
ATOM   431  C CG   . LEU A 1 31 ? -9.922  -2.360  -1.288  1 42.86  ?  902  LEU A CG   1 
ATOM   432  C CD1  . LEU A 1 31 ? -11.074 -2.097  -2.274  1 43.27  ?  902  LEU A CD1  1 
ATOM   433  C CD2  . LEU A 1 31 ? -9.361  -3.765  -1.498  1 43.55  ?  902  LEU A CD2  1 
ATOM   434  H H    . LEU A 1 31 ? -9.183  0.339   0.486   0 40.07  ?  902  LEU A H    1 
ATOM   435  H HA   . LEU A 1 31 ? -7.672  -2.087  0.249   0 41.7   ?  902  LEU A HA   1 
ATOM   436  H HB2  . LEU A 1 31 ? -9.307  -0.337  -1.604  0 39.19  ?  902  LEU A HB2  1 
ATOM   437  H HB3  . LEU A 1 31 ? -8.225  -1.549  -2.289  0 39.5   ?  902  LEU A HB3  1 
ATOM   438  H HG   . LEU A 1 31 ? -10.335 -2.316  -0.280  0 44.29  ?  902  LEU A HG   1 
ATOM   439  H HD11 . LEU A 1 31 ? -11.848 -2.849  -2.132  0 44.74  ?  902  LEU A HD11 1 
ATOM   440  H HD12 . LEU A 1 31 ? -11.486 -1.106  -2.085  0 42.27  ?  902  LEU A HD12 1 
ATOM   441  H HD13 . LEU A 1 31 ? -10.688 -2.150  -3.291  0 42.78  ?  902  LEU A HD13 1 
ATOM   442  H HD21 . LEU A 1 31 ? -10.193 -4.443  -1.672  0 46.96  ?  902  LEU A HD21 1 
ATOM   443  H HD22 . LEU A 1 31 ? -8.697  -3.771  -2.361  0 44.66  ?  902  LEU A HD22 1 
ATOM   444  H HD23 . LEU A 1 31 ? -8.815  -4.069  -0.605  0 46.37  ?  902  LEU A HD23 1 
ATOM   445  N N    . VAL A 1 32 ? -6.450  0.710   -1.048  1 41.1   ?  903  VAL A N    1 
ATOM   446  C CA   . VAL A 1 32 ? -5.233  1.317   -1.568  1 41.52  ?  903  VAL A CA   1 
ATOM   447  C C    . VAL A 1 32 ? -4.106  1.188   -0.518  1 42.17  ?  903  VAL A C    1 
ATOM   448  O O    . VAL A 1 32 ? -3.045  0.664   -0.847  1 42.2   ?  903  VAL A O    1 
ATOM   449  C CB   . VAL A 1 32 ? -5.479  2.785   -2.026  1 42.08  ?  903  VAL A CB   1 
ATOM   450  C CG1  . VAL A 1 32 ? -4.168  3.528   -2.264  1 42.54  ?  903  VAL A CG1  1 
ATOM   451  C CG2  . VAL A 1 32 ? -6.350  2.831   -3.283  1 42.58  ?  903  VAL A CG2  1 
ATOM   452  H H    . VAL A 1 32 ? -7.211  1.368   -0.914  0 38.85  ?  903  VAL A H    1 
ATOM   453  H HA   . VAL A 1 32 ? -4.938  0.742   -2.445  0 38.4   ?  903  VAL A HA   1 
ATOM   454  H HB   . VAL A 1 32 ? -6.009  3.318   -1.237  0 40.17  ?  903  VAL A HB   1 
ATOM   455  H HG11 . VAL A 1 32 ? -4.361  4.435   -2.835  0 41.02  ?  903  VAL A HG11 1 
ATOM   456  H HG12 . VAL A 1 32 ? -3.729  3.806   -1.307  0 41.76  ?  903  VAL A HG12 1 
ATOM   457  H HG13 . VAL A 1 32 ? -3.486  2.882   -2.816  0 40.22  ?  903  VAL A HG13 1 
ATOM   458  H HG21 . VAL A 1 32 ? -6.518  3.870   -3.563  0 39.55  ?  903  VAL A HG21 1 
ATOM   459  H HG22 . VAL A 1 32 ? -5.838  2.308   -4.088  0 39.08  ?  903  VAL A HG22 1 
ATOM   460  H HG23 . VAL A 1 32 ? -7.305  2.350   -3.074  0 38.97  ?  903  VAL A HG23 1 
ATOM   461  N N    . LYS A 1 33 ? -4.344  1.587   0.748   1 42.49  ?  904  LYS A N    1 
ATOM   462  C CA   . LYS A 1 33 ? -3.309  1.473   1.793   1 43.38  ?  904  LYS A CA   1 
ATOM   463  C C    . LYS A 1 33 ? -2.814  0.031   1.956   1 43.67  ?  904  LYS A C    1 
ATOM   464  O O    . LYS A 1 33 ? -1.616  -0.189  2.072   1 43.72  ?  904  LYS A O    1 
ATOM   465  C CB   . LYS A 1 33 ? -3.810  2.002   3.159   1 45.74  ?  904  LYS A CB   1 
ATOM   466  C CG   . LYS A 1 33 ? -3.819  3.532   3.291   1 50.56  ?  904  LYS A CG   1 
ATOM   467  C CD   . LYS A 1 33 ? -4.394  4.021   4.646   1 55.45  ?  904  LYS A CD   1 
ATOM   468  C CE   . LYS A 1 33 ? -5.860  4.429   4.593   1 58.92  ?  904  LYS A CE   1 
ATOM   469  N NZ   . LYS A 1 33 ? -6.618  3.963   5.784   1 60.86  ?  904  LYS A NZ   1 
ATOM   470  H H    . LYS A 1 33 ? -5.222  1.985   1.064   0 43.09  ?  904  LYS A H    1 
ATOM   471  H HA   . LYS A 1 33 ? -2.453  2.074   1.491   0 45.49  ?  904  LYS A HA   1 
ATOM   472  H HB2  . LYS A 1 33 ? -4.827  1.648   3.327   0 50.67  ?  904  LYS A HB2  1 
ATOM   473  H HB3  . LYS A 1 33 ? -3.159  1.612   3.938   0 52.49  ?  904  LYS A HB3  1 
ATOM   474  H HG2  . LYS A 1 33 ? -2.793  3.892   3.219   0 57.45  ?  904  LYS A HG2  1 
ATOM   475  H HG3  . LYS A 1 33 ? -4.412  3.959   2.483   0 55.16  ?  904  LYS A HG3  1 
ATOM   476  H HD2  . LYS A 1 33 ? -4.296  3.225   5.384   0 66.71  ?  904  LYS A HD2  1 
ATOM   477  H HD3  . LYS A 1 33 ? -3.824  4.890   4.971   0 67.38  ?  904  LYS A HD3  1 
ATOM   478  H HE2  . LYS A 1 33 ? -5.925  5.515   4.556   0 69.3   ?  904  LYS A HE2  1 
ATOM   479  H HE3  . LYS A 1 33 ? -6.333  3.996   3.714   0 65.53  ?  904  LYS A HE3  1 
ATOM   480  H HZ1  . LYS A 1 33 ? -6.619  2.948   5.821   0 72.54  ?  904  LYS A HZ1  1 
ATOM   481  H HZ2  . LYS A 1 33 ? -6.192  4.324   6.631   0 76.19  ?  904  LYS A HZ2  1 
ATOM   482  H HZ3  . LYS A 1 33 ? -7.578  4.291   5.732   0 72.78  ?  904  LYS A HZ3  1 
ATOM   483  N N    . SER A 1 34 ? -3.731  -0.940  1.914   1 43.68  ?  905  SER A N    1 
ATOM   484  C CA   . SER A 1 34 ? -3.402  -2.361  2.046   1 44.03  ?  905  SER A CA   1 
ATOM   485  C C    . SER A 1 34 ? -2.489  -2.843  0.899   1 43.7   ?  905  SER A C    1 
ATOM   486  O O    . SER A 1 34 ? -1.508  -3.544  1.149   1 43.89  ?  905  SER A O    1 
ATOM   487  C CB   . SER A 1 34 ? -4.690  -3.187  2.088   1 45.84  ?  905  SER A CB   1 
ATOM   488  O OG   . SER A 1 34 ? -4.475  -4.505  2.566   1 48.8   ?  905  SER A OG   1 
ATOM   489  H H    . SER A 1 34 ? -4.722  -0.761  1.787   0 45.53  ?  905  SER A H    1 
ATOM   490  H HA   . SER A 1 34 ? -2.868  -2.506  2.984   0 48.77  ?  905  SER A HA   1 
ATOM   491  H HB2  . SER A 1 34 ? -5.404  -2.702  2.752   0 50.69  ?  905  SER A HB2  1 
ATOM   492  H HB3  . SER A 1 34 ? -5.103  -3.243  1.082   0 48.16  ?  905  SER A HB3  1 
ATOM   493  H HG   . SER A 1 34 ? -5.332  -5.007  2.575   0 55.81  ?  905  SER A HG   1 
ATOM   494  N N    . SER A 1 35 ? -2.804  -2.466  -0.348  1 43.16  ?  906  SER A N    1 
ATOM   495  C CA   . SER A 1 35 ? -1.985  -2.847  -1.497  1 43.06  ?  906  SER A CA   1 
ATOM   496  C C    . SER A 1 35 ? -0.633  -2.130  -1.475  1 42.84  ?  906  SER A C    1 
ATOM   497  O O    . SER A 1 35 ? 0.373   -2.730  -1.843  1 42.72  ?  906  SER A O    1 
ATOM   498  C CB   . SER A 1 35 ? -2.711  -2.539  -2.801  1 44.01  ?  906  SER A CB   1 
ATOM   499  O OG   . SER A 1 35 ? -3.853  -3.363  -2.969  1 45.95  ?  906  SER A OG   1 
ATOM   500  H H    . SER A 1 35 ? -3.620  -1.914  -0.590  0 42.14  ?  906  SER A H    1 
ATOM   501  H HA   . SER A 1 35 ? -1.798  -3.920  -1.466  0 42.38  ?  906  SER A HA   1 
ATOM   502  H HB2  . SER A 1 35 ? -3.022  -1.496  -2.801  0 41.29  ?  906  SER A HB2  1 
ATOM   503  H HB3  . SER A 1 35 ? -2.029  -2.718  -3.630  0 41.68  ?  906  SER A HB3  1 
ATOM   504  H HG   . SER A 1 35 ? -4.590  -3.051  -2.380  0 44.63  ?  906  SER A HG   1 
ATOM   505  N N    . GLU A 1 36 ? -0.608  -0.859  -1.040  1 42.61  ?  907  GLU A N    1 
ATOM   506  C CA   . GLU A 1 36 ? 0.625   -0.080  -0.951  1 42.72  ?  907  GLU A CA   1 
ATOM   507  C C    . GLU A 1 36 ? 1.544   -0.626  0.136   1 42.29  ?  907  GLU A C    1 
ATOM   508  O O    . GLU A 1 36 ? 2.755   -0.591  -0.043  1 42.22  ?  907  GLU A O    1 
ATOM   509  C CB   . GLU A 1 36 ? 0.331   1.407   -0.696  1 45.46  ?  907  GLU A CB   1 
ATOM   510  C CG   . GLU A 1 36 ? -0.229  2.126   -1.909  1 51.81  ?  907  GLU A CG   1 
ATOM   511  C CD   . GLU A 1 36 ? -0.610  3.574   -1.694  1 61.14  ?  907  GLU A CD   1 
ATOM   512  O OE1  . GLU A 1 36 ? -0.946  3.946   -0.544  1 63.49  ?  907  GLU A OE1  1 
ATOM   513  O OE2  . GLU A 1 36 ? -0.594  4.338   -2.686  1 64.14  -1 907  GLU A OE2  1 
ATOM   514  H H    . GLU A 1 36 ? -1.434  -0.344  -0.751  0 41.14  ?  907  GLU A H    1 
ATOM   515  H HA   . GLU A 1 36 ? 1.160   -0.166  -1.897  0 40.93  ?  907  GLU A HA   1 
ATOM   516  H HB2  . GLU A 1 36 ? -0.386  1.492   0.121   0 45.9   ?  907  GLU A HB2  1 
ATOM   517  H HB3  . GLU A 1 36 ? 1.260   1.903   -0.419  0 46.28  ?  907  GLU A HB3  1 
ATOM   518  H HG2  . GLU A 1 36 ? 0.532   2.115   -2.688  0 50.7   ?  907  GLU A HG2  1 
ATOM   519  H HG3  . GLU A 1 36 ? -1.116  1.596   -2.253  0 49.87  ?  907  GLU A HG3  1 
ATOM   520  N N    . ASP A 1 37 ? 0.984   -1.132  1.249   1 41.77  ?  908  ASP A N    1 
ATOM   521  C CA   . ASP A 1 37 ? 1.787   -1.734  2.310   1 41.69  ?  908  ASP A CA   1 
ATOM   522  C C    . ASP A 1 37 ? 2.411   -3.017  1.779   1 41.49  ?  908  ASP A C    1 
ATOM   523  O O    . ASP A 1 37 ? 3.599   -3.246  2.005   1 41.66  ?  908  ASP A O    1 
ATOM   524  C CB   . ASP A 1 37 ? 0.940   -2.040  3.560   1 43.28  ?  908  ASP A CB   1 
ATOM   525  C CG   . ASP A 1 37 ? 0.463   -0.822  4.327   1 47.86  ?  908  ASP A CG   1 
ATOM   526  O OD1  . ASP A 1 37 ? 0.906   0.302   3.998   1 48.27  ?  908  ASP A OD1  1 
ATOM   527  O OD2  . ASP A 1 37 ? -0.371  -0.989  5.246   1 50.52  -1 908  ASP A OD2  1 
ATOM   528  H H    . ASP A 1 37 ? -0.010  -1.122  1.453   0 43.36  ?  908  ASP A H    1 
ATOM   529  H HA   . ASP A 1 37 ? 2.591   -1.056  2.590   0 45.89  ?  908  ASP A HA   1 
ATOM   530  H HB2  . ASP A 1 37 ? 0.060   -2.608  3.261   0 48.48  ?  908  ASP A HB2  1 
ATOM   531  H HB3  . ASP A 1 37 ? 1.541   -2.639  4.243   0 50.82  ?  908  ASP A HB3  1 
ATOM   532  N N    . LEU A 1 38 ? 1.632   -3.843  1.058   1 41.07  ?  909  LEU A N    1 
ATOM   533  C CA   . LEU A 1 38 ? 2.157   -5.071  0.455   1 41.15  ?  909  LEU A CA   1 
ATOM   534  C C    . LEU A 1 38 ? 3.249   -4.738  -0.585  1 40.52  ?  909  LEU A C    1 
ATOM   535  O O    . LEU A 1 38 ? 4.270   -5.411  -0.618  1 40.4   ?  909  LEU A O    1 
ATOM   536  C CB   . LEU A 1 38 ? 1.009   -5.898  -0.171  1 41.61  ?  909  LEU A CB   1 
ATOM   537  C CG   . LEU A 1 38 ? 1.369   -7.105  -1.058  1 43.58  ?  909  LEU A CG   1 
ATOM   538  C CD1  . LEU A 1 38 ? 2.266   -8.123  -0.336  1 44.3   ?  909  LEU A CD1  1 
ATOM   539  C CD2  . LEU A 1 38 ? 0.116   -7.788  -1.548  1 44.38  ?  909  LEU A CD2  1 
ATOM   540  H H    . LEU A 1 38 ? 0.639   -3.703  0.898   0 42.41  ?  909  LEU A H    1 
ATOM   541  H HA   . LEU A 1 38 ? 2.617   -5.659  1.247   0 44     ?  909  LEU A HA   1 
ATOM   542  H HB2  . LEU A 1 38 ? 0.387   -6.274  0.640   0 44.78  ?  909  LEU A HB2  1 
ATOM   543  H HB3  . LEU A 1 38 ? 0.414   -5.231  -0.794  0 42.11  ?  909  LEU A HB3  1 
ATOM   544  H HG   . LEU A 1 38 ? 1.906   -6.760  -1.941  0 44.48  ?  909  LEU A HG   1 
ATOM   545  H HD11 . LEU A 1 38 ? 2.281   -9.056  -0.897  0 48.98  ?  909  LEU A HD11 1 
ATOM   546  H HD12 . LEU A 1 38 ? 3.282   -7.734  -0.275  0 47.16  ?  909  LEU A HD12 1 
ATOM   547  H HD13 . LEU A 1 38 ? 1.873   -8.296  0.665   0 49.59  ?  909  LEU A HD13 1 
ATOM   548  H HD21 . LEU A 1 38 ? 0.388   -8.589  -2.233  0 48.51  ?  909  LEU A HD21 1 
ATOM   549  H HD22 . LEU A 1 38 ? -0.420  -8.197  -0.693  0 49.25  ?  909  LEU A HD22 1 
ATOM   550  H HD23 . LEU A 1 38 ? -0.508  -7.056  -2.060  0 46.56  ?  909  LEU A HD23 1 
ATOM   551  N N    . LEU A 1 39 ? 3.049   -3.690  -1.394  1 40.11  ?  910  LEU A N    1 
ATOM   552  C CA   . LEU A 1 39 ? 4.027   -3.246  -2.385  1 40.33  ?  910  LEU A CA   1 
ATOM   553  C C    . LEU A 1 39 ? 5.323   -2.818  -1.708  1 40.54  ?  910  LEU A C    1 
ATOM   554  O O    . LEU A 1 39 ? 6.399   -3.186  -2.164  1 40.74  ?  910  LEU A O    1 
ATOM   555  C CB   . LEU A 1 39 ? 3.455   -2.067  -3.208  1 40.51  ?  910  LEU A CB   1 
ATOM   556  C CG   . LEU A 1 39 ? 4.395   -1.413  -4.238  1 41.84  ?  910  LEU A CG   1 
ATOM   557  C CD1  . LEU A 1 39 ? 4.752   -2.387  -5.351  1 42.38  ?  910  LEU A CD1  1 
ATOM   558  C CD2  . LEU A 1 39 ? 3.789   -0.131  -4.818  1 42.32  ?  910  LEU A CD2  1 
ATOM   559  H H    . LEU A 1 39 ? 2.200   -3.136  -1.401  0 38.7   ?  910  LEU A H    1 
ATOM   560  H HA   . LEU A 1 39 ? 4.253   -4.081  -3.046  0 38.49  ?  910  LEU A HA   1 
ATOM   561  H HB2  . LEU A 1 39 ? 2.573   -2.419  -3.743  0 38.11  ?  910  LEU A HB2  1 
ATOM   562  H HB3  . LEU A 1 39 ? 3.158   -1.288  -2.506  0 38.6   ?  910  LEU A HB3  1 
ATOM   563  H HG   . LEU A 1 39 ? 5.326   -1.117  -3.756  0 40.38  ?  910  LEU A HG   1 
ATOM   564  H HD11 . LEU A 1 39 ? 5.077   -1.815  -6.219  0 41.41  ?  910  LEU A HD11 1 
ATOM   565  H HD12 . LEU A 1 39 ? 5.564   -3.032  -5.019  0 40.7   ?  910  LEU A HD12 1 
ATOM   566  H HD13 . LEU A 1 39 ? 3.878   -2.984  -5.605  0 40.7   ?  910  LEU A HD13 1 
ATOM   567  H HD21 . LEU A 1 39 ? 4.583   0.450   -5.285  0 41.78  ?  910  LEU A HD21 1 
ATOM   568  H HD22 . LEU A 1 39 ? 3.053   -0.404  -5.572  0 40.78  ?  910  LEU A HD22 1 
ATOM   569  H HD23 . LEU A 1 39 ? 3.321   0.448   -4.024  0 40.95  ?  910  LEU A HD23 1 
ATOM   570  N N    . SER A 1 40 ? 5.212   -2.052  -0.621  1 40.44  ?  911  SER A N    1 
ATOM   571  C CA   . SER A 1 40 ? 6.347   -1.567  0.158   1 40.86  ?  911  SER A CA   1 
ATOM   572  C C    . SER A 1 40 ? 7.168   -2.758  0.685   1 40.97  ?  911  SER A C    1 
ATOM   573  O O    . SER A 1 40 ? 8.393   -2.745  0.580   1 41.09  ?  911  SER A O    1 
ATOM   574  C CB   . SER A 1 40 ? 5.851   -0.697  1.317   1 42.52  ?  911  SER A CB   1 
ATOM   575  O OG   . SER A 1 40 ? 6.836   0.197   1.807   1 45.65  ?  911  SER A OG   1 
ATOM   576  H H    . SER A 1 40 ? 4.312   -1.750  -0.259  0 40.44  ?  911  SER A H    1 
ATOM   577  H HA   . SER A 1 40 ? 6.991   -0.973  -0.489  0 42     ?  911  SER A HA   1 
ATOM   578  H HB2  . SER A 1 40 ? 5.007   -0.096  0.983   0 45.31  ?  911  SER A HB2  1 
ATOM   579  H HB3  . SER A 1 40 ? 5.537   -1.348  2.132   0 46.64  ?  911  SER A HB3  1 
ATOM   580  H HG   . SER A 1 40 ? 6.454   0.764   2.527   0 52.79  ?  911  SER A HG   1 
ATOM   581  N N    . ALA A 1 41 ? 6.489   -3.802  1.195   1 40.66  ?  912  ALA A N    1 
ATOM   582  C CA   . ALA A 1 41 ? 7.138   -5.009  1.693   1 40.93  ?  912  ALA A CA   1 
ATOM   583  C C    . ALA A 1 41 ? 7.874   -5.748  0.579   1 41.64  ?  912  ALA A C    1 
ATOM   584  O O    . ALA A 1 41 ? 9.011   -6.165  0.788   1 42.06  ?  912  ALA A O    1 
ATOM   585  C CB   . ALA A 1 41 ? 6.111   -5.930  2.339   1 40.8   ?  912  ALA A CB   1 
ATOM   586  H H    . ALA A 1 41 ? 5.479   -3.827  1.291   0 42.71  ?  912  ALA A H    1 
ATOM   587  H HA   . ALA A 1 41 ? 7.863   -4.729  2.455   0 45.36  ?  912  ALA A HA   1 
ATOM   588  H HB1  . ALA A 1 41 ? 6.618   -6.822  2.705   0 46.4   ?  912  ALA A HB1  1 
ATOM   589  H HB2  . ALA A 1 41 ? 5.637   -5.406  3.166   0 46.66  ?  912  ALA A HB2  1 
ATOM   590  H HB3  . ALA A 1 41 ? 5.364   -6.207  1.596   0 44.18  ?  912  ALA A HB3  1 
ATOM   591  N N    . LEU A 1 42 ? 7.257   -5.894  -0.604  1 41.75  ?  913  LEU A N    1 
ATOM   592  C CA   . LEU A 1 42 ? 7.898   -6.586  -1.721  1 42.28  ?  913  LEU A CA   1 
ATOM   593  C C    . LEU A 1 42 ? 9.086   -5.787  -2.269  1 43.17  ?  913  LEU A C    1 
ATOM   594  O O    . LEU A 1 42 ? 10.116  -6.379  -2.590  1 43.29  ?  913  LEU A O    1 
ATOM   595  C CB   . LEU A 1 42 ? 6.883   -6.887  -2.837  1 42.21  ?  913  LEU A CB   1 
ATOM   596  C CG   . LEU A 1 42 ? 5.770   -7.897  -2.499  1 43.4   ?  913  LEU A CG   1 
ATOM   597  C CD1  . LEU A 1 42 ? 4.661   -7.854  -3.543  1 43.9   ?  913  LEU A CD1  1 
ATOM   598  C CD2  . LEU A 1 42 ? 6.312   -9.325  -2.362  1 43.85  ?  913  LEU A CD2  1 
ATOM   599  H H    . LEU A 1 42 ? 6.331   -5.535  -0.811  0 41.71  ?  913  LEU A H    1 
ATOM   600  H HA   . LEU A 1 42 ? 8.297   -7.531  -1.354  0 42.86  ?  913  LEU A HA   1 
ATOM   601  H HB2  . LEU A 1 42 ? 6.404   -5.952  -3.123  0 41.17  ?  913  LEU A HB2  1 
ATOM   602  H HB3  . LEU A 1 42 ? 7.429   -7.283  -3.692  0 41.95  ?  913  LEU A HB3  1 
ATOM   603  H HG   . LEU A 1 42 ? 5.326   -7.622  -1.542  0 44.48  ?  913  LEU A HG   1 
ATOM   604  H HD11 . LEU A 1 42 ? 3.878   -8.556  -3.262  0 46.04  ?  913  LEU A HD11 1 
ATOM   605  H HD12 . LEU A 1 42 ? 4.255   -6.844  -3.590  0 43.82  ?  913  LEU A HD12 1 
ATOM   606  H HD13 . LEU A 1 42 ? 5.078   -8.130  -4.511  0 45.18  ?  913  LEU A HD13 1 
ATOM   607  H HD21 . LEU A 1 42 ? 5.474   -10.020 -2.322  0 47.7   ?  913  LEU A HD21 1 
ATOM   608  H HD22 . LEU A 1 42 ? 6.942   -9.553  -3.219  0 46.19  ?  913  LEU A HD22 1 
ATOM   609  H HD23 . LEU A 1 42 ? 6.890   -9.409  -1.442  0 46.63  ?  913  LEU A HD23 1 
ATOM   610  N N    . GLN A 1 43 ? 8.972   -4.455  -2.341  1 43.62  ?  914  GLN A N    1 
ATOM   611  C CA   . GLN A 1 43 ? 10.077  -3.609  -2.802  1 44.47  ?  914  GLN A CA   1 
ATOM   612  C C    . GLN A 1 43 ? 11.261  -3.730  -1.836  1 45     ?  914  GLN A C    1 
ATOM   613  O O    . GLN A 1 43 ? 12.404  -3.829  -2.278  1 45.29  ?  914  GLN A O    1 
ATOM   614  C CB   . GLN A 1 43 ? 9.642   -2.137  -2.927  1 46.41  ?  914  GLN A CB   1 
ATOM   615  C CG   . GLN A 1 43 ? 8.718   -1.856  -4.109  1 50.46  ?  914  GLN A CG   1 
ATOM   616  C CD   . GLN A 1 43 ? 8.331   -0.399  -4.183  1 55.66  ?  914  GLN A CD   1 
ATOM   617  O OE1  . GLN A 1 43 ? 8.802   0.339   -5.053  1 57.52  ?  914  GLN A OE1  1 
ATOM   618  N NE2  . GLN A 1 43 ? 7.468   0.061   -3.285  1 56.36  ?  914  GLN A NE2  1 
ATOM   619  H H    . GLN A 1 43 ? 8.133   -3.941  -2.091  0 42.63  ?  914  GLN A H    1 
ATOM   620  H HA   . GLN A 1 43 ? 10.407  -3.953  -3.780  0 43.67  ?  914  GLN A HA   1 
ATOM   621  H HB2  . GLN A 1 43 ? 9.124   -1.837  -2.018  0 46.66  ?  914  GLN A HB2  1 
ATOM   622  H HB3  . GLN A 1 43 ? 10.533  -1.525  -3.056  0 47.21  ?  914  GLN A HB3  1 
ATOM   623  H HG2  . GLN A 1 43 ? 9.229   -2.120  -5.034  0 50.25  ?  914  GLN A HG2  1 
ATOM   624  H HG3  . GLN A 1 43 ? 7.808   -2.444  -4.001  0 49.31  ?  914  GLN A HG3  1 
ATOM   625  H HE21 . GLN A 1 43 ? 7.069   -0.561  -2.590  0 56.29  ?  914  GLN A HE21 1 
ATOM   626  H HE22 . GLN A 1 43 ? 7.188   1.035   -3.308  0 57.73  ?  914  GLN A HE22 1 
ATOM   627  N N    . LYS A 1 44 ? 10.972  -3.750  -0.521  1 44.99  ?  915  LYS A N    1 
ATOM   628  C CA   . LYS A 1 44 ? 11.962  -3.912  0.550   1 45.4   ?  915  LYS A CA   1 
ATOM   629  C C    . LYS A 1 44 ? 12.638  -5.284  0.425   1 45.63  ?  915  LYS A C    1 
ATOM   630  O O    . LYS A 1 44 ? 13.861  -5.372  0.491   1 45.63  ?  915  LYS A O    1 
ATOM   631  C CB   . LYS A 1 44 ? 11.272  -3.806  1.940   1 47.14  ?  915  LYS A CB   1 
ATOM   632  C CG   . LYS A 1 44 ? 11.954  -2.898  2.964   1 51.28  ?  915  LYS A CG   1 
ATOM   633  C CD   . LYS A 1 44 ? 10.977  -2.452  4.079   1 55.91  ?  915  LYS A CD   1 
ATOM   634  C CE   . LYS A 1 44 ? 10.190  -1.193  3.756   1 59.59  ?  915  LYS A CE   1 
ATOM   635  N NZ   . LYS A 1 44 ? 8.856   -1.166  4.430   1 61.67  ?  915  LYS A NZ   1 
ATOM   636  H H    . LYS A 1 44 ? 10.025  -3.640  -0.173  0 46.17  ?  915  LYS A H    1 
ATOM   637  H HA   . LYS A 1 44 ? 12.728  -3.145  0.438   0 48.76  ?  915  LYS A HA   1 
ATOM   638  H HB2  . LYS A 1 44 ? 10.250  -3.450  1.820   0 51.32  ?  915  LYS A HB2  1 
ATOM   639  H HB3  . LYS A 1 44 ? 11.245  -4.801  2.381   0 52.13  ?  915  LYS A HB3  1 
ATOM   640  H HG2  . LYS A 1 44 ? 12.778  -3.437  3.429   0 59.73  ?  915  LYS A HG2  1 
ATOM   641  H HG3  . LYS A 1 44 ? 12.324  -2.003  2.465   0 58.78  ?  915  LYS A HG3  1 
ATOM   642  H HD2  . LYS A 1 44 ? 10.263  -3.254  4.263   0 65.35  ?  915  LYS A HD2  1 
ATOM   643  H HD3  . LYS A 1 44 ? 11.549  -2.258  4.985   0 68.61  ?  915  LYS A HD3  1 
ATOM   644  H HE2  . LYS A 1 44 ? 10.754  -0.325  4.096   0 71.71  ?  915  LYS A HE2  1 
ATOM   645  H HE3  . LYS A 1 44 ? 10.024  -1.130  2.681   0 67.08  ?  915  LYS A HE3  1 
ATOM   646  H HZ1  . LYS A 1 44 ? 8.284   -1.939  4.105   0 70.76  ?  915  LYS A HZ1  1 
ATOM   647  H HZ2  . LYS A 1 44 ? 8.972   -1.243  5.435   0 75.23  ?  915  LYS A HZ2  1 
ATOM   648  H HZ3  . LYS A 1 44 ? 8.379   -0.294  4.220   0 72.61  ?  915  LYS A HZ3  1 
ATOM   649  N N    . LYS A 1 45 ? 11.841  -6.342  0.214   1 45.77  ?  916  LYS A N    1 
ATOM   650  C CA   . LYS A 1 45 ? 12.331  -7.714  0.077   1 46.58  ?  916  LYS A CA   1 
ATOM   651  C C    . LYS A 1 45 ? 13.281  -7.832  -1.131  1 47.08  ?  916  LYS A C    1 
ATOM   652  O O    . LYS A 1 45 ? 14.311  -8.493  -1.033  1 46.97  ?  916  LYS A O    1 
ATOM   653  C CB   . LYS A 1 45 ? 11.135  -8.677  -0.091  1 48.53  ?  916  LYS A CB   1 
ATOM   654  C CG   . LYS A 1 45 ? 11.289  -10.070 0.539   1 53     ?  916  LYS A CG   1 
ATOM   655  C CD   . LYS A 1 45 ? 9.994   -10.558 1.244   1 58.07  ?  916  LYS A CD   1 
ATOM   656  C CE   . LYS A 1 45 ? 8.809   -10.822 0.323   1 62.11  ?  916  LYS A CE   1 
ATOM   657  N NZ   . LYS A 1 45 ? 7.509   -10.452 0.951   1 64.41  ?  916  LYS A NZ   1 
ATOM   658  H H    . LYS A 1 45 ? 10.833  -6.260  0.127   0 47.16  ?  916  LYS A H    1 
ATOM   659  H HA   . LYS A 1 45 ? 12.894  -7.967  0.975   0 49.66  ?  916  LYS A HA   1 
ATOM   660  H HB2  . LYS A 1 45 ? 10.249  -8.210  0.339   0 50.97  ?  916  LYS A HB2  1 
ATOM   661  H HB3  . LYS A 1 45 ? 10.973  -8.829  -1.157  0 49.91  ?  916  LYS A HB3  1 
ATOM   662  H HG2  . LYS A 1 45 ? 11.532  -10.786 -0.245  0 56.96  ?  916  LYS A HG2  1 
ATOM   663  H HG3  . LYS A 1 45 ? 12.085  -10.054 1.283   0 57.91  ?  916  LYS A HG3  1 
ATOM   664  H HD2  . LYS A 1 45 ? 10.217  -11.491 1.761   0 65.96  ?  916  LYS A HD2  1 
ATOM   665  H HD3  . LYS A 1 45 ? 9.689   -9.808  1.973   0 64.35  ?  916  LYS A HD3  1 
ATOM   666  H HE2  . LYS A 1 45 ? 8.899   -10.265 -0.608  0 65.92  ?  916  LYS A HE2  1 
ATOM   667  H HE3  . LYS A 1 45 ? 8.774   -11.889 0.106   0 69.12  ?  916  LYS A HE3  1 
ATOM   668  H HZ1  . LYS A 1 45 ? 6.743   -10.684 0.327   0 70.68  ?  916  LYS A HZ1  1 
ATOM   669  H HZ2  . LYS A 1 45 ? 7.388   -10.958 1.823   0 72.86  ?  916  LYS A HZ2  1 
ATOM   670  H HZ3  . LYS A 1 45 ? 7.486   -9.455  1.142   0 69.67  ?  916  LYS A HZ3  1 
ATOM   671  N N    . LYS A 1 46 ? 12.931  -7.170  -2.253  1 47.29  ?  917  LYS A N    1 
ATOM   672  C CA   . LYS A 1 46 ? 13.728  -7.148  -3.484  1 47.97  ?  917  LYS A CA   1 
ATOM   673  C C    . LYS A 1 46 ? 15.066  -6.433  -3.251  1 48.17  ?  917  LYS A C    1 
ATOM   674  O O    . LYS A 1 46 ? 16.091  -6.923  -3.717  1 47.96  ?  917  LYS A O    1 
ATOM   675  C CB   . LYS A 1 46 ? 12.933  -6.451  -4.616  1 50.18  ?  917  LYS A CB   1 
ATOM   676  C CG   . LYS A 1 46 ? 13.621  -6.429  -5.997  1 54.64  ?  917  LYS A CG   1 
ATOM   677  C CD   . LYS A 1 46 ? 13.323  -5.141  -6.785  1 58.96  ?  917  LYS A CD   1 
ATOM   678  C CE   . LYS A 1 46 ? 14.218  -4.958  -7.987  1 62.38  ?  917  LYS A CE   1 
ATOM   679  N NZ   . LYS A 1 46 ? 14.067  -3.600  -8.578  1 64.43  ?  917  LYS A NZ   1 
ATOM   680  H H    . LYS A 1 46 ? 12.069  -6.643  -2.339  0 46.98  ?  917  LYS A H    1 
ATOM   681  H HA   . LYS A 1 46 ? 13.937  -8.170  -3.795  0 48.04  ?  917  LYS A HA   1 
ATOM   682  H HB2  . LYS A 1 46 ? 11.987  -6.975  -4.738  0 49.88  ?  917  LYS A HB2  1 
ATOM   683  H HB3  . LYS A 1 46 ? 12.737  -5.427  -4.302  0 49.8   ?  917  LYS A HB3  1 
ATOM   684  H HG2  . LYS A 1 46 ? 14.701  -6.515  -5.892  0 55.38  ?  917  LYS A HG2  1 
ATOM   685  H HG3  . LYS A 1 46 ? 13.244  -7.266  -6.583  0 55.74  ?  917  LYS A HG3  1 
ATOM   686  H HD2  . LYS A 1 46 ? 12.292  -5.168  -7.135  0 60.24  ?  917  LYS A HD2  1 
ATOM   687  H HD3  . LYS A 1 46 ? 13.472  -4.279  -6.136  0 60.04  ?  917  LYS A HD3  1 
ATOM   688  H HE2  . LYS A 1 46 ? 15.257  -5.080  -7.686  0 65.37  ?  917  LYS A HE2  1 
ATOM   689  H HE3  . LYS A 1 46 ? 13.957  -5.692  -8.748  0 66.2   ?  917  LYS A HE3  1 
ATOM   690  H HZ1  . LYS A 1 46 ? 14.684  -3.499  -9.377  0 70.52  ?  917  LYS A HZ1  1 
ATOM   691  H HZ2  . LYS A 1 46 ? 13.109  -3.458  -8.880  0 68.92  ?  917  LYS A HZ2  1 
ATOM   692  H HZ3  . LYS A 1 46 ? 14.303  -2.893  -7.889  0 68.58  ?  917  LYS A HZ3  1 
ATOM   693  N N    . GLN A 1 47 ? 15.056  -5.277  -2.553  1 48.46  ?  918  GLN A N    1 
ATOM   694  C CA   . GLN A 1 47 ? 16.275  -4.527  -2.237  1 49.21  ?  918  GLN A CA   1 
ATOM   695  C C    . GLN A 1 47 ? 17.175  -5.389  -1.352  1 49.51  ?  918  GLN A C    1 
ATOM   696  O O    . GLN A 1 47 ? 18.373  -5.475  -1.608  1 49.58  ?  918  GLN A O    1 
ATOM   697  C CB   . GLN A 1 47 ? 15.922  -3.198  -1.525  1 51.25  ?  918  GLN A CB   1 
ATOM   698  C CG   . GLN A 1 47 ? 17.100  -2.257  -1.214  1 55.6   ?  918  GLN A CG   1 
ATOM   699  C CD   . GLN A 1 47 ? 17.728  -1.593  -2.428  1 60.56  ?  918  GLN A CD   1 
ATOM   700  O OE1  . GLN A 1 47 ? 17.150  -1.547  -3.524  1 62.48  ?  918  GLN A OE1  1 
ATOM   701  N NE2  . GLN A 1 47 ? 18.934  -1.047  -2.256  1 60.65  ?  918  GLN A NE2  1 
ATOM   702  H H    . GLN A 1 47 ? 14.214  -4.828  -2.204  0 49.07  ?  918  GLN A H    1 
ATOM   703  H HA   . GLN A 1 47 ? 16.810  -4.296  -3.157  0 51.13  ?  918  GLN A HA   1 
ATOM   704  H HB2  . GLN A 1 47 ? 15.212  -2.651  -2.142  0 54.15  ?  918  GLN A HB2  1 
ATOM   705  H HB3  . GLN A 1 47 ? 15.451  -3.442  -0.574  0 54.69  ?  918  GLN A HB3  1 
ATOM   706  H HG2  . GLN A 1 47 ? 16.735  -1.461  -0.568  0 62.47  ?  918  GLN A HG2  1 
ATOM   707  H HG3  . GLN A 1 47 ? 17.885  -2.806  -0.696  0 61.31  ?  918  GLN A HG3  1 
ATOM   708  H HE21 . GLN A 1 47 ? 19.392  -1.084  -1.351  0 69.9   ?  918  GLN A HE21 1 
ATOM   709  H HE22 . GLN A 1 47 ? 19.395  -0.589  -3.036  0 69.94  ?  918  GLN A HE22 1 
ATOM   710  N N    . GLN A 1 48 ? 16.594  -6.050  -0.341  1 49.45  ?  919  GLN A N    1 
ATOM   711  C CA   . GLN A 1 48 ? 17.355  -6.907  0.563   1 49.87  ?  919  GLN A CA   1 
ATOM   712  C C    . GLN A 1 48 ? 17.972  -8.111  -0.164  1 50.2   ?  919  GLN A C    1 
ATOM   713  O O    . GLN A 1 48 ? 19.129  -8.437  0.091   1 50.29  ?  919  GLN A O    1 
ATOM   714  C CB   . GLN A 1 48 ? 16.481  -7.367  1.747   1 51.33  ?  919  GLN A CB   1 
ATOM   715  C CG   . GLN A 1 48 ? 16.187  -6.243  2.750   1 55.03  ?  919  GLN A CG   1 
ATOM   716  C CD   . GLN A 1 48 ? 15.080  -6.545  3.746   1 60.07  ?  919  GLN A CD   1 
ATOM   717  O OE1  . GLN A 1 48 ? 14.201  -7.394  3.529   1 61.83  ?  919  GLN A OE1  1 
ATOM   718  N NE2  . GLN A 1 48 ? 15.075  -5.826  4.864   1 60.66  ?  919  GLN A NE2  1 
ATOM   719  H H    . GLN A 1 48 ? 15.602  -6.005  -0.130  0 51.72  ?  919  GLN A H    1 
ATOM   720  H HA   . GLN A 1 48 ? 18.179  -6.318  0.963   0 54.4   ?  919  GLN A HA   1 
ATOM   721  H HB2  . GLN A 1 48 ? 15.539  -7.751  1.360   0 55.23  ?  919  GLN A HB2  1 
ATOM   722  H HB3  . GLN A 1 48 ? 17.008  -8.156  2.281   0 57.06  ?  919  GLN A HB3  1 
ATOM   723  H HG2  . GLN A 1 48 ? 17.097  -6.047  3.317   0 63.45  ?  919  GLN A HG2  1 
ATOM   724  H HG3  . GLN A 1 48 ? 15.898  -5.347  2.204   0 61.13  ?  919  GLN A HG3  1 
ATOM   725  H HE21 . GLN A 1 48 ? 15.781  -5.115  5.028   0 73.23  ?  919  GLN A HE21 1 
ATOM   726  H HE22 . GLN A 1 48 ? 14.355  -5.988  5.563   0 73.72  ?  919  GLN A HE22 1 
ATOM   727  N N    . GLU A 1 49 ? 17.228  -8.749  -1.080  1 50.34  ?  920  GLU A N    1 
ATOM   728  C CA   . GLU A 1 49 ? 17.749  -9.901  -1.821  1 51.1   ?  920  GLU A CA   1 
ATOM   729  C C    . GLU A 1 49 ? 18.874  -9.506  -2.792  1 51.56  ?  920  GLU A C    1 
ATOM   730  O O    . GLU A 1 49 ? 19.852  -10.247 -2.901  1 51.6   ?  920  GLU A O    1 
ATOM   731  C CB   . GLU A 1 49 ? 16.629  -10.644 -2.589  1 53.57  ?  920  GLU A CB   1 
ATOM   732  C CG   . GLU A 1 49 ? 16.230  -12.000 -2.019  1 58.96  ?  920  GLU A CG   1 
ATOM   733  C CD   . GLU A 1 49 ? 14.739  -12.182 -1.840  1 66.37  ?  920  GLU A CD   1 
ATOM   734  O OE1  . GLU A 1 49 ? 14.007  -12.134 -2.855  1 68.27  ?  920  GLU A OE1  1 
ATOM   735  O OE2  . GLU A 1 49 ? 14.301  -12.381 -0.684  1 68.68  -1 920  GLU A OE2  1 
ATOM   736  H H    . GLU A 1 49 ? 16.274  -8.492  -1.311  0 51.51  ?  920  GLU A H    1 
ATOM   737  H HA   . GLU A 1 49 ? 18.199  -10.562 -1.080  0 53.31  ?  920  GLU A HA   1 
ATOM   738  H HB2  . GLU A 1 49 ? 15.727  -10.035 -2.631  0 54.73  ?  920  GLU A HB2  1 
ATOM   739  H HB3  . GLU A 1 49 ? 16.981  -10.820 -3.605  0 55.12  ?  920  GLU A HB3  1 
ATOM   740  H HG2  . GLU A 1 49 ? 16.575  -12.775 -2.701  0 62.52  ?  920  GLU A HG2  1 
ATOM   741  H HG3  . GLU A 1 49 ? 16.684  -12.149 -1.040  0 62.53  ?  920  GLU A HG3  1 
ATOM   742  N N    . GLU A 1 50 ? 18.749  -8.363  -3.499  1 51.77  ?  921  GLU A N    1 
ATOM   743  C CA   . GLU A 1 50 ? 19.819  -7.895  -4.391  1 52.54  ?  921  GLU A CA   1 
ATOM   744  C C    . GLU A 1 50 ? 21.051  -7.524  -3.548  1 52.52  ?  921  GLU A C    1 
ATOM   745  O O    . GLU A 1 50 ? 22.175  -7.863  -3.916  1 52.48  ?  921  GLU A O    1 
ATOM   746  C CB   . GLU A 1 50 ? 19.364  -6.693  -5.254  1 55.65  ?  921  GLU A CB   1 
ATOM   747  C CG   . GLU A 1 50 ? 20.502  -5.975  -5.986  1 62.34  ?  921  GLU A CG   1 
ATOM   748  C CD   . GLU A 1 50 ? 20.260  -5.591  -7.432  1 70.99  ?  921  GLU A CD   1 
ATOM   749  O OE1  . GLU A 1 50 ? 19.105  -5.258  -7.787  1 72.59  ?  921  GLU A OE1  1 
ATOM   750  O OE2  . GLU A 1 50 ? 21.243  -5.611  -8.209  1 73.72  -1 921  GLU A OE2  1 
ATOM   751  H H    . GLU A 1 50 ? 17.929  -7.764  -3.486  0 52.49  ?  921  GLU A H    1 
ATOM   752  H HA   . GLU A 1 50 ? 20.101  -8.701  -5.067  0 54.15  ?  921  GLU A HA   1 
ATOM   753  H HB2  . GLU A 1 50 ? 18.656  -7.059  -5.997  0 57.64  ?  921  GLU A HB2  1 
ATOM   754  H HB3  . GLU A 1 50 ? 18.878  -5.960  -4.613  0 57.54  ?  921  GLU A HB3  1 
ATOM   755  H HG2  . GLU A 1 50 ? 20.727  -5.058  -5.442  0 66.38  ?  921  GLU A HG2  1 
ATOM   756  H HG3  . GLU A 1 50 ? 21.389  -6.606  -6.007  0 65.84  ?  921  GLU A HG3  1 
ATOM   757  N N    . GLU A 1 51 ? 20.827  -6.835  -2.421  1 52.42  ?  922  GLU A N    1 
ATOM   758  C CA   . GLU A 1 51 ? 21.876  -6.429  -1.484  1 52.86  ?  922  GLU A CA   1 
ATOM   759  C C    . GLU A 1 51 ? 22.700  -7.634  -1.037  1 52.98  ?  922  GLU A C    1 
ATOM   760  O O    . GLU A 1 51 ? 23.920  -7.611  -1.163  1 53.2   ?  922  GLU A O    1 
ATOM   761  C CB   . GLU A 1 51 ? 21.256  -5.764  -0.229  1 55.42  ?  922  GLU A CB   1 
ATOM   762  C CG   . GLU A 1 51 ? 21.874  -4.464  0.235   1 60.78  ?  922  GLU A CG   1 
ATOM   763  C CD   . GLU A 1 51 ? 20.849  -3.655  1.004   1 68     ?  922  GLU A CD   1 
ATOM   764  O OE1  . GLU A 1 51 ? 20.248  -4.206  1.956   1 68.95  ?  922  GLU A OE1  1 
ATOM   765  O OE2  . GLU A 1 51 ? 20.611  -2.486  0.625   1 70.84  -1 922  GLU A OE2  1 
ATOM   766  H H    . GLU A 1 51 ? 19.902  -6.520  -2.149  0 54.69  ?  922  GLU A H    1 
ATOM   767  H HA   . GLU A 1 51 ? 22.532  -5.735  -2.006  0 57.42  ?  922  GLU A HA   1 
ATOM   768  H HB2  . GLU A 1 51 ? 20.202  -5.548  -0.401  0 59.91  ?  922  GLU A HB2  1 
ATOM   769  H HB3  . GLU A 1 51 ? 21.338  -6.457  0.607   0 60.96  ?  922  GLU A HB3  1 
ATOM   770  H HG2  . GLU A 1 51 ? 22.715  -4.675  0.895   0 69.63  ?  922  GLU A HG2  1 
ATOM   771  H HG3  . GLU A 1 51 ? 22.199  -3.879  -0.624  0 68.52  ?  922  GLU A HG3  1 
ATOM   772  N N    . ALA A 1 52 ? 22.021  -8.713  -0.606  1 52.63  ?  923  ALA A N    1 
ATOM   773  C CA   . ALA A 1 52 ? 22.667  -9.926  -0.113  1 52.86  ?  923  ALA A CA   1 
ATOM   774  C C    . ALA A 1 52 ? 23.472  -10.691 -1.165  1 52.96  ?  923  ALA A C    1 
ATOM   775  O O    . ALA A 1 52 ? 24.542  -11.197 -0.838  1 53.19  ?  923  ALA A O    1 
ATOM   776  C CB   . ALA A 1 52 ? 21.631  -10.849 0.508   1 53.03  ?  923  ALA A CB   1 
ATOM   777  H H    . ALA A 1 52 ? 21.008  -8.770  -0.592  0 55.48  ?  923  ALA A H    1 
ATOM   778  H HA   . ALA A 1 52 ? 23.354  -9.637  0.682   0 57.7   ?  923  ALA A HA   1 
ATOM   779  H HB1  . ALA A 1 52 ? 22.132  -11.737 0.893   0 57.99  ?  923  ALA A HB1  1 
ATOM   780  H HB2  . ALA A 1 52 ? 21.129  -10.324 1.320   0 58.1   ?  923  ALA A HB2  1 
ATOM   781  H HB3  . ALA A 1 52 ? 20.907  -11.134 -0.254  0 56.35  ?  923  ALA A HB3  1 
ATOM   782  N N    . GLU A 1 53 ? 22.966  -10.808 -2.402  1 52.81  ?  924  GLU A N    1 
ATOM   783  C CA   . GLU A 1 53 ? 23.661  -11.557 -3.456  1 53.3   ?  924  GLU A CA   1 
ATOM   784  C C    . GLU A 1 53 ? 24.904  -10.816 -3.979  1 53.27  ?  924  GLU A C    1 
ATOM   785  O O    . GLU A 1 53 ? 25.881  -11.468 -4.341  1 53.16  ?  924  GLU A O    1 
ATOM   786  C CB   . GLU A 1 53 ? 22.690  -11.928 -4.594  1 56.01  ?  924  GLU A CB   1 
ATOM   787  C CG   . GLU A 1 53 ? 21.663  -12.988 -4.207  1 62.22  ?  924  GLU A CG   1 
ATOM   788  C CD   . GLU A 1 53 ? 20.330  -12.929 -4.940  1 69.66  ?  924  GLU A CD   1 
ATOM   789  O OE1  . GLU A 1 53 ? 19.319  -13.392 -4.360  1 70.52  ?  924  GLU A OE1  1 
ATOM   790  O OE2  . GLU A 1 53 ? 20.289  -12.421 -6.084  1 72.21  -1 924  GLU A OE2  1 
ATOM   791  H H    . GLU A 1 53 ? 22.088  -10.393 -2.697  0 54.68  ?  924  GLU A H    1 
ATOM   792  H HA   . GLU A 1 53 ? 24.022  -12.491 -3.029  0 55.98  ?  924  GLU A HA   1 
ATOM   793  H HB2  . GLU A 1 53 ? 22.160  -11.031 -4.909  0 58.27  ?  924  GLU A HB2  1 
ATOM   794  H HB3  . GLU A 1 53 ? 23.270  -12.321 -5.427  0 59.21  ?  924  GLU A HB3  1 
ATOM   795  H HG2  . GLU A 1 53 ? 22.096  -13.967 -4.408  0 66.18  ?  924  GLU A HG2  1 
ATOM   796  H HG3  . GLU A 1 53 ? 21.444  -12.906 -3.143  0 65.1   ?  924  GLU A HG3  1 
ATOM   797  N N    . ARG A 1 54 ? 24.889  -9.470  -3.974  1 53.08  ?  925  ARG A N    1 
ATOM   798  C CA   . ARG A 1 54 ? 26.062  -8.678  -4.359  1 53.34  ?  925  ARG A CA   1 
ATOM   799  C C    . ARG A 1 54 ? 27.127  -8.794  -3.254  1 53.26  ?  925  ARG A C    1 
ATOM   800  O O    . ARG A 1 54 ? 28.312  -8.894  -3.557  1 52.83  ?  925  ARG A O    1 
ATOM   801  C CB   . ARG A 1 54 ? 25.695  -7.194  -4.555  1 54.68  ?  925  ARG A CB   1 
ATOM   802  C CG   . ARG A 1 54 ? 24.805  -6.906  -5.764  1 57.92  ?  925  ARG A CG   1 
ATOM   803  C CD   . ARG A 1 54 ? 25.579  -6.546  -7.011  1 61.11  ?  925  ARG A CD   1 
ATOM   804  N NE   . ARG A 1 54 ? 24.711  -6.526  -8.194  1 64.01  ?  925  ARG A NE   1 
ATOM   805  C CZ   . ARG A 1 54 ? 25.116  -6.652  -9.459  1 66.36  ?  925  ARG A CZ   1 
ATOM   806  N NH1  . ARG A 1 54 ? 26.406  -6.836  -9.741  1 65.99  ?  925  ARG A NH1  1 
ATOM   807  N NH2  . ARG A 1 54 ? 24.234  -6.618  -10.451 1 66.41  ?  925  ARG A NH2  1 
ATOM   808  H H    . ARG A 1 54 ? 24.087  -8.909  -3.710  0 55.75  ?  925  ARG A H    1 
ATOM   809  H HA   . ARG A 1 54 ? 26.480  -9.056  -5.291  0 57.58  ?  925  ARG A HA   1 
ATOM   810  H HB2  . ARG A 1 54 ? 25.166  -6.846  -3.669  0 59.46  ?  925  ARG A HB2  1 
ATOM   811  H HB3  . ARG A 1 54 ? 26.617  -6.624  -4.666  0 60.93  ?  925  ARG A HB3  1 
ATOM   812  H HG2  . ARG A 1 54 ? 24.204  -7.787  -5.990  0 62.16  ?  925  ARG A HG2  1 
ATOM   813  H HG3  . ARG A 1 54 ? 24.152  -6.068  -5.526  0 63.34  ?  925  ARG A HG3  1 
ATOM   814  H HD2  . ARG A 1 54 ? 26.023  -5.559  -6.891  0 69.67  ?  925  ARG A HD2  1 
ATOM   815  H HD3  . ARG A 1 54 ? 26.357  -7.299  -7.135  0 68.15  ?  925  ARG A HD3  1 
ATOM   816  H HE   . ARG A 1 54 ? 23.717  -6.392  -8.036  0 71.19  ?  925  ARG A HE   1 
ATOM   817  H HH11 . ARG A 1 54 ? 27.138  -6.860  -9.040  0 76.66  ?  925  ARG A HH11 1 
ATOM   818  H HH12 . ARG A 1 54 ? 26.684  -6.928  -10.713 0 79.45  ?  925  ARG A HH12 1 
ATOM   819  H HH21 . ARG A 1 54 ? 23.246  -6.488  -10.256 0 76.94  ?  925  ARG A HH21 1 
ATOM   820  H HH22 . ARG A 1 54 ? 24.540  -6.721  -11.413 0 80.14  ?  925  ARG A HH22 1 
ATOM   821  N N    . LEU A 1 55 ? 26.699  -8.778  -1.974  1 53.5   ?  926  LEU A N    1 
ATOM   822  C CA   . LEU A 1 55 ? 27.601  -8.898  -0.827  1 54.17  ?  926  LEU A CA   1 
ATOM   823  C C    . LEU A 1 55 ? 28.202  -10.300 -0.709  1 55.12  ?  926  LEU A C    1 
ATOM   824  O O    . LEU A 1 55 ? 29.366  -10.436 -0.336  1 55.27  ?  926  LEU A O    1 
ATOM   825  C CB   . LEU A 1 55 ? 26.883  -8.494  0.472   1 54.13  ?  926  LEU A CB   1 
ATOM   826  C CG   . LEU A 1 55 ? 26.555  -6.995  0.614   1 55.32  ?  926  LEU A CG   1 
ATOM   827  C CD1  . LEU A 1 55 ? 25.504  -6.764  1.692   1 55.99  ?  926  LEU A CD1  1 
ATOM   828  C CD2  . LEU A 1 55 ? 27.807  -6.163  0.890   1 55.75  ?  926  LEU A CD2  1 
ATOM   829  H H    . LEU A 1 55 ? 25.724  -8.681  -1.710  0 57.62  ?  926  LEU A H    1 
ATOM   830  H HA   . LEU A 1 55 ? 28.442  -8.225  -0.980  0 60.89  ?  926  LEU A HA   1 
ATOM   831  H HB2  . LEU A 1 55 ? 25.950  -9.051  0.541   0 60.18  ?  926  LEU A HB2  1 
ATOM   832  H HB3  . LEU A 1 55 ? 27.522  -8.769  1.310   0 62.34  ?  926  LEU A HB3  1 
ATOM   833  H HG   . LEU A 1 55 ? 26.131  -6.637  -0.324  0 62.76  ?  926  LEU A HG   1 
ATOM   834  H HD11 . LEU A 1 55 ? 25.346  -5.694  1.823   0 66.99  ?  926  LEU A HD11 1 
ATOM   835  H HD12 . LEU A 1 55 ? 24.574  -7.236  1.378   0 63.87  ?  926  LEU A HD12 1 
ATOM   836  H HD13 . LEU A 1 55 ? 25.844  -7.212  2.624   0 66.9   ?  926  LEU A HD13 1 
ATOM   837  H HD21 . LEU A 1 55 ? 27.507  -5.156  1.175   0 68.49  ?  926  LEU A HD21 1 
ATOM   838  H HD22 . LEU A 1 55 ? 28.373  -6.622  1.700   0 67.75  ?  926  LEU A HD22 1 
ATOM   839  H HD23 . LEU A 1 55 ? 28.419  -6.109  -0.009  0 66.18  ?  926  LEU A HD23 1 
ATOM   840  N N    . ARG A 1 56 ? 27.427  -11.332 -1.067  1 55.63  ?  927  ARG A N    1 
ATOM   841  C CA   . ARG A 1 56 ? 27.893  -12.722 -1.101  1 56.59  ?  927  ARG A CA   1 
ATOM   842  C C    . ARG A 1 56 ? 29.020  -12.835 -2.135  1 56.71  ?  927  ARG A C    1 
ATOM   843  O O    . ARG A 1 56 ? 30.066  -13.405 -1.838  1 56.75  ?  927  ARG A O    1 
ATOM   844  C CB   . ARG A 1 56 ? 26.718  -13.654 -1.480  1 58.8   ?  927  ARG A CB   1 
ATOM   845  C CG   . ARG A 1 56 ? 27.084  -15.118 -1.682  1 63     ?  927  ARG A CG   1 
ATOM   846  C CD   . ARG A 1 56 ? 25.950  -15.858 -2.360  1 67.16  ?  927  ARG A CD   1 
ATOM   847  N NE   . ARG A 1 56 ? 26.243  -17.283 -2.531  1 70.98  ?  927  ARG A NE   1 
ATOM   848  C CZ   . ARG A 1 56 ? 25.401  -18.173 -3.053  1 73.63  ?  927  ARG A CZ   1 
ATOM   849  N NH1  . ARG A 1 56 ? 24.192  -17.794 -3.472  1 73.21  ?  927  ARG A NH1  1 
ATOM   850  N NH2  . ARG A 1 56 ? 25.756  -19.449 -3.162  1 73.71  ?  927  ARG A NH2  1 
ATOM   851  H H    . ARG A 1 56 ? 26.448  -11.232 -1.315  0 59.27  ?  927  ARG A H    1 
ATOM   852  H HA   . ARG A 1 56 ? 28.276  -13.011 -0.124  0 61.69  ?  927  ARG A HA   1 
ATOM   853  H HB2  . ARG A 1 56 ? 25.973  -13.609 -0.689  0 63.21  ?  927  ARG A HB2  1 
ATOM   854  H HB3  . ARG A 1 56 ? 26.283  -13.295 -2.412  0 62.18  ?  927  ARG A HB3  1 
ATOM   855  H HG2  . ARG A 1 56 ? 27.963  -15.223 -2.317  0 67.57  ?  927  ARG A HG2  1 
ATOM   856  H HG3  . ARG A 1 56 ? 27.261  -15.581 -0.713  0 68.68  ?  927  ARG A HG3  1 
ATOM   857  H HD2  . ARG A 1 56 ? 25.051  -15.766 -1.754  0 72.66  ?  927  ARG A HD2  1 
ATOM   858  H HD3  . ARG A 1 56 ? 25.782  -15.428 -3.348  0 71.91  ?  927  ARG A HD3  1 
ATOM   859  H HE   . ARG A 1 56 ? 27.151  -17.619 -2.226  0 78.14  ?  927  ARG A HE   1 
ATOM   860  H HH11 . ARG A 1 56 ? 23.866  -16.835 -3.413  0 80.12  ?  927  ARG A HH11 1 
ATOM   861  H HH12 . ARG A 1 56 ? 23.567  -18.489 -3.868  0 83.18  ?  927  ARG A HH12 1 
ATOM   862  H HH21 . ARG A 1 56 ? 26.672  -19.754 -2.849  0 84.46  ?  927  ARG A HH21 1 
ATOM   863  H HH22 . ARG A 1 56 ? 25.116  -20.127 -3.562  0 86.13  ?  927  ARG A HH22 1 
ATOM   864  N N    . ARG A 1 57 ? 28.816  -12.250 -3.327  1 56.8   ?  928  ARG A N    1 
ATOM   865  C CA   . ARG A 1 57 ? 29.811  -12.261 -4.395  1 57.49  ?  928  ARG A CA   1 
ATOM   866  C C    . ARG A 1 57 ? 31.088  -11.522 -3.992  1 57.56  ?  928  ARG A C    1 
ATOM   867  O O    . ARG A 1 57 ? 32.169  -11.953 -4.374  1 57.51  ?  928  ARG A O    1 
ATOM   868  C CB   . ARG A 1 57 ? 29.236  -11.671 -5.695  1 59.38  ?  928  ARG A CB   1 
ATOM   869  C CG   . ARG A 1 57 ? 28.255  -12.606 -6.395  1 63.54  ?  928  ARG A CG   1 
ATOM   870  C CD   . ARG A 1 57 ? 28.140  -12.330 -7.880  1 67.7   ?  928  ARG A CD   1 
ATOM   871  N NE   . ARG A 1 57 ? 27.547  -11.022 -8.164  1 71.71  ?  928  ARG A NE   1 
ATOM   872  C CZ   . ARG A 1 57 ? 26.243  -10.737 -8.136  1 74.92  ?  928  ARG A CZ   1 
ATOM   873  N NH1  . ARG A 1 57 ? 25.352  -11.672 -7.814  1 75.18  ?  928  ARG A NH1  1 
ATOM   874  N NH2  . ARG A 1 57 ? 25.821  -9.514  -8.424  1 75     ?  928  ARG A NH2  1 
ATOM   875  H H    . ARG A 1 57 ? 27.963  -11.759 -3.573  0 60.23  ?  928  ARG A H    1 
ATOM   876  H HA   . ARG A 1 57 ? 30.094  -13.297 -4.575  0 61.77  ?  928  ARG A HA   1 
ATOM   877  H HB2  . ARG A 1 57 ? 28.718  -10.739 -5.476  0 64.03  ?  928  ARG A HB2  1 
ATOM   878  H HB3  . ARG A 1 57 ? 30.065  -11.475 -6.374  0 65.07  ?  928  ARG A HB3  1 
ATOM   879  H HG2  . ARG A 1 57 ? 28.585  -13.638 -6.276  0 68.65  ?  928  ARG A HG2  1 
ATOM   880  H HG3  . ARG A 1 57 ? 27.268  -12.480 -5.953  0 67.81  ?  928  ARG A HG3  1 
ATOM   881  H HD2  . ARG A 1 57 ? 29.137  -12.337 -8.316  0 75.24  ?  928  ARG A HD2  1 
ATOM   882  H HD3  . ARG A 1 57 ? 27.541  -13.108 -8.352  0 75.01  ?  928  ARG A HD3  1 
ATOM   883  H HE   . ARG A 1 57 ? 28.188  -10.278 -8.426  0 79.46  ?  928  ARG A HE   1 
ATOM   884  H HH11 . ARG A 1 57 ? 25.609  -12.623 -7.573  0 80.87  ?  928  ARG A HH11 1 
ATOM   885  H HH12 . ARG A 1 57 ? 24.368  -11.424 -7.790  0 80.56  ?  928  ARG A HH12 1 
ATOM   886  H HH21 . ARG A 1 57 ? 26.487  -8.792  -8.681  0 83     ?  928  ARG A HH21 1 
ATOM   887  H HH22 . ARG A 1 57 ? 24.832  -9.292  -8.400  0 81.51  ?  928  ARG A HH22 1 
ATOM   888  N N    . ILE A 1 58 ? 30.971  -10.448 -3.198  1 57.6   ?  929  ILE A N    1 
ATOM   889  C CA   . ILE A 1 58 ? 32.119  -9.695  -2.692  1 58.32  ?  929  ILE A CA   1 
ATOM   890  C C    . ILE A 1 58 ? 32.952  -10.609 -1.766  1 59.52  ?  929  ILE A C    1 
ATOM   891  O O    . ILE A 1 58 ? 34.179  -10.620 -1.866  1 59.38  ?  929  ILE A O    1 
ATOM   892  C CB   . ILE A 1 58 ? 31.659  -8.362  -2.001  1 58.47  ?  929  ILE A CB   1 
ATOM   893  C CG1  . ILE A 1 58 ? 31.220  -7.320  -3.063  1 59.17  ?  929  ILE A CG1  1 
ATOM   894  C CG2  . ILE A 1 58 ? 32.771  -7.774  -1.123  1 58.83  ?  929  ILE A CG2  1 
ATOM   895  C CD1  . ILE A 1 58 ? 30.255  -6.154  -2.582  1 60.06  ?  929  ILE A CD1  1 
ATOM   896  H H    . ILE A 1 58 ? 30.079  -10.071 -2.893  0 62.79  ?  929  ILE A H    1 
ATOM   897  H HA   . ILE A 1 58 ? 32.758  -9.432  -3.534  0 65.9   ?  929  ILE A HA   1 
ATOM   898  H HB   . ILE A 1 58 ? 30.809  -8.570  -1.352  0 66.28  ?  929  ILE A HB   1 
ATOM   899  H HG12 . ILE A 1 58 ? 32.113  -6.847  -3.468  0 69.84  ?  929  ILE A HG12 1 
ATOM   900  H HG13 . ILE A 1 58 ? 30.700  -7.838  -3.868  0 67.05  ?  929  ILE A HG13 1 
ATOM   901  H HG21 . ILE A 1 58 ? 32.544  -6.742  -0.865  0 71.34  ?  929  ILE A HG21 1 
ATOM   902  H HG22 . ILE A 1 58 ? 32.848  -8.352  -0.204  0 69.62  ?  929  ILE A HG22 1 
ATOM   903  H HG23 . ILE A 1 58 ? 33.712  -7.814  -1.669  0 70.06  ?  929  ILE A HG23 1 
ATOM   904  H HD11 . ILE A 1 58 ? 30.158  -5.431  -3.390  0 71.26  ?  929  ILE A HD11 1 
ATOM   905  H HD12 . ILE A 1 58 ? 29.276  -6.572  -2.354  0 68.75  ?  929  ILE A HD12 1 
ATOM   906  H HD13 . ILE A 1 58 ? 30.665  -5.665  -1.699  0 71.98  ?  929  ILE A HD13 1 
ATOM   907  N N    . GLN A 1 59 ? 32.290  -11.419 -0.926  1 60.37  ?  930  GLN A N    1 
ATOM   908  C CA   . GLN A 1 59 ? 32.990  -12.354 -0.039  1 61.78  ?  930  GLN A CA   1 
ATOM   909  C C    . GLN A 1 59 ? 33.632  -13.522 -0.811  1 62.8   ?  930  GLN A C    1 
ATOM   910  O O    . GLN A 1 59 ? 34.714  -13.964 -0.440  1 62.8   ?  930  GLN A O    1 
ATOM   911  C CB   . GLN A 1 59 ? 32.043  -12.886 1.048   1 63.58  ?  930  GLN A CB   1 
ATOM   912  C CG   . GLN A 1 59 ? 31.576  -11.815 2.027   1 67.28  ?  930  GLN A CG   1 
ATOM   913  C CD   . GLN A 1 59 ? 31.190  -12.404 3.363   1 72.32  ?  930  GLN A CD   1 
ATOM   914  O OE1  . GLN A 1 59 ? 30.002  -12.555 3.684   1 74.27  ?  930  GLN A OE1  1 
ATOM   915  N NE2  . GLN A 1 59 ? 32.183  -12.747 4.180   1 72.77  ?  930  GLN A NE2  1 
ATOM   916  H H    . GLN A 1 59 ? 31.279  -11.456 -0.848  0 66.32  ?  930  GLN A H    1 
ATOM   917  H HA   . GLN A 1 59 ? 33.795  -11.820 0.465   0 70.21  ?  930  GLN A HA   1 
ATOM   918  H HB2  . GLN A 1 59 ? 31.160  -13.316 0.575   0 70.27  ?  930  GLN A HB2  1 
ATOM   919  H HB3  . GLN A 1 59 ? 32.565  -13.656 1.615   0 72.12  ?  930  GLN A HB3  1 
ATOM   920  H HG2  . GLN A 1 59 ? 32.387  -11.109 2.199   0 77.94  ?  930  GLN A HG2  1 
ATOM   921  H HG3  . GLN A 1 59 ? 30.709  -11.301 1.615   0 75.91  ?  930  GLN A HG3  1 
ATOM   922  H HE21 . GLN A 1 59 ? 33.151  -12.612 3.905   0 86.24  ?  930  GLN A HE21 1 
ATOM   923  H HE22 . GLN A 1 59 ? 31.971  -13.148 5.088   0 88.33  ?  930  GLN A HE22 1 
ATOM   924  N N    . GLU A 1 60 ? 32.987  -13.996 -1.890  1 63.79  ?  931  GLU A N    1 
ATOM   925  C CA   . GLU A 1 60 ? 33.508  -15.082 -2.730  1 65.12  ?  931  GLU A CA   1 
ATOM   926  C C    . GLU A 1 60 ? 34.752  -14.619 -3.489  1 66.14  ?  931  GLU A C    1 
ATOM   927  O O    . GLU A 1 60 ? 35.714  -15.378 -3.606  1 66.08  ?  931  GLU A O    1 
ATOM   928  C CB   . GLU A 1 60 ? 32.444  -15.558 -3.735  1 67.84  ?  931  GLU A CB   1 
ATOM   929  C CG   . GLU A 1 60 ? 31.286  -16.316 -3.098  1 73.54  ?  931  GLU A CG   1 
ATOM   930  C CD   . GLU A 1 60 ? 30.046  -16.463 -3.960  1 80.76  ?  931  GLU A CD   1 
ATOM   931  O OE1  . GLU A 1 60 ? 29.999  -15.869 -5.061  1 82.07  ?  931  GLU A OE1  1 
ATOM   932  O OE2  . GLU A 1 60 ? 29.110  -17.173 -3.523  1 83.32  -1 931  GLU A OE2  1 
ATOM   933  H H    . GLU A 1 60 ? 32.093  -13.636 -2.208  0 68.63  ?  931  GLU A H    1 
ATOM   934  H HA   . GLU A 1 60 ? 33.786  -15.925 -2.099  0 70.71  ?  931  GLU A HA   1 
ATOM   935  H HB2  . GLU A 1 60 ? 32.051  -14.685 -4.253  0 72.71  ?  931  GLU A HB2  1 
ATOM   936  H HB3  . GLU A 1 60 ? 32.918  -16.226 -4.453  0 73.49  ?  931  GLU A HB3  1 
ATOM   937  H HG2  . GLU A 1 60 ? 31.630  -17.319 -2.850  0 79.61  ?  931  GLU A HG2  1 
ATOM   938  H HG3  . GLU A 1 60 ? 30.986  -15.801 -2.187  0 78.65  ?  931  GLU A HG3  1 
ATOM   939  N N    . GLU A 1 61 ? 34.735  -13.379 -4.009  1 66.72  ?  932  GLU A N    1 
ATOM   940  C CA   . GLU A 1 61 ? 35.903  -12.827 -4.700  1 67.84  ?  932  GLU A CA   1 
ATOM   941  C C    . GLU A 1 61 ? 37.066  -12.580 -3.722  1 68.91  ?  932  GLU A C    1 
ATOM   942  O O    . GLU A 1 61 ? 38.226  -12.717 -4.110  1 68.88  ?  932  GLU A O    1 
ATOM   943  C CB   . GLU A 1 61 ? 35.539  -11.551 -5.491  1 69.77  ?  932  GLU A CB   1 
ATOM   944  C CG   . GLU A 1 61 ? 34.913  -11.815 -6.859  1 74.19  ?  932  GLU A CG   1 
ATOM   945  C CD   . GLU A 1 61 ? 33.460  -11.413 -7.037  1 80.28  ?  932  GLU A CD   1 
ATOM   946  O OE1  . GLU A 1 61 ? 33.116  -10.253 -6.714  1 81.21  ?  932  GLU A OE1  1 
ATOM   947  O OE2  . GLU A 1 61 ? 32.668  -12.254 -7.521  1 82.39  -1 932  GLU A OE2  1 
ATOM   948  H H    . GLU A 1 61 ? 33.933  -12.757 -3.988  0 72.46  ?  932  GLU A H    1 
ATOM   949  H HA   . GLU A 1 61 ? 36.271  -13.576 -5.401  0 75.03  ?  932  GLU A HA   1 
ATOM   950  H HB2  . GLU A 1 61 ? 34.854  -10.942 -4.903  0 77.64  ?  932  GLU A HB2  1 
ATOM   951  H HB3  . GLU A 1 61 ? 36.456  -10.990 -5.664  0 79.23  ?  932  GLU A HB3  1 
ATOM   952  H HG2  . GLU A 1 61 ? 35.490  -11.251 -7.590  0 84.56  ?  932  GLU A HG2  1 
ATOM   953  H HG3  . GLU A 1 61 ? 34.974  -12.874 -7.107  0 82.54  ?  932  GLU A HG3  1 
ATOM   954  N N    . MET A 1 62 ? 36.756  -12.271 -2.454  1 69.68  ?  933  MET A N    1 
ATOM   955  C CA   . MET A 1 62 ? 37.755  -12.112 -1.408  1 71.03  ?  933  MET A CA   1 
ATOM   956  C C    . MET A 1 62 ? 38.331  -13.441 -0.960  1 72.32  ?  933  MET A C    1 
ATOM   957  O O    . MET A 1 62 ? 39.490  -13.476 -0.553  1 72.6   ?  933  MET A O    1 
ATOM   958  C CB   . MET A 1 62 ? 37.144  -11.449 -0.175  1 71.82  ?  933  MET A CB   1 
ATOM   959  C CG   . MET A 1 62 ? 37.128  -9.958  -0.250  1 74.5   ?  933  MET A CG   1 
ATOM   960  S SD   . MET A 1 62 ? 36.090  -9.282  1.030   1 80.34  ?  933  MET A SD   1 
ATOM   961  C CE   . MET A 1 62 ? 37.181  -9.402  2.430   1 80.24  ?  933  MET A CE   1 
ATOM   962  H H    . MET A 1 62 ? 35.810  -12.090 -2.134  0 77.12  ?  933  MET A H    1 
ATOM   963  H HA   . MET A 1 62 ? 38.579  -11.511 -1.791  0 81.29  ?  933  MET A HA   1 
ATOM   964  H HB2  . MET A 1 62 ? 36.127  -11.811 -0.024  0 81.23  ?  933  MET A HB2  1 
ATOM   965  H HB3  . MET A 1 62 ? 37.754  -11.734 0.680   0 83.32  ?  933  MET A HB3  1 
ATOM   966  H HG2  . MET A 1 62 ? 38.140  -9.573  -0.124  0 88.48  ?  933  MET A HG2  1 
ATOM   967  H HG3  . MET A 1 62 ? 36.722  -9.652  -1.212  0 86.02  ?  933  MET A HG3  1 
ATOM   968  H HE1  . MET A 1 62 ? 36.755  -8.815  3.242   0 99.44  ?  933  MET A HE1  1 
ATOM   969  H HE2  . MET A 1 62 ? 37.270  -10.444 2.731   0 96.27  ?  933  MET A HE2  1 
ATOM   970  H HE3  . MET A 1 62 ? 38.158  -9.003  2.161   0 98.47  ?  933  MET A HE3  1 
ATOM   971  N N    . GLU A 1 63 ? 37.528  -14.514 -0.957  1 72.89  ?  934  GLU A N    1 
ATOM   972  C CA   . GLU A 1 63 ? 38.024  -15.815 -0.533  1 74.06  ?  934  GLU A CA   1 
ATOM   973  C C    . GLU A 1 63 ? 38.825  -16.522 -1.629  1 74.81  ?  934  GLU A C    1 
ATOM   974  O O    . GLU A 1 63 ? 39.705  -17.310 -1.292  1 75.02  ?  934  GLU A O    1 
ATOM   975  C CB   . GLU A 1 63 ? 36.893  -16.699 0.032   1 76.71  ?  934  GLU A CB   1 
ATOM   976  C CG   . GLU A 1 63 ? 36.341  -16.221 1.372   1 82.1   ?  934  GLU A CG   1 
ATOM   977  C CD   . GLU A 1 63 ? 37.371  -15.849 2.425   1 89.32  ?  934  GLU A CD   1 
ATOM   978  O OE1  . GLU A 1 63 ? 38.282  -16.668 2.686   1 90.86  ?  934  GLU A OE1  1 
ATOM   979  O OE2  . GLU A 1 63 ? 37.283  -14.724 2.968   1 91.52  -1 934  GLU A OE2  1 
ATOM   980  H H    . GLU A 1 63 ? 36.549  -14.514 -1.222  0 79.81  ?  934  GLU A H    1 
ATOM   981  H HA   . GLU A 1 63 ? 38.736  -15.651 0.275   0 82.9   ?  934  GLU A HA   1 
ATOM   982  H HB2  . GLU A 1 63 ? 36.070  -16.727 -0.681  0 83.77  ?  934  GLU A HB2  1 
ATOM   983  H HB3  . GLU A 1 63 ? 37.282  -17.705 0.178   0 85.06  ?  934  GLU A HB3  1 
ATOM   984  H HG2  . GLU A 1 63 ? 35.728  -15.338 1.193   0 90.92  ?  934  GLU A HG2  1 
ATOM   985  H HG3  . GLU A 1 63 ? 35.721  -17.012 1.789   0 91.96  ?  934  GLU A HG3  1 
ATOM   986  N N    . LYS A 1 64 ? 38.579  -16.220 -2.924  1 75.12  ?  935  LYS A N    1 
ATOM   987  C CA   . LYS A 1 64 ? 39.372  -16.807 -4.017  1 75.93  ?  935  LYS A CA   1 
ATOM   988  C C    . LYS A 1 64 ? 40.846  -16.414 -3.875  1 77.01  ?  935  LYS A C    1 
ATOM   989  O O    . LYS A 1 64 ? 41.730  -17.244 -4.096  1 77.07  ?  935  LYS A O    1 
ATOM   990  C CB   . LYS A 1 64 ? 38.887  -16.328 -5.401  1 77.3   ?  935  LYS A CB   1 
ATOM   991  C CG   . LYS A 1 64 ? 37.789  -17.168 -6.046  1 80.93  ?  935  LYS A CG   1 
ATOM   992  C CD   . LYS A 1 64 ? 37.618  -16.825 -7.543  1 84.81  ?  935  LYS A CD   1 
ATOM   993  C CE   . LYS A 1 64 ? 36.183  -16.605 -7.957  1 88.28  ?  935  LYS A CE   1 
ATOM   994  N NZ   . LYS A 1 64 ? 36.084  -16.103 -9.351  1 90.38  ?  935  LYS A NZ   1 
ATOM   995  H H    . LYS A 1 64 ? 37.834  -15.610 -3.241  0 81.73  ?  935  LYS A H    1 
ATOM   996  H HA   . LYS A 1 64 ? 39.308  -17.893 -3.962  0 83.27  ?  935  LYS A HA   1 
ATOM   997  H HB2  . LYS A 1 64 ? 38.523  -15.305 -5.328  0 84.95  ?  935  LYS A HB2  1 
ATOM   998  H HB3  . LYS A 1 64 ? 39.741  -16.352 -6.076  0 85.88  ?  935  LYS A HB3  1 
ATOM   999  H HG2  . LYS A 1 64 ? 38.056  -18.221 -5.970  0 89.31  ?  935  LYS A HG2  1 
ATOM   1000 H HG3  . LYS A 1 64 ? 36.852  -16.983 -5.521  0 88.2   ?  935  LYS A HG3  1 
ATOM   1001 H HD2  . LYS A 1 64 ? 38.167  -15.919 -7.794  0 94.78  ?  935  LYS A HD2  1 
ATOM   1002 H HD3  . LYS A 1 64 ? 38.003  -17.658 -8.131  0 95.58  ?  935  LYS A HD3  1 
ATOM   1003 H HE2  . LYS A 1 64 ? 35.642  -17.549 -7.894  0 98.24  ?  935  LYS A HE2  1 
ATOM   1004 H HE3  . LYS A 1 64 ? 35.729  -15.867 -7.298  0 96.76  ?  935  LYS A HE3  1 
ATOM   1005 H HZ1  . LYS A 1 64 ? 35.111  -15.955 -9.597  0 102.45 ?  935  LYS A HZ1  1 
ATOM   1006 H HZ2  . LYS A 1 64 ? 36.584  -15.224 -9.440  0 102.5  ?  935  LYS A HZ2  1 
ATOM   1007 H HZ3  . LYS A 1 64 ? 36.488  -16.778 -9.992  0 103.87 ?  935  LYS A HZ3  1 
ATOM   1008 N N    . GLU A 1 65 ? 41.105  -15.143 -3.543  1 77.61  ?  936  GLU A N    1 
ATOM   1009 C CA   . GLU A 1 65 ? 42.475  -14.652 -3.378  1 78.67  ?  936  GLU A CA   1 
ATOM   1010 C C    . GLU A 1 65 ? 43.215  -15.240 -2.173  1 79.6   ?  936  GLU A C    1 
ATOM   1011 O O    . GLU A 1 65 ? 44.428  -15.434 -2.254  1 79.78  ?  936  GLU A O    1 
ATOM   1012 C CB   . GLU A 1 65 ? 42.530  -13.122 -3.319  1 80.74  ?  936  GLU A CB   1 
ATOM   1013 C CG   . GLU A 1 65 ? 41.511  -12.475 -2.406  1 84.96  ?  936  GLU A CG   1 
ATOM   1014 C CD   . GLU A 1 65 ? 41.866  -11.133 -1.808  1 90.41  ?  936  GLU A CD   1 
ATOM   1015 O OE1  . GLU A 1 65 ? 42.895  -10.539 -2.204  1 91.24  ?  936  GLU A OE1  1 
ATOM   1016 O OE2  . GLU A 1 65 ? 41.096  -10.672 -0.935  1 92.19  -1 936  GLU A OE2  1 
ATOM   1017 H H    . GLU A 1 65 ? 40.378  -14.442 -3.443  0 86.02  ?  936  GLU A H    1 
ATOM   1018 H HA   . GLU A 1 65 ? 43.041  -14.944 -4.262  0 88.63  ?  936  GLU A HA   1 
ATOM   1019 H HB2  . GLU A 1 65 ? 43.525  -12.845 -2.973  0 93.25  ?  936  GLU A HB2  1 
ATOM   1020 H HB3  . GLU A 1 65 ? 42.369  -12.729 -4.322  0 92.47  ?  936  GLU A HB3  1 
ATOM   1021 H HG2  . GLU A 1 65 ? 40.593  -12.337 -2.974  0 95.52  ?  936  GLU A HG2  1 
ATOM   1022 H HG3  . GLU A 1 65 ? 41.315  -13.148 -1.572  0 95.65  ?  936  GLU A HG3  1 
ATOM   1023 N N    . ARG A 1 66 ? 42.507  -15.542 -1.073  1 80.01  ?  937  ARG A N    1 
ATOM   1024 C CA   . ARG A 1 66 ? 43.156  -16.094 0.118   1 80.91  ?  937  ARG A CA   1 
ATOM   1025 C C    . ARG A 1 66 ? 43.373  -17.599 -0.050  1 81.23  ?  937  ARG A C    1 
ATOM   1026 O O    . ARG A 1 66 ? 44.241  -18.014 -0.819  1 81.33  ?  937  ARG A O    1 
ATOM   1027 C CB   . ARG A 1 66 ? 42.330  -15.792 1.382   1 82.52  ?  937  ARG A CB   1 
ATOM   1028 C CG   . ARG A 1 66 ? 42.042  -14.294 1.579   1 85.81  ?  937  ARG A CG   1 
ATOM   1029 C CD   . ARG A 1 66 ? 42.026  -13.842 3.031   1 89.1   ?  937  ARG A CD   1 
ATOM   1030 N NE   . ARG A 1 66 ? 40.859  -14.317 3.778   1 92.11  ?  937  ARG A NE   1 
ATOM   1031 C CZ   . ARG A 1 66 ? 40.596  -14.005 5.047   1 94.43  ?  937  ARG A CZ   1 
ATOM   1032 N NH1  . ARG A 1 66 ? 41.421  -13.216 5.733   1 93.93  ?  937  ARG A NH1  1 
ATOM   1033 N NH2  . ARG A 1 66 ? 39.505  -14.476 5.640   1 94.51  ?  937  ARG A NH2  1 
ATOM   1034 H H    . ARG A 1 66 ? 41.500  -15.448 -0.992  0 89.25  ?  937  ARG A H    1 
ATOM   1035 H HA   . ARG A 1 66 ? 44.131  -15.629 0.256   0 92.78  ?  937  ARG A HA   1 
ATOM   1036 H HB2  . ARG A 1 66 ? 41.374  -16.306 1.308   0 93.64  ?  937  ARG A HB2  1 
ATOM   1037 H HB3  . ARG A 1 66 ? 42.878  -16.156 2.250   0 95.97  ?  937  ARG A HB3  1 
ATOM   1038 H HG2  . ARG A 1 66 ? 42.804  -13.706 1.067   0 99.57  ?  937  ARG A HG2  1 
ATOM   1039 H HG3  . ARG A 1 66 ? 41.064  -14.070 1.155   0 98     ?  937  ARG A HG3  1 
ATOM   1040 H HD2  . ARG A 1 66 ? 42.925  -14.195 3.534   0 106.67 ?  937  ARG A HD2  1 
ATOM   1041 H HD3  . ARG A 1 66 ? 41.989  -12.755 3.045   0 106.66 ?  937  ARG A HD3  1 
ATOM   1042 H HE   . ARG A 1 66 ? 40.196  -14.912 3.292   0 106.7  ?  937  ARG A HE   1 
ATOM   1043 H HH11 . ARG A 1 66 ? 42.268  -12.825 5.332   0 116.97 ?  937  ARG A HH11 1 
ATOM   1044 H HH12 . ARG A 1 66 ? 41.204  -12.993 6.699   0 119.79 ?  937  ARG A HH12 1 
ATOM   1045 H HH21 . ARG A 1 66 ? 38.865  -15.078 5.133   0 112.49 ?  937  ARG A HH21 1 
ATOM   1046 H HH22 . ARG A 1 66 ? 39.307  -14.242 6.607   0 117.43 ?  937  ARG A HH22 1 
HETATM 1047 O O    . HOH B 2 .  ? -27.435 7.308   0.549   1 57.01  ?  1001 HOH A O    1 
HETATM 1048 O O    . HOH B 2 .  ? 3.807   1.460   -1.595  1 35.49  ?  1002 HOH A O    1 
HETATM 1049 O O    . HOH B 2 .  ? -5.535  -1.816  -4.579  1 34.59  ?  1003 HOH A O    1 
HETATM 1050 O O    . HOH B 2 .  ? -5.144  5.544   0.658   1 41.1   ?  1004 HOH A O    1 
HETATM 1051 O O    . HOH B 2 .  ? -14.793 6.597   -3.980  1 19.96  ?  1005 HOH A O    1 
# 
loop_
_atom_site_anisotrop.id 
_atom_site_anisotrop.type_symbol 
_atom_site_anisotrop.pdbx_label_atom_id 
_atom_site_anisotrop.pdbx_label_alt_id 
_atom_site_anisotrop.pdbx_label_comp_id 
_atom_site_anisotrop.pdbx_label_asym_id 
_atom_site_anisotrop.pdbx_label_seq_id 
_atom_site_anisotrop.pdbx_PDB_ins_code 
_atom_site_anisotrop.U[1][1] 
_atom_site_anisotrop.U[2][2] 
_atom_site_anisotrop.U[3][3] 
_atom_site_anisotrop.U[1][2] 
_atom_site_anisotrop.U[1][3] 
_atom_site_anisotrop.U[2][3] 
_atom_site_anisotrop.pdbx_auth_seq_id 
_atom_site_anisotrop.pdbx_auth_comp_id 
_atom_site_anisotrop.pdbx_auth_asym_id 
_atom_site_anisotrop.pdbx_auth_atom_id 
1    N N   . ILE A 5  ? 0.6081 0.6104 1.0721 0.1612  0.5194  0.3703  876  ILE A N   
2    C CA  . ILE A 5  ? 0.6313 0.5688 1.1021 0.1465  0.5136  0.4576  876  ILE A CA  
3    C C   . ILE A 5  ? 0.6378 0.5526 1.0927 0.1317  0.4803  0.4643  876  ILE A C   
4    O O   . ILE A 5  ? 0.6384 0.5992 1.0526 0.1527  0.4626  0.4468  876  ILE A O   
5    C CB  . ILE A 5  ? 0.6400 0.5200 1.1725 0.1180  0.5393  0.4798  876  ILE A CB  
6    C CG1 . ILE A 5  ? 0.6351 0.5006 1.2285 0.0860  0.5513  0.4260  876  ILE A CG1 
7    C CG2 . ILE A 5  ? 0.6406 0.5442 1.1788 0.1417  0.5674  0.4928  876  ILE A CG2 
8    C CD1 . ILE A 5  ? 0.6185 0.5216 1.2708 0.0890  0.5765  0.3483  876  ILE A CD1 
20   N N   . SER A 6  ? 0.6334 0.4923 1.1177 0.1024  0.4711  0.4869  877  SER A N   
21   C CA  . SER A 6  ? 0.6292 0.4830 1.0965 0.0952  0.4399  0.4779  877  SER A CA  
22   C C   . SER A 6  ? 0.5985 0.4854 1.0611 0.0888  0.4432  0.4089  877  SER A C   
23   O O   . SER A 6  ? 0.6019 0.4970 1.0424 0.0880  0.4197  0.3941  877  SER A O   
24   C CB  . SER A 6  ? 0.6562 0.4662 1.1527 0.0767  0.4305  0.5115  877  SER A CB  
25   O OG  . SER A 6  ? 0.6833 0.4763 1.2249 0.0580  0.4628  0.5169  877  SER A OG  
31   N N   . ILE A 7  ? 0.5614 0.4689 1.0579 0.0859  0.4707  0.3636  878  ILE A N   
32   C CA  . ILE A 7  ? 0.5323 0.4745 1.0528 0.0824  0.4733  0.2918  878  ILE A CA  
33   C C   . ILE A 7  ? 0.5243 0.5229 0.9790 0.1117  0.4517  0.2570  878  ILE A C   
34   O O   . ILE A 7  ? 0.5237 0.5382 0.9638 0.1098  0.4335  0.2274  878  ILE A O   
35   C CB  . ILE A 7  ? 0.5066 0.4579 1.1115 0.0747  0.5051  0.2468  878  ILE A CB  
36   C CG1 . ILE A 7  ? 0.5060 0.4125 1.1980 0.0436  0.5293  0.2835  878  ILE A CG1 
37   C CG2 . ILE A 7  ? 0.4819 0.4877 1.1201 0.0843  0.5006  0.1533  878  ILE A CG2 
38   C CD1 . ILE A 7  ? 0.4847 0.3894 1.2845 0.0327  0.5642  0.2589  878  ILE A CD1 
50   N N   . ASP A 8  ? 0.5118 0.5498 0.9294 0.1429  0.4560  0.2667  879  ASP A N   
51   C CA  . ASP A 8  ? 0.5009 0.6146 0.8579 0.1805  0.4407  0.2451  879  ASP A CA  
52   C C   . ASP A 8  ? 0.5070 0.6117 0.8249 0.1847  0.4149  0.2972  879  ASP A C   
53   O O   . ASP A 8  ? 0.5042 0.6635 0.7851 0.2045  0.3992  0.2715  879  ASP A O   
54   C CB  . ASP A 8  ? 0.5097 0.6874 0.8419 0.2229  0.4577  0.2541  879  ASP A CB  
55   C CG  . ASP A 8  ? 0.5456 0.7571 0.9184 0.2292  0.4765  0.1760  879  ASP A CG  
56   O OD1 . ASP A 8  ? 0.5448 0.7493 0.9712 0.2072  0.4724  0.1015  879  ASP A OD1 
57   O OD2 . ASP A 8  ? 0.5589 0.8075 0.9230 0.2588  0.4951  0.1887  879  ASP A OD2 
62   N N   . ALA A 9  ? 0.5073 0.5489 0.8432 0.1684  0.4081  0.3646  880  ALA A N   
63   C CA  . ALA A 9  ? 0.5048 0.5341 0.8316 0.1706  0.3787  0.4032  880  ALA A CA  
64   C C   . ALA A 9  ? 0.5005 0.5159 0.8203 0.1488  0.3595  0.3566  880  ALA A C   
65   O O   . ALA A 9  ? 0.5002 0.5407 0.7970 0.1584  0.3375  0.3493  880  ALA A O   
66   C CB  . ALA A 9  ? 0.5112 0.4807 0.8793 0.1604  0.3708  0.4687  880  ALA A CB  
72   N N   . LEU A 10 ? 0.4906 0.4730 0.8387 0.1224  0.3717  0.3315  881  LEU A N   
73   C CA  . LEU A 10 ? 0.4860 0.4618 0.8407 0.1056  0.3623  0.2990  881  LEU A CA  
74   C C   . LEU A 10 ? 0.4627 0.4856 0.8092 0.1113  0.3640  0.2337  881  LEU A C   
75   O O   . LEU A 10 ? 0.4635 0.4948 0.7960 0.1085  0.3465  0.2142  881  LEU A O   
76   C CB  . LEU A 10 ? 0.4870 0.4292 0.8939 0.0834  0.3839  0.3097  881  LEU A CB  
77   C CG  . LEU A 10 ? 0.5106 0.4510 0.9344 0.0730  0.3794  0.3064  881  LEU A CG  
78   C CD1 . LEU A 10 ? 0.5348 0.4722 0.9152 0.0838  0.3418  0.3259  881  LEU A CD1 
79   C CD2 . LEU A 10 ? 0.5072 0.4302 0.9902 0.0599  0.4074  0.3381  881  LEU A CD2 
91   N N   . MET A 11 ? 0.4363 0.4968 0.7931 0.1236  0.3813  0.1944  882  MET A N   
92   C CA  . MET A 11 ? 0.4164 0.5350 0.7713 0.1361  0.3760  0.1198  882  MET A CA  
93   C C   . MET A 11 ? 0.4171 0.5810 0.7017 0.1616  0.3515  0.1292  882  MET A C   
94   O O   . MET A 11 ? 0.4103 0.5967 0.6850 0.1610  0.3357  0.0907  882  MET A O   
95   C CB  . MET A 11 ? 0.4032 0.5704 0.7836 0.1550  0.3931  0.0662  882  MET A CB  
96   C CG  . MET A 11 ? 0.4196 0.5607 0.9032 0.1307  0.4149  0.0260  882  MET A CG  
97   S SD  . MET A 11 ? 0.5037 0.7200 1.0290 0.1607  0.4238  -0.0671 882  MET A SD  
98   C CE  . MET A 11 ? 0.4559 0.6133 1.1252 0.1243  0.4563  -0.0720 882  MET A CE  
108  N N   . ALA A 12 ? 0.4173 0.5960 0.6673 0.1847  0.3507  0.1880  883  ALA A N   
109  C CA  . ALA A 12 ? 0.4134 0.6394 0.6207 0.2119  0.3332  0.2182  883  ALA A CA  
110  C C   . ALA A 12 ? 0.4229 0.6035 0.6340 0.1908  0.3079  0.2372  883  ALA A C   
111  O O   . ALA A 12 ? 0.4234 0.6427 0.6100 0.2023  0.2914  0.2248  883  ALA A O   
112  C CB  . ALA A 12 ? 0.4084 0.6526 0.6141 0.2395  0.3435  0.2950  883  ALA A CB  
118  N N   . LYS A 13 ? 0.4258 0.5343 0.6672 0.1640  0.3039  0.2630  884  LYS A N   
119  C CA  . LYS A 13 ? 0.4312 0.5081 0.6767 0.1512  0.2771  0.2713  884  LYS A CA  
120  C C   . LYS A 13 ? 0.4247 0.5110 0.6596 0.1384  0.2736  0.2149  884  LYS A C   
121  O O   . LYS A 13 ? 0.4254 0.5198 0.6449 0.1403  0.2512  0.2085  884  LYS A O   
122  C CB  . LYS A 13 ? 0.4642 0.4828 0.7422 0.1359  0.2726  0.3048  884  LYS A CB  
123  C CG  . LYS A 13 ? 0.5251 0.5257 0.8151 0.1368  0.2367  0.3174  884  LYS A CG  
124  C CD  . LYS A 13 ? 0.5937 0.5879 0.8730 0.1254  0.2295  0.2854  884  LYS A CD  
125  C CE  . LYS A 13 ? 0.6430 0.6196 0.9420 0.1308  0.1992  0.2976  884  LYS A CE  
126  N NZ  . LYS A 13 ? 0.6644 0.6152 0.9903 0.1277  0.2084  0.3268  884  LYS A NZ  
140  N N   . ILE A 14 ? 0.4108 0.4976 0.6695 0.1263  0.2962  0.1758  885  ILE A N   
141  C CA  . ILE A 14 ? 0.4004 0.4990 0.6769 0.1156  0.2966  0.1262  885  ILE A CA  
142  C C   . ILE A 14 ? 0.3931 0.5491 0.6364 0.1335  0.2831  0.0831  885  ILE A C   
143  O O   . ILE A 14 ? 0.3917 0.5563 0.6277 0.1299  0.2688  0.0617  885  ILE A O   
144  C CB  . ILE A 14 ? 0.3824 0.4713 0.7311 0.1001  0.3261  0.0987  885  ILE A CB  
145  C CG1 . ILE A 14 ? 0.3971 0.4412 0.7796 0.0851  0.3405  0.1498  885  ILE A CG1 
146  C CG2 . ILE A 14 ? 0.3643 0.4761 0.7601 0.0936  0.3274  0.0427  885  ILE A CG2 
147  C CD1 . ILE A 14 ? 0.3887 0.4213 0.8528 0.0723  0.3747  0.1467  885  ILE A CD1 
159  N N   . LYS A 15 ? 0.3819 0.5872 0.6044 0.1574  0.2883  0.0718  886  LYS A N   
160  C CA  . LYS A 15 ? 0.3731 0.6553 0.5588 0.1845  0.2761  0.0339  886  LYS A CA  
161  C C   . LYS A 15 ? 0.3806 0.6729 0.5268 0.1949  0.2556  0.0812  886  LYS A C   
162  O O   . LYS A 15 ? 0.3774 0.7079 0.5039 0.2021  0.2407  0.0522  886  LYS A O   
163  C CB  . LYS A 15 ? 0.3880 0.7397 0.5556 0.2197  0.2886  0.0210  886  LYS A CB  
164  C CG  . LYS A 15 ? 0.4353 0.8933 0.5615 0.2593  0.2766  -0.0247 886  LYS A CG  
165  C CD  . LYS A 15 ? 0.4902 1.0380 0.5832 0.3084  0.2897  -0.0148 886  LYS A CD  
166  C CE  . LYS A 15 ? 0.5245 1.1953 0.5615 0.3596  0.2789  -0.0223 886  LYS A CE  
167  N NZ  . LYS A 15 ? 0.5312 1.3094 0.5329 0.4186  0.2957  -0.0037 886  LYS A NZ  
181  N N   . SER A 16 ? 0.3822 0.6420 0.5326 0.1963  0.2537  0.1524  887  SER A N   
182  C CA  . SER A 16 ? 0.3777 0.6428 0.5261 0.2055  0.2335  0.2002  887  SER A CA  
183  C C   . SER A 16 ? 0.3797 0.6026 0.5332 0.1816  0.2118  0.1783  887  SER A C   
184  O O   . SER A 16 ? 0.3756 0.6268 0.5189 0.1897  0.1950  0.1775  887  SER A O   
185  C CB  . SER A 16 ? 0.3944 0.6328 0.5797 0.2127  0.2347  0.2746  887  SER A CB  
186  O OG  . SER A 16 ? 0.4320 0.6242 0.6573 0.2012  0.2093  0.3034  887  SER A OG  
192  N N   . THR A 17 ? 0.3803 0.5470 0.5510 0.1571  0.2145  0.1643  888  THR A N   
193  C CA  . THR A 17 ? 0.3831 0.5255 0.5552 0.1434  0.1978  0.1474  888  THR A CA  
194  C C   . THR A 17 ? 0.3751 0.5480 0.5338 0.1403  0.1994  0.0965  888  THR A C   
195  O O   . THR A 17 ? 0.3772 0.5520 0.5262 0.1389  0.1815  0.0880  888  THR A O   
196  C CB  . THR A 17 ? 0.4004 0.4993 0.5951 0.1292  0.2062  0.1560  888  THR A CB  
197  O OG1 . THR A 17 ? 0.4140 0.4875 0.6256 0.1336  0.2005  0.1981  888  THR A OG1 
198  C CG2 . THR A 17 ? 0.4071 0.4999 0.5986 0.1272  0.1901  0.1466  888  THR A CG2 
206  N N   . MET A 18 ? 0.3584 0.5573 0.5267 0.1408  0.2181  0.0574  889  MET A N   
207  C CA  . MET A 18 ? 0.3478 0.5797 0.5234 0.1397  0.2160  0.0004  889  MET A CA  
208  C C   . MET A 18 ? 0.3470 0.6335 0.4789 0.1599  0.1968  -0.0056 889  MET A C   
209  O O   . MET A 18 ? 0.3448 0.6432 0.4740 0.1562  0.1850  -0.0328 889  MET A O   
210  C CB  . MET A 18 ? 0.3328 0.5880 0.5514 0.1403  0.2343  -0.0524 889  MET A CB  
211  C CG  . MET A 18 ? 0.3531 0.5614 0.6427 0.1184  0.2571  -0.0484 889  MET A CG  
212  S SD  . MET A 18 ? 0.3968 0.6332 0.7594 0.1218  0.2764  -0.1106 889  MET A SD  
213  C CE  . MET A 18 ? 0.3401 0.6059 0.7804 0.1173  0.2684  -0.1876 889  MET A CE  
223  N N   . MET A 19 ? 0.3463 0.6724 0.4516 0.1841  0.1968  0.0273  890  MET A N   
224  C CA  . MET A 19 ? 0.3414 0.7347 0.4150 0.2104  0.1843  0.0418  890  MET A CA  
225  C C   . MET A 19 ? 0.3439 0.7055 0.4251 0.2006  0.1644  0.0792  890  MET A C   
226  O O   . MET A 19 ? 0.3394 0.7401 0.4061 0.2088  0.1520  0.0691  890  MET A O   
227  C CB  . MET A 19 ? 0.3475 0.7953 0.4102 0.2440  0.1962  0.0926  890  MET A CB  
228  C CG  . MET A 19 ? 0.3821 0.9060 0.4227 0.2724  0.2104  0.0480  890  MET A CG  
229  S SD  . MET A 19 ? 0.5018 1.0842 0.5343 0.3149  0.2311  0.1264  890  MET A SD  
230  C CE  . MET A 19 ? 0.4954 1.2150 0.4823 0.3663  0.2376  0.0561  890  MET A CE  
240  N N   . THR A 20 ? 0.3480 0.6455 0.4571 0.1865  0.1591  0.1173  891  THR A N   
241  C CA  . THR A 20 ? 0.3516 0.6210 0.4842 0.1811  0.1349  0.1411  891  THR A CA  
242  C C   . THR A 20 ? 0.3654 0.6180 0.4827 0.1655  0.1245  0.0967  891  THR A C   
243  O O   . THR A 20 ? 0.3647 0.6311 0.4837 0.1685  0.1064  0.0961  891  THR A O   
244  C CB  . THR A 20 ? 0.3688 0.5837 0.5419 0.1750  0.1276  0.1747  891  THR A CB  
245  O OG1 . THR A 20 ? 0.3667 0.5997 0.5672 0.1915  0.1382  0.2249  891  THR A OG1 
246  C CG2 . THR A 20 ? 0.3660 0.5574 0.5769 0.1736  0.0959  0.1797  891  THR A CG2 
254  N N   . ARG A 21 ? 0.3701 0.5968 0.4844 0.1508  0.1386  0.0662  892  ARG A N   
255  C CA  . ARG A 21 ? 0.3743 0.5919 0.4876 0.1402  0.1369  0.0342  892  ARG A CA  
256  C C   . ARG A 21 ? 0.3690 0.6309 0.4684 0.1436  0.1336  -0.0016 892  ARG A C   
257  O O   . ARG A 21 ? 0.3713 0.6355 0.4651 0.1415  0.1204  -0.0115 892  ARG A O   
258  C CB  . ARG A 21 ? 0.3831 0.5774 0.5237 0.1284  0.1616  0.0233  892  ARG A CB  
259  C CG  . ARG A 21 ? 0.4081 0.6044 0.5734 0.1212  0.1703  -0.0004 892  ARG A CG  
260  C CD  . ARG A 21 ? 0.4267 0.6370 0.6430 0.1131  0.1916  -0.0391 892  ARG A CD  
261  N NE  . ARG A 21 ? 0.4526 0.6406 0.7253 0.1053  0.2191  -0.0221 892  ARG A NE  
262  C CZ  . ARG A 21 ? 0.4565 0.6475 0.7869 0.0990  0.2384  -0.0465 892  ARG A CZ  
263  N NH1 . ARG A 21 ? 0.4439 0.6677 0.7747 0.1044  0.2306  -0.0988 892  ARG A NH1 
264  N NH2 . ARG A 21 ? 0.4387 0.6096 0.8312 0.0916  0.2653  -0.0203 892  ARG A NH2 
278  N N   . GLU A 22 ? 0.3583 0.6629 0.4523 0.1532  0.1434  -0.0243 893  GLU A N   
279  C CA  . GLU A 22 ? 0.3543 0.7166 0.4358 0.1633  0.1365  -0.0670 893  GLU A CA  
280  C C   . GLU A 22 ? 0.3513 0.7519 0.4048 0.1790  0.1192  -0.0358 893  GLU A C   
281  O O   . GLU A 22 ? 0.3465 0.7693 0.3927 0.1785  0.1076  -0.0584 893  GLU A O   
282  C CB  . GLU A 22 ? 0.3759 0.7930 0.4586 0.1806  0.1472  -0.1057 893  GLU A CB  
283  C CG  . GLU A 22 ? 0.4426 0.9342 0.5200 0.1974  0.1361  -0.1682 893  GLU A CG  
284  C CD  . GLU A 22 ? 0.5460 1.1365 0.5773 0.2386  0.1333  -0.1630 893  GLU A CD  
285  O OE1 . GLU A 22 ? 0.5623 1.1841 0.5914 0.2570  0.1452  -0.1722 893  GLU A OE1 
286  O OE2 . GLU A 22 ? 0.5745 1.2198 0.5745 0.2566  0.1215  -0.1452 893  GLU A OE2 
293  N N   . GLN A 23 ? 0.3449 0.7552 0.3982 0.1933  0.1191  0.0207  894  GLN A N   
294  C CA  . GLN A 23 ? 0.3277 0.7796 0.3851 0.2103  0.1072  0.0635  894  GLN A CA  
295  C C   . GLN A 23 ? 0.3233 0.7265 0.4040 0.1930  0.0870  0.0700  894  GLN A C   
296  O O   . GLN A 23 ? 0.3134 0.7497 0.3954 0.1988  0.0759  0.0733  894  GLN A O   
297  C CB  . GLN A 23 ? 0.3384 0.8153 0.4212 0.2324  0.1164  0.1313  894  GLN A CB  
298  C CG  . GLN A 23 ? 0.3632 0.9035 0.4778 0.2578  0.1121  0.1916  894  GLN A CG  
299  C CD  . GLN A 23 ? 0.4168 1.0521 0.4906 0.2814  0.1138  0.1727  894  GLN A CD  
300  O OE1 . GLN A 23 ? 0.4397 1.1487 0.4685 0.3072  0.1261  0.1477  894  GLN A OE1 
301  N NE2 . GLN A 23 ? 0.4110 1.0548 0.5025 0.2769  0.0992  0.1798  894  GLN A NE2 
310  N N   . ILE A 24 ? 0.3266 0.6614 0.4244 0.1758  0.0818  0.0675  895  ILE A N   
311  C CA  . ILE A 24 ? 0.3254 0.6252 0.4409 0.1674  0.0603  0.0616  895  ILE A CA  
312  C C   . ILE A 24 ? 0.3322 0.6373 0.4186 0.1581  0.0612  0.0185  895  ILE A C   
313  O O   . ILE A 24 ? 0.3283 0.6400 0.4199 0.1588  0.0448  0.0147  895  ILE A O   
314  C CB  . ILE A 24 ? 0.3356 0.5836 0.4711 0.1626  0.0540  0.0663  895  ILE A CB  
315  C CG1 . ILE A 24 ? 0.3259 0.5674 0.5183 0.1728  0.0426  0.1097  895  ILE A CG1 
316  C CG2 . ILE A 24 ? 0.3451 0.5757 0.4800 0.1621  0.0347  0.0416  895  ILE A CG2 
317  C CD1 . ILE A 24 ? 0.3432 0.5451 0.5553 0.1715  0.0378  0.1132  895  ILE A CD1 
329  N N   . GLN A 25 ? 0.3362 0.6407 0.4080 0.1504  0.0804  -0.0133 896  GLN A N   
330  C CA  . GLN A 25 ? 0.3394 0.6517 0.4092 0.1426  0.0838  -0.0523 896  GLN A CA  
331  C C   . GLN A 25 ? 0.3290 0.6925 0.3835 0.1508  0.0721  -0.0642 896  GLN A C   
332  O O   . GLN A 25 ? 0.3316 0.6946 0.3855 0.1468  0.0618  -0.0739 896  GLN A O   
333  C CB  . GLN A 25 ? 0.3574 0.6685 0.4507 0.1355  0.1059  -0.0843 896  GLN A CB  
334  C CG  . GLN A 25 ? 0.3944 0.7194 0.5192 0.1289  0.1099  -0.1285 896  GLN A CG  
335  C CD  . GLN A 25 ? 0.4672 0.7611 0.6190 0.1217  0.1171  -0.1163 896  GLN A CD  
336  O OE1 . GLN A 25 ? 0.5004 0.7681 0.6434 0.1247  0.1208  -0.0810 896  GLN A OE1 
337  N NE2 . GLN A 25 ? 0.4663 0.7729 0.6562 0.1174  0.1191  -0.1454 896  GLN A NE2 
346  N N   . LYS A 26 ? 0.3138 0.7304 0.3555 0.1671  0.0746  -0.0571 897  LYS A N   
347  C CA  . LYS A 26 ? 0.3021 0.7894 0.3274 0.1838  0.0658  -0.0596 897  LYS A CA  
348  C C   . LYS A 26 ? 0.2972 0.7845 0.3363 0.1857  0.0509  -0.0163 897  LYS A C   
349  O O   . LYS A 26 ? 0.2895 0.8124 0.3218 0.1890  0.0422  -0.0268 897  LYS A O   
350  C CB  . LYS A 26 ? 0.3146 0.8787 0.3223 0.2133  0.0750  -0.0467 897  LYS A CB  
351  C CG  . LYS A 26 ? 0.3753 0.9901 0.3696 0.2246  0.0793  -0.1155 897  LYS A CG  
352  C CD  . LYS A 26 ? 0.4325 1.1171 0.4135 0.2379  0.0649  -0.1573 897  LYS A CD  
353  C CE  . LYS A 26 ? 0.4662 1.2393 0.4383 0.2662  0.0617  -0.2278 897  LYS A CE  
354  N NZ  . LYS A 26 ? 0.4750 1.3227 0.4376 0.2821  0.0432  -0.2731 897  LYS A NZ  
368  N N   . GLU A 27 ? 0.2947 0.7459 0.3665 0.1848  0.0461  0.0280  898  GLU A N   
369  C CA  . GLU A 27 ? 0.2840 0.7349 0.4004 0.1876  0.0290  0.0629  898  GLU A CA  
370  C C   . GLU A 27 ? 0.2970 0.7057 0.4093 0.1716  0.0141  0.0281  898  GLU A C   
371  O O   . GLU A 27 ? 0.2896 0.7185 0.4181 0.1730  0.0025  0.0324  898  GLU A O   
372  C CB  . GLU A 27 ? 0.3066 0.7300 0.4862 0.1924  0.0226  0.1079  898  GLU A CB  
373  C CG  . GLU A 27 ? 0.3545 0.8224 0.5529 0.2128  0.0402  0.1590  898  GLU A CG  
374  C CD  . GLU A 27 ? 0.3964 0.9465 0.6393 0.2390  0.0466  0.2202  898  GLU A CD  
375  O OE1 . GLU A 27 ? 0.3927 0.9591 0.6662 0.2378  0.0346  0.2260  898  GLU A OE1 
376  O OE2 . GLU A 27 ? 0.4057 1.0112 0.6582 0.2643  0.0661  0.2687  898  GLU A OE2 
383  N N   . TYR A 28 ? 0.3127 0.6722 0.4065 0.1606  0.0173  -0.0011 899  TYR A N   
384  C CA  . TYR A 28 ? 0.3256 0.6610 0.4117 0.1543  0.0087  -0.0278 899  TYR A CA  
385  C C   . TYR A 28 ? 0.3349 0.6950 0.3981 0.1483  0.0158  -0.0546 899  TYR A C   
386  O O   . TYR A 28 ? 0.3342 0.6952 0.3996 0.1471  0.0050  -0.0626 899  TYR A O   
387  C CB  . TYR A 28 ? 0.3357 0.6345 0.4122 0.1530  0.0170  -0.0392 899  TYR A CB  
388  C CG  . TYR A 28 ? 0.3383 0.6173 0.4394 0.1641  -0.0029 -0.0297 899  TYR A CG  
389  C CD1 . TYR A 28 ? 0.3393 0.6215 0.4581 0.1749  -0.0282 -0.0434 899  TYR A CD1 
390  C CD2 . TYR A 28 ? 0.3480 0.6107 0.4634 0.1665  -0.0001 -0.0133 899  TYR A CD2 
391  C CE1 . TYR A 28 ? 0.3400 0.6148 0.4961 0.1905  -0.0543 -0.0504 899  TYR A CE1 
392  C CE2 . TYR A 28 ? 0.3502 0.6003 0.5006 0.1794  -0.0242 -0.0136 899  TYR A CE2 
393  C CZ  . TYR A 28 ? 0.3504 0.6094 0.5240 0.1929  -0.0534 -0.0368 899  TYR A CZ  
394  O OH  . TYR A 28 ? 0.3513 0.6076 0.5729 0.2107  -0.0842 -0.0522 899  TYR A OH  
404  N N   . ASP A 29 ? 0.3358 0.7208 0.3856 0.1469  0.0311  -0.0737 900  ASP A N   
405  C CA  . ASP A 29 ? 0.3386 0.7555 0.3831 0.1443  0.0322  -0.1094 900  ASP A CA  
406  C C   . ASP A 29 ? 0.3331 0.7974 0.3708 0.1530  0.0178  -0.0946 900  ASP A C   
407  O O   . ASP A 29 ? 0.3354 0.8069 0.3736 0.1481  0.0113  -0.1135 900  ASP A O   
408  C CB  . ASP A 29 ? 0.3490 0.8016 0.3943 0.1494  0.0430  -0.1436 900  ASP A CB  
409  C CG  . ASP A 29 ? 0.4119 0.8262 0.4900 0.1384  0.0599  -0.1676 900  ASP A CG  
410  O OD1 . ASP A 29 ? 0.4245 0.7913 0.5196 0.1293  0.0672  -0.1513 900  ASP A OD1 
411  O OD2 . ASP A 29 ? 0.4372 0.8787 0.5310 0.1434  0.0665  -0.2014 900  ASP A OD2 
416  N N   . ALA A 30 ? 0.3193 0.8193 0.3615 0.1677  0.0155  -0.0535 901  ALA A N   
417  C CA  . ALA A 30 ? 0.3031 0.8589 0.3576 0.1802  0.0070  -0.0228 901  ALA A CA  
418  C C   . ALA A 30 ? 0.3085 0.8250 0.3998 0.1702  -0.0083 -0.0063 901  ALA A C   
419  O O   . ALA A 30 ? 0.2948 0.8463 0.3981 0.1732  -0.0152 0.0038  901  ALA A O   
420  C CB  . ALA A 30 ? 0.2795 0.8942 0.3508 0.2045  0.0152  0.0311  901  ALA A CB  
426  N N   . LEU A 31 ? 0.3221 0.7763 0.4343 0.1624  -0.0155 -0.0072 902  LEU A N   
427  C CA  . LEU A 31 ? 0.3263 0.7519 0.4741 0.1592  -0.0349 -0.0101 902  LEU A CA  
428  C C   . LEU A 31 ? 0.3485 0.7616 0.4585 0.1506  -0.0337 -0.0474 902  LEU A C   
429  O O   . LEU A 31 ? 0.3469 0.7675 0.4738 0.1499  -0.0453 -0.0488 902  LEU A O   
430  C CB  . LEU A 31 ? 0.3374 0.7163 0.5117 0.1622  -0.0472 -0.0160 902  LEU A CB  
431  C CG  . LEU A 31 ? 0.3296 0.7106 0.5881 0.1715  -0.0615 0.0185  902  LEU A CG  
432  C CD1 . LEU A 31 ? 0.3440 0.6858 0.6144 0.1761  -0.0710 0.0039  902  LEU A CD1 
433  C CD2 . LEU A 31 ? 0.3075 0.6991 0.6482 0.1757  -0.0848 0.0242  902  LEU A CD2 
445  N N   . VAL A 32 ? 0.3641 0.7592 0.4382 0.1450  -0.0180 -0.0734 903  VAL A N   
446  C CA  . VAL A 32 ? 0.3770 0.7627 0.4378 0.1393  -0.0120 -0.0994 903  VAL A CA  
447  C C   . VAL A 32 ? 0.3727 0.7988 0.4309 0.1351  -0.0146 -0.1098 903  VAL A C   
448  O O   . VAL A 32 ? 0.3713 0.7975 0.4346 0.1330  -0.0221 -0.1130 903  VAL A O   
449  C CB  . VAL A 32 ? 0.3922 0.7566 0.4501 0.1361  0.0092  -0.1143 903  VAL A CB  
450  C CG1 . VAL A 32 ? 0.3925 0.7575 0.4664 0.1312  0.0200  -0.1335 903  VAL A CG1 
451  C CG2 . VAL A 32 ? 0.4084 0.7447 0.4647 0.1461  0.0114  -0.1006 903  VAL A CG2 
461  N N   . LYS A 33 ? 0.3649 0.8353 0.4142 0.1388  -0.0101 -0.1161 904  LYS A N   
462  C CA  . LYS A 33 ? 0.3589 0.8866 0.4029 0.1428  -0.0158 -0.1313 904  LYS A CA  
463  C C   . LYS A 33 ? 0.3503 0.9025 0.4065 0.1468  -0.0276 -0.0957 904  LYS A C   
464  O O   . LYS A 33 ? 0.3451 0.9133 0.4029 0.1430  -0.0337 -0.1076 904  LYS A O   
465  C CB  . LYS A 33 ? 0.3714 0.9675 0.3990 0.1592  -0.0124 -0.1450 904  LYS A CB  
466  C CG  . LYS A 33 ? 0.4312 1.0216 0.4682 0.1559  -0.0058 -0.2021 904  LYS A CG  
467  C CD  . LYS A 33 ? 0.4720 1.1432 0.4914 0.1803  -0.0064 -0.2266 904  LYS A CD  
468  C CE  . LYS A 33 ? 0.5240 1.1768 0.5377 0.1845  0.0069  -0.2104 904  LYS A CE  
469  N NZ  . LYS A 33 ? 0.5300 1.2698 0.5125 0.2170  0.0087  -0.1830 904  LYS A NZ  
483  N N   . SER A 34 ? 0.3414 0.8946 0.4235 0.1540  -0.0307 -0.0515 905  SER A N   
484  C CA  . SER A 34 ? 0.3226 0.8995 0.4509 0.1585  -0.0406 -0.0115 905  SER A CA  
485  C C   . SER A 34 ? 0.3292 0.8579 0.4733 0.1463  -0.0530 -0.0302 905  SER A C   
486  O O   . SER A 34 ? 0.3170 0.8708 0.4797 0.1450  -0.0589 -0.0211 905  SER A O   
487  C CB  . SER A 34 ? 0.3253 0.9042 0.5120 0.1686  -0.0417 0.0370  905  SER A CB  
488  O OG  . SER A 34 ? 0.3236 0.9469 0.5839 0.1778  -0.0458 0.0878  905  SER A OG  
494  N N   . SER A 35 ? 0.3448 0.8148 0.4801 0.1423  -0.0560 -0.0543 906  SER A N   
495  C CA  . SER A 35 ? 0.3516 0.7914 0.4933 0.1412  -0.0665 -0.0741 906  SER A CA  
496  C C   . SER A 35 ? 0.3591 0.8016 0.4668 0.1336  -0.0571 -0.0958 906  SER A C   
497  O O   . SER A 35 ? 0.3539 0.7961 0.4730 0.1328  -0.0645 -0.0992 906  SER A O   
498  C CB  . SER A 35 ? 0.3789 0.7801 0.5132 0.1502  -0.0700 -0.0916 906  SER A CB  
499  O OG  . SER A 35 ? 0.3880 0.7846 0.5732 0.1585  -0.0863 -0.0801 906  SER A OG  
505  N N   . GLU A 36 ? 0.3640 0.8098 0.4451 0.1288  -0.0417 -0.1125 907  GLU A N   
506  C CA  . GLU A 36 ? 0.3655 0.8147 0.4432 0.1219  -0.0341 -0.1363 907  GLU A CA  
507  C C   . GLU A 36 ? 0.3428 0.8397 0.4244 0.1192  -0.0434 -0.1365 907  GLU A C   
508  O O   . GLU A 36 ? 0.3396 0.8345 0.4297 0.1140  -0.0446 -0.1479 907  GLU A O   
509  C CB  . GLU A 36 ? 0.4001 0.8453 0.4818 0.1189  -0.0191 -0.1610 907  GLU A CB  
510  C CG  . GLU A 36 ? 0.4920 0.8960 0.5807 0.1228  -0.0036 -0.1545 907  GLU A CG  
511  C CD  . GLU A 36 ? 0.6022 1.0011 0.7197 0.1189  0.0136  -0.1731 907  GLU A CD  
512  O OE1 . GLU A 36 ? 0.6221 1.0491 0.7412 0.1161  0.0091  -0.1971 907  GLU A OE1 
513  O OE2 . GLU A 36 ? 0.6384 1.0141 0.7844 0.1232  0.0327  -0.1619 907  GLU A OE2 
520  N N   . ASP A 37 ? 0.3200 0.8684 0.3988 0.1270  -0.0479 -0.1177 908  ASP A N   
521  C CA  . ASP A 37 ? 0.2957 0.9103 0.3780 0.1326  -0.0548 -0.1075 908  ASP A CA  
522  C C   . ASP A 37 ? 0.2872 0.8883 0.4008 0.1277  -0.0627 -0.0786 908  ASP A C   
523  O O   . ASP A 37 ? 0.2817 0.9022 0.3989 0.1236  -0.0671 -0.0843 908  ASP A O   
524  C CB  . ASP A 37 ? 0.2918 0.9833 0.3693 0.1527  -0.0522 -0.0780 908  ASP A CB  
525  C CG  . ASP A 37 ? 0.3480 1.0766 0.3939 0.1644  -0.0478 -0.1158 908  ASP A CG  
526  O OD1 . ASP A 37 ? 0.3649 1.0604 0.4088 0.1537  -0.0484 -0.1695 908  ASP A OD1 
527  O OD2 . ASP A 37 ? 0.3629 1.1581 0.3985 0.1873  -0.0428 -0.0900 908  ASP A OD2 
532  N N   . LEU A 38 ? 0.2817 0.8504 0.4284 0.1291  -0.0672 -0.0541 909  LEU A N   
533  C CA  . LEU A 38 ? 0.2707 0.8260 0.4668 0.1269  -0.0788 -0.0388 909  LEU A CA  
534  C C   . LEU A 38 ? 0.2844 0.7974 0.4576 0.1202  -0.0804 -0.0726 909  LEU A C   
535  O O   . LEU A 38 ? 0.2730 0.7950 0.4671 0.1165  -0.0861 -0.0677 909  LEU A O   
536  C CB  . LEU A 38 ? 0.2649 0.7962 0.5199 0.1338  -0.0892 -0.0228 909  LEU A CB  
537  C CG  . LEU A 38 ? 0.2731 0.7844 0.5984 0.1356  -0.1081 -0.0279 909  LEU A CG  
538  C CD1 . LEU A 38 ? 0.2482 0.8025 0.6325 0.1319  -0.1094 0.0059  909  LEU A CD1 
539  C CD2 . LEU A 38 ? 0.2630 0.7586 0.6649 0.1454  -0.1233 -0.0240 909  LEU A CD2 
551  N N   . LEU A 39 ? 0.3039 0.7788 0.4412 0.1216  -0.0722 -0.0988 910  LEU A N   
552  C CA  . LEU A 39 ? 0.3205 0.7686 0.4432 0.1232  -0.0665 -0.1172 910  LEU A CA  
553  C C   . LEU A 39 ? 0.3177 0.7837 0.4390 0.1124  -0.0611 -0.1242 910  LEU A C   
554  O O   . LEU A 39 ? 0.3192 0.7789 0.4498 0.1119  -0.0625 -0.1239 910  LEU A O   
555  C CB  . LEU A 39 ? 0.3393 0.7604 0.4394 0.1315  -0.0515 -0.1282 910  LEU A CB  
556  C CG  . LEU A 39 ? 0.3616 0.7692 0.4588 0.1413  -0.0363 -0.1308 910  LEU A CG  
557  C CD1 . LEU A 39 ? 0.3688 0.7781 0.4633 0.1613  -0.0470 -0.1307 910  LEU A CD1 
558  C CD2 . LEU A 39 ? 0.3723 0.7680 0.4676 0.1503  -0.0147 -0.1273 910  LEU A CD2 
570  N N   . SER A 40 ? 0.3094 0.8034 0.4238 0.1069  -0.0573 -0.1355 911  SER A N   
571  C CA  . SER A 40 ? 0.3021 0.8250 0.4253 0.1003  -0.0586 -0.1556 911  SER A CA  
572  C C   . SER A 40 ? 0.2886 0.8475 0.4205 0.0984  -0.0699 -0.1354 911  SER A C   
573  O O   . SER A 40 ? 0.2865 0.8428 0.4317 0.0924  -0.0713 -0.1434 911  SER A O   
574  C CB  . SER A 40 ? 0.3108 0.8771 0.4278 0.1040  -0.0600 -0.1822 911  SER A CB  
575  O OG  . SER A 40 ? 0.3350 0.9207 0.4790 0.1009  -0.0638 -0.2232 911  SER A OG  
581  N N   . ALA A 41 ? 0.2712 0.8635 0.4101 0.1045  -0.0757 -0.1023 912  ALA A N   
582  C CA  . ALA A 41 ? 0.2514 0.8845 0.4193 0.1047  -0.0824 -0.0703 912  ALA A CA  
583  C C   . ALA A 41 ? 0.2674 0.8532 0.4615 0.0977  -0.0864 -0.0675 912  ALA A C   
584  O O   . ALA A 41 ? 0.2626 0.8650 0.4706 0.0921  -0.0892 -0.0619 912  ALA A O   
585  C CB  . ALA A 41 ? 0.2237 0.9024 0.4239 0.1162  -0.0823 -0.0237 912  ALA A CB  
591  N N   . LEU A 42 ? 0.2836 0.8191 0.4835 0.1022  -0.0881 -0.0753 913  LEU A N   
592  C CA  . LEU A 42 ? 0.2934 0.7984 0.5148 0.1054  -0.0947 -0.0824 913  LEU A CA  
593  C C   . LEU A 42 ? 0.3217 0.8056 0.5130 0.1040  -0.0844 -0.1000 913  LEU A C   
594  O O   . LEU A 42 ? 0.3181 0.8004 0.5265 0.1030  -0.0873 -0.0970 913  LEU A O   
595  C CB  . LEU A 42 ? 0.2980 0.7742 0.5314 0.1207  -0.1034 -0.0966 913  LEU A CB  
596  C CG  . LEU A 42 ? 0.2859 0.7770 0.5860 0.1237  -0.1173 -0.0789 913  LEU A CG  
597  C CD1 . LEU A 42 ? 0.2994 0.7645 0.6042 0.1405  -0.1283 -0.1051 913  LEU A CD1 
598  C CD2 . LEU A 42 ? 0.2556 0.7662 0.6442 0.1215  -0.1304 -0.0622 913  LEU A CD2 
610  N N   . GLN A 43 ? 0.3415 0.8119 0.5041 0.1043  -0.0709 -0.1143 914  GLN A N   
611  C CA  . GLN A 43 ? 0.3571 0.8115 0.5213 0.1045  -0.0574 -0.1215 914  GLN A CA  
612  C C   . GLN A 43 ? 0.3489 0.8285 0.5323 0.0897  -0.0629 -0.1230 914  GLN A C   
613  O O   . GLN A 43 ? 0.3509 0.8196 0.5501 0.0893  -0.0586 -0.1183 914  GLN A O   
614  C CB  . GLN A 43 ? 0.3858 0.8266 0.5508 0.1069  -0.0412 -0.1326 914  GLN A CB  
615  C CG  . GLN A 43 ? 0.4495 0.8707 0.5969 0.1269  -0.0304 -0.1249 914  GLN A CG  
616  C CD  . GLN A 43 ? 0.5121 0.9237 0.6790 0.1282  -0.0106 -0.1273 914  GLN A CD  
617  O OE1 . GLN A 43 ? 0.5288 0.9335 0.7232 0.1424  0.0113  -0.1099 914  GLN A OE1 
618  N NE2 . GLN A 43 ? 0.5196 0.9373 0.6845 0.1168  -0.0153 -0.1442 914  GLN A NE2 
627  N N   . LYS A 44 ? 0.3353 0.8580 0.5162 0.0825  -0.0723 -0.1281 915  LYS A N   
628  C CA  . LYS A 44 ? 0.3205 0.8901 0.5144 0.0754  -0.0814 -0.1326 915  LYS A CA  
629  C C   . LYS A 44 ? 0.3151 0.8931 0.5255 0.0721  -0.0867 -0.1017 915  LYS A C   
630  O O   . LYS A 44 ? 0.3086 0.8900 0.5351 0.0655  -0.0882 -0.1029 915  LYS A O   
631  C CB  . LYS A 44 ? 0.3245 0.9638 0.5028 0.0822  -0.0899 -0.1384 915  LYS A CB  
632  C CG  . LYS A 44 ? 0.3573 1.0481 0.5428 0.0852  -0.1000 -0.1809 915  LYS A CG  
633  C CD  . LYS A 44 ? 0.4011 1.1614 0.5618 0.1027  -0.1063 -0.2000 915  LYS A CD  
634  C CE  . LYS A 44 ? 0.4585 1.1812 0.6244 0.1026  -0.1009 -0.2382 915  LYS A CE  
635  N NZ  . LYS A 44 ? 0.4811 1.2493 0.6129 0.1192  -0.0999 -0.2327 915  LYS A NZ  
649  N N   . LYS A 45 ? 0.3122 0.8919 0.5348 0.0766  -0.0900 -0.0757 916  LYS A N   
650  C CA  . LYS A 45 ? 0.3050 0.8936 0.5712 0.0741  -0.0960 -0.0478 916  LYS A CA  
651  C C   . LYS A 45 ? 0.3261 0.8668 0.5957 0.0744  -0.0938 -0.0610 916  LYS A C   
652  O O   . LYS A 45 ? 0.3125 0.8633 0.6088 0.0679  -0.0962 -0.0483 916  LYS A O   
653  C CB  . LYS A 45 ? 0.3144 0.9064 0.6233 0.0815  -0.1018 -0.0266 916  LYS A CB  
654  C CG  . LYS A 45 ? 0.3289 0.9675 0.7175 0.0801  -0.1060 0.0185  916  LYS A CG  
655  C CD  . LYS A 45 ? 0.3625 1.0437 0.8004 0.0897  -0.1046 0.0574  916  LYS A CD  
656  C CE  . LYS A 45 ? 0.4166 1.0518 0.8915 0.0963  -0.1137 0.0412  916  LYS A CE  
657  N NZ  . LYS A 45 ? 0.4393 1.0995 0.9084 0.1052  -0.1076 0.0616  916  LYS A NZ  
671  N N   . LYS A 46 ? 0.3517 0.8505 0.5946 0.0863  -0.0873 -0.0815 917  LYS A N   
672  C CA  . LYS A 46 ? 0.3713 0.8417 0.6097 0.0991  -0.0806 -0.0888 917  LYS A CA  
673  C C   . LYS A 46 ? 0.3742 0.8413 0.6150 0.0900  -0.0691 -0.0847 917  LYS A C   
674  O O   . LYS A 46 ? 0.3684 0.8299 0.6240 0.0928  -0.0671 -0.0766 917  LYS A O   
675  C CB  . LYS A 46 ? 0.4164 0.8663 0.6240 0.1225  -0.0718 -0.1019 917  LYS A CB  
676  C CG  . LYS A 46 ? 0.4784 0.9223 0.6755 0.1508  -0.0616 -0.1027 917  LYS A CG  
677  C CD  . LYS A 46 ? 0.5428 0.9827 0.7149 0.1730  -0.0383 -0.0948 917  LYS A CD  
678  C CE  . LYS A 46 ? 0.5832 1.0366 0.7504 0.2070  -0.0195 -0.0779 917  LYS A CE  
679  N NZ  . LYS A 46 ? 0.6067 1.0662 0.7754 0.2278  0.0112  -0.0510 917  LYS A NZ  
693  N N   . GLN A 47 ? 0.3768 0.8491 0.6152 0.0810  -0.0635 -0.0946 918  GLN A N   
694  C CA  . GLN A 47 ? 0.3768 0.8485 0.6444 0.0725  -0.0576 -0.0992 918  GLN A CA  
695  C C   . GLN A 47 ? 0.3652 0.8687 0.6471 0.0583  -0.0713 -0.0924 918  GLN A C   
696  O O   . GLN A 47 ? 0.3613 0.8547 0.6679 0.0551  -0.0673 -0.0842 918  GLN A O   
697  C CB  . GLN A 47 ? 0.3940 0.8751 0.6782 0.0676  -0.0571 -0.1264 918  GLN A CB  
698  C CG  . GLN A 47 ? 0.4284 0.9091 0.7752 0.0607  -0.0555 -0.1430 918  GLN A CG  
699  C CD  . GLN A 47 ? 0.4886 0.9300 0.8827 0.0724  -0.0301 -0.1190 918  GLN A CD  
700  O OE1 . GLN A 47 ? 0.5266 0.9490 0.8986 0.0910  -0.0114 -0.0943 918  GLN A OE1 
701  N NE2 . GLN A 47 ? 0.4660 0.9042 0.9342 0.0667  -0.0281 -0.1228 918  GLN A NE2 
710  N N   . GLN A 48 ? 0.3528 0.9013 0.6249 0.0534  -0.0846 -0.0876 919  GLN A N   
711  C CA  . GLN A 48 ? 0.3359 0.9325 0.6266 0.0451  -0.0943 -0.0700 919  GLN A CA  
712  C C   . GLN A 48 ? 0.3386 0.9140 0.6550 0.0428  -0.0922 -0.0435 919  GLN A C   
713  O O   . GLN A 48 ? 0.3284 0.9160 0.6664 0.0345  -0.0938 -0.0334 919  GLN A O   
714  C CB  . GLN A 48 ? 0.3334 0.9997 0.6171 0.0502  -0.1023 -0.0547 919  GLN A CB  
715  C CG  . GLN A 48 ? 0.3724 1.0861 0.6324 0.0574  -0.1093 -0.0892 919  GLN A CG  
716  C CD  . GLN A 48 ? 0.4177 1.2046 0.6601 0.0728  -0.1118 -0.0710 919  GLN A CD  
717  O OE1 . GLN A 48 ? 0.4370 1.2204 0.6919 0.0761  -0.1055 -0.0324 919  GLN A OE1 
718  N NE2 . GLN A 48 ? 0.4068 1.2686 0.6296 0.0871  -0.1221 -0.1013 919  GLN A NE2 
727  N N   . GLU A 49 ? 0.3482 0.8955 0.6691 0.0521  -0.0913 -0.0390 920  GLU A N   
728  C CA  . GLU A 49 ? 0.3503 0.8832 0.7081 0.0549  -0.0939 -0.0282 920  GLU A CA  
729  C C   . GLU A 49 ? 0.3718 0.8698 0.7175 0.0619  -0.0835 -0.0364 920  GLU A C   
730  O O   . GLU A 49 ? 0.3617 0.8617 0.7373 0.0573  -0.0844 -0.0241 920  GLU A O   
731  C CB  . GLU A 49 ? 0.3781 0.8988 0.7586 0.0695  -0.1025 -0.0377 920  GLU A CB  
732  C CG  . GLU A 49 ? 0.4081 0.9618 0.8704 0.0635  -0.1136 -0.0126 920  GLU A CG  
733  C CD  . GLU A 49 ? 0.4901 1.0540 0.9775 0.0703  -0.1204 -0.0104 920  GLU A CD  
734  O OE1 . GLU A 49 ? 0.5259 1.0599 1.0081 0.0864  -0.1285 -0.0439 920  GLU A OE1 
735  O OE2 . GLU A 49 ? 0.4946 1.1055 1.0093 0.0640  -0.1171 0.0272  920  GLU A OE2 
742  N N   . GLU A 50 ? 0.3943 0.8661 0.7066 0.0756  -0.0707 -0.0494 921  GLU A N   
743  C CA  . GLU A 50 ? 0.4107 0.8613 0.7244 0.0887  -0.0541 -0.0420 921  GLU A CA  
744  C C   . GLU A 50 ? 0.3987 0.8542 0.7425 0.0675  -0.0527 -0.0323 921  GLU A C   
745  O O   . GLU A 50 ? 0.3940 0.8416 0.7583 0.0690  -0.0465 -0.0173 921  GLU A O   
746  C CB  . GLU A 50 ? 0.4620 0.8974 0.7549 0.1120  -0.0351 -0.0429 921  GLU A CB  
747  C CG  . GLU A 50 ? 0.5422 0.9676 0.8590 0.1281  -0.0108 -0.0184 921  GLU A CG  
748  C CD  . GLU A 50 ? 0.6556 1.0894 0.9522 0.1726  0.0118  -0.0012 921  GLU A CD  
749  O OE1 . GLU A 50 ? 0.6833 1.1241 0.9507 0.1879  0.0127  -0.0111 921  GLU A OE1 
750  O OE2 . GLU A 50 ? 0.6829 1.1248 0.9932 0.1964  0.0301  0.0259  921  GLU A OE2 
757  N N   . GLU A 51 ? 0.3893 0.8642 0.7382 0.0515  -0.0607 -0.0460 922  GLU A N   
758  C CA  . GLU A 51 ? 0.3770 0.8714 0.7600 0.0355  -0.0677 -0.0521 922  GLU A CA  
759  C C   . GLU A 51 ? 0.3663 0.8848 0.7619 0.0241  -0.0764 -0.0319 922  GLU A C   
760  O O   . GLU A 51 ? 0.3624 0.8703 0.7886 0.0190  -0.0726 -0.0227 922  GLU A O   
761  C CB  . GLU A 51 ? 0.3969 0.9337 0.7752 0.0291  -0.0832 -0.0825 922  GLU A CB  
762  C CG  . GLU A 51 ? 0.4468 0.9880 0.8749 0.0259  -0.0881 -0.1163 922  GLU A CG  
763  C CD  . GLU A 51 ? 0.5310 1.1039 0.9489 0.0302  -0.0995 -0.1554 922  GLU A CD  
764  O OE1 . GLU A 51 ? 0.5370 1.1686 0.9140 0.0327  -0.1136 -0.1596 922  GLU A OE1 
765  O OE2 . GLU A 51 ? 0.5632 1.1073 1.0211 0.0344  -0.0913 -0.1761 922  GLU A OE2 
772  N N   . ALA A 52 ? 0.3544 0.9045 0.7409 0.0216  -0.0853 -0.0183 923  ALA A N   
773  C CA  . ALA A 52 ? 0.3361 0.9189 0.7536 0.0117  -0.0910 0.0101  923  ALA A CA  
774  C C   . ALA A 52 ? 0.3419 0.8863 0.7840 0.0139  -0.0831 0.0237  923  ALA A C   
775  O O   . ALA A 52 ? 0.3304 0.8884 0.8024 0.0030  -0.0839 0.0422  923  ALA A O   
776  C CB  . ALA A 52 ? 0.3184 0.9469 0.7494 0.0133  -0.0973 0.0315  923  ALA A CB  
782  N N   . GLU A 53 ? 0.3568 0.8636 0.7862 0.0319  -0.0770 0.0124  924  GLU A N   
783  C CA  . GLU A 53 ? 0.3637 0.8488 0.8126 0.0441  -0.0720 0.0159  924  GLU A CA  
784  C C   . GLU A 53 ? 0.3737 0.8344 0.8160 0.0501  -0.0556 0.0248  924  GLU A C   
785  O O   . GLU A 53 ? 0.3657 0.8215 0.8328 0.0513  -0.0517 0.0379  924  GLU A O   
786  C CB  . GLU A 53 ? 0.4054 0.8793 0.8434 0.0718  -0.0755 -0.0086 924  GLU A CB  
787  C CG  . GLU A 53 ? 0.4613 0.9564 0.9465 0.0664  -0.0935 -0.0141 924  GLU A CG  
788  C CD  . GLU A 53 ? 0.5623 1.0518 1.0328 0.0897  -0.1023 -0.0459 924  GLU A CD  
789  O OE1 . GLU A 53 ? 0.5548 1.0604 1.0641 0.0815  -0.1140 -0.0432 924  GLU A OE1 
790  O OE2 . GLU A 53 ? 0.6139 1.0910 1.0389 0.1197  -0.0963 -0.0688 924  GLU A OE2 
797  N N   . ARG A 54 ? 0.3810 0.8287 0.8072 0.0538  -0.0452 0.0211  925  ARG A N   
798  C CA  . ARG A 54 ? 0.3822 0.8103 0.8340 0.0593  -0.0276 0.0381  925  ARG A CA  
799  C C   . ARG A 54 ? 0.3634 0.8049 0.8552 0.0307  -0.0386 0.0438  925  ARG A C   
800  O O   . ARG A 54 ? 0.3519 0.7803 0.8753 0.0307  -0.0292 0.0643  925  ARG A O   
801  C CB  . ARG A 54 ? 0.4006 0.8162 0.8606 0.0698  -0.0143 0.0343  925  ARG A CB  
802  C CG  . ARG A 54 ? 0.4551 0.8667 0.8790 0.1051  0.0024  0.0387  925  ARG A CG  
803  C CD  . ARG A 54 ? 0.4907 0.8999 0.9313 0.1412  0.0326  0.0756  925  ARG A CD  
804  N NE  . ARG A 54 ? 0.5366 0.9660 0.9295 0.1847  0.0453  0.0782  925  ARG A NE  
805  C CZ  . ARG A 54 ? 0.5626 1.0181 0.9408 0.2328  0.0675  0.1049  925  ARG A CZ  
806  N NH1 . ARG A 54 ? 0.5469 1.0031 0.9573 0.2413  0.0824  0.1364  925  ARG A NH1 
807  N NH2 . ARG A 54 ? 0.5676 1.0583 0.8974 0.2776  0.0745  0.0997  925  ARG A NH2 
821  N N   . LEU A 55 ? 0.3553 0.8327 0.8447 0.0113  -0.0585 0.0267  926  LEU A N   
822  C CA  . LEU A 55 ? 0.3416 0.8549 0.8617 -0.0083 -0.0731 0.0268  926  LEU A CA  
823  C C   . LEU A 55 ? 0.3435 0.8736 0.8770 -0.0177 -0.0748 0.0571  926  LEU A C   
824  O O   . LEU A 55 ? 0.3312 0.8709 0.8978 -0.0289 -0.0773 0.0690  926  LEU A O   
825  C CB  . LEU A 55 ? 0.3269 0.8975 0.8324 -0.0132 -0.0931 -0.0005 926  LEU A CB  
826  C CG  . LEU A 55 ? 0.3402 0.9024 0.8593 -0.0075 -0.0970 -0.0411 926  LEU A CG  
827  C CD1 . LEU A 55 ? 0.3393 0.9619 0.8261 -0.0036 -0.1147 -0.0703 926  LEU A CD1 
828  C CD2 . LEU A 55 ? 0.3233 0.8819 0.9130 -0.0131 -0.1039 -0.0602 926  LEU A CD2 
840  N N   . ARG A 56 ? 0.3521 0.8854 0.8762 -0.0126 -0.0739 0.0681  927  ARG A N   
841  C CA  . ARG A 56 ? 0.3469 0.8931 0.9102 -0.0197 -0.0741 0.0957  927  ARG A CA  
842  C C   . ARG A 56 ? 0.3583 0.8607 0.9357 -0.0131 -0.0610 0.1028  927  ARG A C   
843  O O   . ARG A 56 ? 0.3437 0.8552 0.9575 -0.0262 -0.0604 0.1252  927  ARG A O   
844  C CB  . ARG A 56 ? 0.3685 0.9194 0.9463 -0.0107 -0.0779 0.0942  927  ARG A CB  
845  C CG  . ARG A 56 ? 0.3945 0.9547 1.0443 -0.0151 -0.0793 0.1152  927  ARG A CG  
846  C CD  . ARG A 56 ? 0.4383 0.9915 1.1222 0.0000  -0.0869 0.0956  927  ARG A CD  
847  N NE  . ARG A 56 ? 0.4490 1.0142 1.2339 -0.0036 -0.0915 0.1083  927  ARG A NE  
848  C CZ  . ARG A 56 ? 0.4574 1.0238 1.3165 0.0084  -0.1035 0.0870  927  ARG A CZ  
849  N NH1 . ARG A 56 ? 0.4650 1.0215 1.2950 0.0253  -0.1123 0.0538  927  ARG A NH1 
850  N NH2 . ARG A 56 ? 0.4150 0.9939 1.3917 0.0042  -0.1086 0.0957  927  ARG A NH2 
864  N N   . ARG A 57 ? 0.3819 0.8459 0.9304 0.0115  -0.0483 0.0888  928  ARG A N   
865  C CA  . ARG A 57 ? 0.3974 0.8336 0.9534 0.0299  -0.0310 0.1015  928  ARG A CA  
866  C C   . ARG A 57 ? 0.3919 0.8170 0.9782 0.0167  -0.0231 0.1222  928  ARG A C   
867  O O   . ARG A 57 ? 0.3861 0.8003 0.9986 0.0185  -0.0134 0.1441  928  ARG A O   
868  C CB  . ARG A 57 ? 0.4393 0.8610 0.9560 0.0695  -0.0160 0.0907  928  ARG A CB  
869  C CG  . ARG A 57 ? 0.4928 0.9284 0.9932 0.0916  -0.0268 0.0621  928  ARG A CG  
870  C CD  . ARG A 57 ? 0.5555 0.9975 1.0192 0.1434  -0.0114 0.0541  928  ARG A CD  
871  N NE  . ARG A 57 ? 0.6190 1.0586 1.0471 0.1607  0.0039  0.0615  928  ARG A NE  
872  C CZ  . ARG A 57 ? 0.6674 1.1131 1.0663 0.1653  -0.0056 0.0373  928  ARG A CZ  
873  N NH1 . ARG A 57 ? 0.6656 1.1198 1.0711 0.1542  -0.0314 0.0043  928  ARG A NH1 
874  N NH2 . ARG A 57 ? 0.6756 1.1201 1.0540 0.1813  0.0120  0.0502  928  ARG A NH2 
888  N N   . ILE A 58 ? 0.3879 0.8190 0.9818 0.0044  -0.0299 0.1103  929  ILE A N   
889  C CA  . ILE A 58 ? 0.3810 0.8073 1.0277 -0.0084 -0.0304 0.1169  929  ILE A CA  
890  C C   . ILE A 58 ? 0.3785 0.8353 1.0479 -0.0328 -0.0455 0.1278  929  ILE A C   
891  O O   . ILE A 58 ? 0.3672 0.8094 1.0797 -0.0382 -0.0394 0.1478  929  ILE A O   
892  C CB  . ILE A 58 ? 0.3731 0.8092 1.0392 -0.0125 -0.0418 0.0840  929  ILE A CB  
893  C CG1 . ILE A 58 ? 0.3899 0.7917 1.0664 0.0132  -0.0180 0.0907  929  ILE A CG1 
894  C CG2 . ILE A 58 ? 0.3491 0.7991 1.0868 -0.0287 -0.0571 0.0712  929  ILE A CG2 
895  C CD1 . ILE A 58 ? 0.3948 0.8050 1.0822 0.0131  -0.0273 0.0539  929  ILE A CD1 
907  N N   . GLN A 59 ? 0.3807 0.8840 1.0290 -0.0443 -0.0615 0.1237  930  GLN A N   
908  C CA  . GLN A 59 ? 0.3742 0.9227 1.0503 -0.0624 -0.0715 0.1462  930  GLN A CA  
909  C C   . GLN A 59 ? 0.3870 0.9101 1.0890 -0.0635 -0.0575 0.1782  930  GLN A C   
910  O O   . GLN A 59 ? 0.3705 0.9059 1.1097 -0.0773 -0.0579 0.2016  930  GLN A O   
911  C CB  . GLN A 59 ? 0.3779 0.9985 1.0392 -0.0660 -0.0858 0.1483  930  GLN A CB  
912  C CG  . GLN A 59 ? 0.4170 1.0847 1.0544 -0.0613 -0.1038 0.1122  930  GLN A CG  
913  C CD  . GLN A 59 ? 0.4481 1.2187 1.0808 -0.0591 -0.1168 0.1286  930  GLN A CD  
914  O OE1 . GLN A 59 ? 0.4694 1.2755 1.0770 -0.0489 -0.1174 0.1311  930  GLN A OE1 
915  N NE2 . GLN A 59 ? 0.4249 1.2553 1.0848 -0.0642 -0.1255 0.1462  930  GLN A NE2 
924  N N   . GLU A 60 ? 0.4147 0.9075 1.1014 -0.0461 -0.0473 0.1733  931  GLU A N   
925  C CA  . GLU A 60 ? 0.4275 0.9022 1.1445 -0.0395 -0.0378 0.1876  931  GLU A CA  
926  C C   . GLU A 60 ? 0.4513 0.8885 1.1736 -0.0290 -0.0204 0.2017  931  GLU A C   
927  O O   . GLU A 60 ? 0.4388 0.8727 1.1991 -0.0359 -0.0151 0.2236  931  GLU A O   
928  C CB  . GLU A 60 ? 0.4706 0.9347 1.1723 -0.0139 -0.0379 0.1610  931  GLU A CB  
929  C CG  . GLU A 60 ? 0.5218 1.0210 1.2514 -0.0234 -0.0531 0.1557  931  GLU A CG  
930  C CD  . GLU A 60 ? 0.6212 1.1114 1.3358 0.0021  -0.0592 0.1184  931  GLU A CD  
931  O OE1 . GLU A 60 ? 0.6629 1.1277 1.3275 0.0320  -0.0511 0.0949  931  GLU A OE1 
932  O OE2 . GLU A 60 ? 0.6297 1.1459 1.3901 -0.0041 -0.0713 0.1167  931  GLU A OE2 
939  N N   . GLU A 61 ? 0.4753 0.8873 1.1724 -0.0106 -0.0089 0.1958  932  GLU A N   
940  C CA  . GLU A 61 ? 0.4911 0.8743 1.2123 0.0038  0.0126  0.2224  932  GLU A CA  
941  C C   . GLU A 61 ? 0.4859 0.8709 1.2616 -0.0264 0.0048  0.2392  932  GLU A C   
942  O O   . GLU A 61 ? 0.4796 0.8459 1.2919 -0.0236 0.0189  0.2688  932  GLU A O   
943  C CB  . GLU A 61 ? 0.5257 0.8921 1.2331 0.0349  0.0314  0.2245  932  GLU A CB  
944  C CG  . GLU A 61 ? 0.5958 0.9686 1.2546 0.0810  0.0482  0.2218  932  GLU A CG  
945  C CD  . GLU A 61 ? 0.6852 1.0694 1.2960 0.0953  0.0418  0.1916  932  GLU A CD  
946  O OE1 . GLU A 61 ? 0.6959 1.0726 1.3170 0.0908  0.0451  0.1925  932  GLU A OE1 
947  O OE2 . GLU A 61 ? 0.7182 1.1198 1.2926 0.1121  0.0320  0.1639  932  GLU A OE2 
954  N N   . MET A 62 ? 0.4832 0.9002 1.2644 -0.0507 -0.0193 0.2180  933  MET A N   
955  C CA  . MET A 62 ? 0.4765 0.9163 1.3061 -0.0743 -0.0349 0.2213  933  MET A CA  
956  C C   . MET A 62 ? 0.4789 0.9468 1.3220 -0.0921 -0.0388 0.2481  933  MET A C   
957  O O   . MET A 62 ? 0.4657 0.9387 1.3539 -0.1056 -0.0423 0.2647  933  MET A O   
958  C CB  . MET A 62 ? 0.4720 0.9619 1.2949 -0.0836 -0.0627 0.1821  933  MET A CB  
959  C CG  . MET A 62 ? 0.5011 0.9692 1.3606 -0.0748 -0.0658 0.1520  933  MET A CG  
960  S SD  . MET A 62 ? 0.5607 1.0943 1.3974 -0.0763 -0.0989 0.0929  933  MET A SD  
961  C CE  . MET A 62 ? 0.5199 1.1270 1.4020 -0.0898 -0.1317 0.0739  933  MET A CE  
971  N N   . GLU A 63 ? 0.4856 0.9767 1.3070 -0.0927 -0.0396 0.2535  934  GLU A N   
972  C CA  . GLU A 63 ? 0.4768 0.9997 1.3374 -0.1090 -0.0402 0.2861  934  GLU A CA  
973  C C   . GLU A 63 ? 0.4924 0.9695 1.3806 -0.1023 -0.0209 0.3061  934  GLU A C   
974  O O   . GLU A 63 ? 0.4743 0.9660 1.4101 -0.1186 -0.0189 0.3365  934  GLU A O   
975  C CB  . GLU A 63 ? 0.4915 1.0673 1.3559 -0.1118 -0.0479 0.2916  934  GLU A CB  
976  C CG  . GLU A 63 ? 0.5420 1.1916 1.3857 -0.1154 -0.0658 0.2856  934  GLU A CG  
977  C CD  . GLU A 63 ? 0.6111 1.3126 1.4700 -0.1254 -0.0790 0.2927  934  GLU A CD  
978  O OE1 . GLU A 63 ? 0.6077 1.3312 1.5133 -0.1377 -0.0743 0.3316  934  GLU A OE1 
979  O OE2 . GLU A 63 ? 0.6409 1.3633 1.4731 -0.1191 -0.0961 0.2541  934  GLU A OE2 
986  N N   . LYS A 64 ? 0.5212 0.9528 1.3804 -0.0738 -0.0059 0.2908  935  LYS A N   
987  C CA  . LYS A 64 ? 0.5350 0.9375 1.4128 -0.0562 0.0126  0.3051  935  LYS A CA  
988  C C   . LYS A 64 ? 0.5435 0.9264 1.4561 -0.0666 0.0231  0.3391  935  LYS A C   
989  O O   . LYS A 64 ? 0.5336 0.9110 1.4837 -0.0716 0.0315  0.3624  935  LYS A O   
990  C CB  . LYS A 64 ? 0.5754 0.9556 1.4059 -0.0110 0.0283  0.2858  935  LYS A CB  
991  C CG  . LYS A 64 ? 0.6210 1.0177 1.4363 0.0110  0.0199  0.2479  935  LYS A CG  
992  C CD  . LYS A 64 ? 0.6867 1.0808 1.4551 0.0672  0.0367  0.2314  935  LYS A CD  
993  C CE  . LYS A 64 ? 0.7405 1.1507 1.4630 0.0916  0.0263  0.1897  935  LYS A CE  
994  N NZ  . LYS A 64 ? 0.7792 1.2050 1.4497 0.1532  0.0453  0.1824  935  LYS A NZ  
1008 N N   . GLU A 65 ? 0.5545 0.9261 1.4683 -0.0688 0.0219  0.3393  936  GLU A N   
1009 C CA  . GLU A 65 ? 0.5560 0.9084 1.5246 -0.0780 0.0285  0.3679  936  GLU A CA  
1010 C C   . GLU A 65 ? 0.5433 0.9289 1.5524 -0.1138 0.0094  0.3794  936  GLU A C   
1011 O O   . GLU A 65 ? 0.5355 0.9044 1.5913 -0.1213 0.0182  0.4099  936  GLU A O   
1012 C CB  . GLU A 65 ? 0.5793 0.9146 1.5741 -0.0698 0.0286  0.3592  936  GLU A CB  
1013 C CG  . GLU A 65 ? 0.6296 0.9953 1.6031 -0.0805 0.0023  0.3145  936  GLU A CG  
1014 C CD  . GLU A 65 ? 0.6770 1.0421 1.7161 -0.0859 -0.0124 0.2928  936  GLU A CD  
1015 O OE1 . GLU A 65 ? 0.6725 1.0046 1.7898 -0.0801 0.0012  0.3184  936  GLU A OE1 
1016 O OE2 . GLU A 65 ? 0.6926 1.0944 1.7159 -0.0935 -0.0384 0.2481  936  GLU A OE2 
1023 N N   . ARG A 66 ? 0.5353 0.9766 1.5284 -0.1312 -0.0140 0.3613  937  ARG A N   
1024 C CA  . ARG A 66 ? 0.5162 1.0132 1.5446 -0.1563 -0.0305 0.3788  937  ARG A CA  
1025 C C   . ARG A 66 ? 0.5076 1.0159 1.5631 -0.1658 -0.0180 0.4164  937  ARG A C   
1026 O O   . ARG A 66 ? 0.5134 0.9787 1.5978 -0.1643 0.0000  0.4394  937  ARG A O   
1027 C CB  . ARG A 66 ? 0.5191 1.0937 1.5225 -0.1602 -0.0572 0.3523  937  ARG A CB  
1028 C CG  . ARG A 66 ? 0.5670 1.1343 1.5588 -0.1497 -0.0735 0.3029  937  ARG A CG  
1029 C CD  . ARG A 66 ? 0.5773 1.2350 1.5730 -0.1520 -0.1076 0.2709  937  ARG A CD  
1030 N NE  . ARG A 66 ? 0.6060 1.3419 1.5519 -0.1451 -0.1160 0.2686  937  ARG A NE  
1031 C CZ  . ARG A 66 ? 0.6059 1.4448 1.5374 -0.1353 -0.1436 0.2417  937  ARG A CZ  
1032 N NH1 . ARG A 66 ? 0.5754 1.4521 1.5413 -0.1321 -0.1718 0.2014  937  ARG A NH1 
1033 N NH2 . ARG A 66 ? 0.5957 1.5090 1.4861 -0.1236 -0.1445 0.2530  937  ARG A NH2 
1047 O O   . HOH B .  ? 0.5926 0.7404 0.8331 0.1780  0.1586  0.2632  1001 HOH A O   
1048 O O   . HOH B .  ? 0.2607 0.6941 0.3937 0.1102  -0.0163 -0.1756 1002 HOH A O   
1049 O O   . HOH B .  ? 0.2759 0.6309 0.4075 0.1759  -0.0764 -0.1045 1003 HOH A O   
1050 O O   . HOH B .  ? 0.3435 0.7769 0.4410 0.1267  0.0310  -0.2004 1004 HOH A O   
1051 O O   . HOH B .  ? 0.1510 0.3790 0.2283 0.1442  0.0765  -0.0153 1005 HOH A O   
# 
